data_8PET
#
_entry.id   8PET
#
_cell.length_a   1.00
_cell.length_b   1.00
_cell.length_c   1.00
_cell.angle_alpha   90.00
_cell.angle_beta   90.00
_cell.angle_gamma   90.00
#
_symmetry.space_group_name_H-M   'P 1'
#
loop_
_entity.id
_entity.type
_entity.pdbx_description
1 polymer 'Gamma-aminobutyric acid receptor subunit alpha-1'
2 polymer 'Gamma-aminobutyric acid receptor subunit beta-3'
3 polymer 'Nanobody Nb25'
4 branched alpha-D-mannopyranose-(1-3)-[alpha-D-mannopyranose-(1-6)]beta-D-mannopyranose-(1-4)-2-acetamido-2-deoxy-beta-D-glucopyranose-(1-4)-2-acetamido-2-deoxy-beta-D-glucopyranose
5 branched 2-acetamido-2-deoxy-beta-D-glucopyranose-(1-4)-2-acetamido-2-deoxy-beta-D-glucopyranose
6 non-polymer HEXADECANE
7 non-polymer '[(2R)-2-octanoyloxy-3-[oxidanyl-[(1R,2R,3S,4R,5R,6S)-2,3,6-tris(oxidanyl)-4,5-diphosphonooxy-cyclohexyl]oxy-phosphoryl]oxy-propyl] octanoate'
8 non-polymer DECANE
9 non-polymer 'ZINC ION'
10 water water
#
loop_
_entity_poly.entity_id
_entity_poly.type
_entity_poly.pdbx_seq_one_letter_code
_entity_poly.pdbx_strand_id
1 'polypeptide(L)'
;MGILPSPGMPALLSLVSLLSVLLMGCVAETGWSHPQFEKGGGSGGGSGGSAWSHPQFEKGGSTGDNTTVFTRILDRLLDG
YDNRLRPGLGERVTEVKTDIFVTSFGPVSDHDMEYTIDVFFRQSWKDERLKFKGPMTVLRLNNLMASKIWTPDTFFHNGK
KSVAHNMTMPNKLLRITEDGTLLYTMRLTVRAECPMHLEDFPMDAHACPLKFGSYAYTRAEVVYEWTREPARSVVVAEDG
SRLNQYDLLGQTVDSGIVQSSTGEYVVMTTHFHLKRKIGYFVIQTYLPCIMTVILSQVSFWLNRESVPARTVFGVTTVLT
MTTLSISARNSLPKVAYATAMDWFIAVCYAFVFSALIEFATVNYFTKRGYAWDGKSVVPEKPKKVKDPLIKKNNTYAPTA
TSYTPNLARGDPGLATIAKSATIEPKEVKPETKPPEPKKTFNSVSKIDRLSRIAFPLLFGIFNLVYWATYLNREPQLKAP
TPHQ
;
A,C
2 'polypeptide(L)'
;MGILPSPGMPALLSLVSLLSVLLMGCVAEYPYDVPDYATGQSVNDPGNMSFVKETVDKLLKGYDIRLRPDFGGPPVCVGM
NIDIASIDMVSEVNMDYTLTMYFQQYWRDKRLAYSGIPLNLTLDNRVADQLWVPDTYFLNDKKSFVHGVTVKNRMIRLHP
DGTVLYGLRITTTAACMMDLRRYPLDEQNCTLEIESYGYTTDDIEFYWRGGDKAVTGVERIELPQFSIVEHRLVSRNVVF
ATGAYPRLSLSFRLKRNIGYFILQTYMPSILITILSWVSFWINYDASAARVALGITTVLTMTTINTHLRETLPKIPYVKA
IDMYLMGCFVFVFLALLEYAFVNYIFFGRGPQRQKKLAEKTAKAKNDRSKSESNRVDAHGNILLTSLEVHNEMNEVSGGI
GDTRNSAISFDNSGIQYRKQSMPREGHGRFLGDRSLPHKKGTTHLRRRSSQLKIKIPDLTDVNAIDRWSRIVFPFTFSLF
NLVYWLYYVN
;
B,D,E
3 'polypeptide(L)'
;QVQLQESGGGLVQAGGSLRLSCAASGHTFNYPIMGWFRQAPGKEREFVGAISWSGGSTSYADSVKDRFTISRDNAKNTVY
LEMNNLKPEDTAVYYCAAKGRYSGGLYYPTNYDYWGQGTQVTVSSHHHHHHEPEA
;
F
#
# COMPACT_ATOMS: atom_id res chain seq x y z
N THR A 67 6.37 45.32 -31.87
CA THR A 67 5.49 44.20 -31.44
C THR A 67 4.71 43.64 -32.63
N THR A 68 4.25 44.54 -33.49
CA THR A 68 3.48 44.11 -34.66
C THR A 68 4.34 43.25 -35.58
N VAL A 69 5.59 43.64 -35.82
CA VAL A 69 6.47 42.84 -36.65
C VAL A 69 6.66 41.46 -36.04
N PHE A 70 6.90 41.40 -34.73
CA PHE A 70 7.03 40.12 -34.05
C PHE A 70 5.74 39.33 -34.13
N THR A 71 4.60 40.00 -33.97
CA THR A 71 3.32 39.29 -33.95
C THR A 71 3.00 38.70 -35.32
N ARG A 72 3.30 39.42 -36.40
CA ARG A 72 2.96 38.94 -37.73
C ARG A 72 3.70 37.66 -38.07
N ILE A 73 4.97 37.55 -37.67
CA ILE A 73 5.74 36.36 -38.00
C ILE A 73 5.10 35.11 -37.42
N LEU A 74 4.64 35.20 -36.17
CA LEU A 74 4.04 34.03 -35.53
C LEU A 74 2.81 33.55 -36.28
N ASP A 75 1.89 34.47 -36.59
CA ASP A 75 0.68 34.10 -37.31
C ASP A 75 1.01 33.54 -38.68
N ARG A 76 2.08 34.02 -39.30
CA ARG A 76 2.47 33.58 -40.63
C ARG A 76 3.16 32.22 -40.62
N LEU A 77 3.81 31.86 -39.52
CA LEU A 77 4.68 30.68 -39.51
C LEU A 77 3.93 29.41 -39.88
N LEU A 78 2.78 29.19 -39.25
CA LEU A 78 2.03 27.95 -39.41
C LEU A 78 1.11 27.97 -40.63
N ASP A 79 1.38 28.84 -41.59
CA ASP A 79 0.56 28.94 -42.79
C ASP A 79 0.93 27.82 -43.74
N GLY A 80 0.00 26.88 -43.95
CA GLY A 80 0.26 25.74 -44.80
C GLY A 80 1.12 24.67 -44.18
N TYR A 81 1.36 24.75 -42.87
CA TYR A 81 2.24 23.80 -42.19
C TYR A 81 1.43 22.58 -41.76
N ASP A 82 1.93 21.39 -42.10
CA ASP A 82 1.30 20.13 -41.71
C ASP A 82 2.17 19.50 -40.63
N ASN A 83 1.66 19.49 -39.40
CA ASN A 83 2.40 18.94 -38.27
C ASN A 83 2.32 17.43 -38.19
N ARG A 84 1.53 16.79 -39.05
CA ARG A 84 1.47 15.34 -39.10
C ARG A 84 2.62 14.74 -39.88
N LEU A 85 3.44 15.55 -40.53
CA LEU A 85 4.55 15.08 -41.35
C LEU A 85 5.86 15.58 -40.76
N ARG A 86 6.81 14.68 -40.59
CA ARG A 86 8.11 15.05 -40.06
C ARG A 86 8.88 15.88 -41.07
N PRO A 87 9.81 16.71 -40.61
CA PRO A 87 10.62 17.50 -41.55
C PRO A 87 11.38 16.59 -42.51
N GLY A 88 11.43 17.01 -43.78
CA GLY A 88 12.11 16.23 -44.79
C GLY A 88 11.49 14.87 -45.04
N LEU A 89 10.17 14.76 -44.93
CA LEU A 89 9.50 13.49 -45.15
C LEU A 89 9.73 13.02 -46.57
N GLY A 90 10.11 11.74 -46.71
CA GLY A 90 10.36 11.18 -48.02
C GLY A 90 11.51 11.82 -48.76
N GLU A 91 12.35 12.58 -48.06
CA GLU A 91 13.45 13.30 -48.67
C GLU A 91 14.79 13.03 -48.00
N ARG A 92 14.81 12.85 -46.68
CA ARG A 92 16.04 12.64 -45.94
C ARG A 92 15.66 12.20 -44.53
N VAL A 93 16.67 11.98 -43.71
CA VAL A 93 16.49 11.53 -42.33
C VAL A 93 16.52 12.75 -41.43
N THR A 94 15.54 12.85 -40.54
CA THR A 94 15.48 13.94 -39.57
C THR A 94 16.45 13.62 -38.43
N GLU A 95 17.48 14.45 -38.29
CA GLU A 95 18.51 14.25 -37.27
C GLU A 95 18.17 15.08 -36.04
N VAL A 96 18.14 14.43 -34.89
CA VAL A 96 17.81 15.07 -33.62
C VAL A 96 19.04 15.02 -32.73
N LYS A 97 19.56 16.18 -32.35
CA LYS A 97 20.68 16.27 -31.42
C LYS A 97 20.13 16.49 -30.02
N THR A 98 20.55 15.64 -29.09
CA THR A 98 19.98 15.62 -27.75
C THR A 98 21.07 15.69 -26.70
N ASP A 99 20.74 16.29 -25.56
CA ASP A 99 21.60 16.27 -24.40
C ASP A 99 20.73 16.33 -23.16
N ILE A 100 21.27 15.86 -22.05
CA ILE A 100 20.54 15.75 -20.80
C ILE A 100 21.35 16.44 -19.70
N PHE A 101 20.68 17.16 -18.83
CA PHE A 101 21.28 17.73 -17.63
C PHE A 101 20.53 17.17 -16.42
N VAL A 102 21.14 16.20 -15.75
CA VAL A 102 20.51 15.55 -14.60
C VAL A 102 20.60 16.51 -13.42
N THR A 103 19.46 17.06 -13.00
CA THR A 103 19.46 17.94 -11.85
C THR A 103 19.55 17.18 -10.54
N SER A 104 19.04 15.95 -10.51
CA SER A 104 19.10 15.14 -9.30
C SER A 104 18.86 13.68 -9.66
N PHE A 105 19.86 12.84 -9.43
CA PHE A 105 19.70 11.40 -9.62
C PHE A 105 18.95 10.86 -8.40
N GLY A 106 17.64 10.75 -8.52
CA GLY A 106 16.77 10.49 -7.40
C GLY A 106 17.05 9.16 -6.73
N PRO A 107 16.17 8.78 -5.80
CA PRO A 107 16.39 7.55 -5.05
C PRO A 107 16.32 6.31 -5.92
N VAL A 108 17.03 5.28 -5.48
CA VAL A 108 17.02 3.96 -6.11
C VAL A 108 16.28 3.00 -5.18
N SER A 109 15.36 2.23 -5.74
CA SER A 109 14.54 1.29 -4.97
C SER A 109 14.96 -0.12 -5.32
N ASP A 110 15.55 -0.84 -4.36
CA ASP A 110 15.91 -2.22 -4.58
C ASP A 110 14.68 -3.11 -4.68
N HIS A 111 13.66 -2.81 -3.87
CA HIS A 111 12.44 -3.63 -3.89
C HIS A 111 11.74 -3.54 -5.24
N ASP A 112 11.64 -2.34 -5.80
CA ASP A 112 10.98 -2.14 -7.08
C ASP A 112 11.92 -2.22 -8.27
N MET A 113 13.23 -2.28 -8.03
CA MET A 113 14.22 -2.31 -9.10
C MET A 113 13.99 -1.17 -10.08
N GLU A 114 13.94 0.05 -9.54
CA GLU A 114 13.70 1.24 -10.33
C GLU A 114 14.43 2.40 -9.66
N TYR A 115 14.66 3.46 -10.43
CA TYR A 115 15.28 4.67 -9.91
C TYR A 115 14.58 5.88 -10.50
N THR A 116 14.63 6.98 -9.78
CA THR A 116 14.07 8.25 -10.22
C THR A 116 15.19 9.18 -10.68
N ILE A 117 14.88 10.02 -11.65
CA ILE A 117 15.86 10.94 -12.21
C ILE A 117 15.13 12.17 -12.73
N ASP A 118 15.55 13.34 -12.26
CA ASP A 118 15.02 14.62 -12.73
C ASP A 118 16.00 15.23 -13.72
N VAL A 119 15.50 15.56 -14.91
CA VAL A 119 16.36 15.97 -16.01
C VAL A 119 15.75 17.17 -16.72
N PHE A 120 16.61 17.94 -17.37
CA PHE A 120 16.22 18.88 -18.41
C PHE A 120 16.56 18.22 -19.74
N PHE A 121 15.56 17.64 -20.39
CA PHE A 121 15.76 16.91 -21.63
C PHE A 121 15.74 17.90 -22.80
N ARG A 122 16.82 17.96 -23.55
CA ARG A 122 16.99 18.94 -24.61
CA ARG A 122 16.99 18.95 -24.61
C ARG A 122 17.11 18.24 -25.95
N GLN A 123 16.33 18.71 -26.92
CA GLN A 123 16.32 18.16 -28.28
C GLN A 123 16.43 19.29 -29.28
N SER A 124 17.23 19.07 -30.32
CA SER A 124 17.40 20.06 -31.37
C SER A 124 17.33 19.39 -32.73
N TRP A 125 16.69 20.05 -33.69
CA TRP A 125 16.59 19.55 -35.05
C TRP A 125 16.27 20.73 -35.96
N LYS A 126 16.16 20.45 -37.25
CA LYS A 126 15.93 21.47 -38.26
C LYS A 126 14.65 21.18 -39.02
N ASP A 127 13.86 22.22 -39.26
CA ASP A 127 12.63 22.15 -40.04
C ASP A 127 12.61 23.34 -40.99
N GLU A 128 12.83 23.08 -42.28
CA GLU A 128 12.92 24.16 -43.25
C GLU A 128 11.60 24.90 -43.40
N ARG A 129 10.48 24.24 -43.10
CA ARG A 129 9.18 24.87 -43.24
C ARG A 129 8.98 26.02 -42.27
N LEU A 130 9.84 26.16 -41.26
CA LEU A 130 9.69 27.19 -40.24
C LEU A 130 10.73 28.29 -40.36
N LYS A 131 11.37 28.43 -41.51
CA LYS A 131 12.26 29.58 -41.73
C LYS A 131 11.46 30.86 -41.67
N PHE A 132 12.11 31.92 -41.18
CA PHE A 132 11.45 33.22 -41.10
C PHE A 132 12.50 34.31 -41.25
N LYS A 133 12.02 35.50 -41.59
CA LYS A 133 12.86 36.68 -41.72
C LYS A 133 12.23 37.83 -40.94
N GLY A 134 13.06 38.54 -40.18
CA GLY A 134 12.58 39.65 -39.38
C GLY A 134 13.67 40.28 -38.55
N PRO A 135 13.30 41.27 -37.73
CA PRO A 135 14.30 41.92 -36.88
C PRO A 135 15.00 40.96 -35.92
N MET A 136 14.28 39.97 -35.40
CA MET A 136 14.82 39.06 -34.41
C MET A 136 15.27 37.76 -35.07
N THR A 137 16.35 37.19 -34.56
CA THR A 137 16.90 35.94 -35.08
C THR A 137 16.40 34.71 -34.34
N VAL A 138 15.67 34.87 -33.24
CA VAL A 138 15.15 33.75 -32.47
C VAL A 138 13.74 34.07 -32.02
N LEU A 139 12.84 33.09 -32.12
CA LEU A 139 11.46 33.23 -31.68
C LEU A 139 11.18 32.22 -30.59
N ARG A 140 10.55 32.67 -29.52
CA ARG A 140 10.08 31.79 -28.45
C ARG A 140 8.61 31.49 -28.70
N LEU A 141 8.31 30.26 -29.13
CA LEU A 141 6.94 29.88 -29.40
C LEU A 141 6.16 29.73 -28.10
N ASN A 142 4.85 29.96 -28.21
CA ASN A 142 3.94 29.77 -27.09
C ASN A 142 3.68 28.29 -26.89
N ASN A 143 3.11 27.94 -25.73
CA ASN A 143 2.78 26.55 -25.48
C ASN A 143 1.74 26.04 -26.46
N LEU A 144 0.76 26.88 -26.80
CA LEU A 144 -0.19 26.51 -27.84
C LEU A 144 0.48 26.37 -29.19
N MET A 145 1.39 27.29 -29.53
CA MET A 145 2.12 27.18 -30.78
C MET A 145 2.98 25.92 -30.82
N ALA A 146 3.65 25.61 -29.72
CA ALA A 146 4.51 24.43 -29.68
C ALA A 146 3.73 23.17 -30.01
N SER A 147 2.45 23.11 -29.65
CA SER A 147 1.63 21.93 -29.94
C SER A 147 1.10 21.92 -31.36
N LYS A 148 1.31 22.99 -32.12
CA LYS A 148 0.85 23.06 -33.51
C LYS A 148 1.88 22.55 -34.50
N ILE A 149 3.10 22.25 -34.07
CA ILE A 149 4.18 21.89 -34.98
C ILE A 149 4.68 20.51 -34.62
N TRP A 150 5.48 19.95 -35.52
CA TRP A 150 6.01 18.61 -35.36
C TRP A 150 7.22 18.63 -34.44
N THR A 151 7.21 17.76 -33.43
CA THR A 151 8.32 17.55 -32.53
C THR A 151 8.60 16.05 -32.46
N PRO A 152 9.83 15.66 -32.14
CA PRO A 152 10.13 14.23 -32.06
C PRO A 152 9.28 13.53 -31.01
N ASP A 153 8.88 12.31 -31.32
CA ASP A 153 8.14 11.48 -30.38
C ASP A 153 9.10 10.63 -29.56
N THR A 154 9.98 11.31 -28.85
CA THR A 154 10.95 10.63 -28.01
C THR A 154 10.27 10.04 -26.80
N PHE A 155 10.64 8.81 -26.45
CA PHE A 155 10.16 8.15 -25.26
C PHE A 155 11.34 7.41 -24.62
N PHE A 156 11.15 6.95 -23.39
CA PHE A 156 12.18 6.22 -22.68
C PHE A 156 11.84 4.73 -22.70
N HIS A 157 12.76 3.93 -23.21
CA HIS A 157 12.48 2.51 -23.46
C HIS A 157 12.22 1.77 -22.16
N ASN A 158 12.98 2.05 -21.11
CA ASN A 158 12.82 1.40 -19.83
C ASN A 158 12.09 2.25 -18.81
N GLY A 159 11.36 3.27 -19.27
CA GLY A 159 10.59 4.08 -18.35
C GLY A 159 9.41 3.34 -17.79
N LYS A 160 9.07 3.65 -16.54
CA LYS A 160 7.94 3.02 -15.86
C LYS A 160 6.76 3.98 -15.72
N LYS A 161 6.97 5.15 -15.14
CA LYS A 161 5.91 6.14 -15.03
C LYS A 161 6.60 7.51 -14.92
N SER A 162 6.71 8.19 -16.04
CA SER A 162 7.38 9.47 -16.09
C SER A 162 6.40 10.61 -15.86
N VAL A 163 6.94 11.77 -15.53
CA VAL A 163 6.17 12.96 -15.23
C VAL A 163 6.75 14.13 -16.00
N ALA A 164 5.91 14.81 -16.77
CA ALA A 164 6.25 16.11 -17.34
C ALA A 164 5.63 17.18 -16.43
N HIS A 165 6.46 18.03 -15.87
CA HIS A 165 6.01 18.96 -14.85
C HIS A 165 5.22 20.10 -15.48
N ASN A 166 4.07 20.42 -14.89
CA ASN A 166 3.11 21.35 -15.48
C ASN A 166 2.74 22.45 -14.49
N MET A 167 3.67 22.82 -13.61
CA MET A 167 3.43 23.83 -12.58
C MET A 167 4.50 24.91 -12.69
N THR A 168 4.10 26.19 -12.68
CA THR A 168 2.72 26.65 -12.73
C THR A 168 2.18 26.55 -14.16
N MET A 169 3.09 26.66 -15.11
CA MET A 169 2.83 26.46 -16.53
C MET A 169 3.55 25.19 -16.99
N PRO A 170 3.29 24.74 -18.22
CA PRO A 170 4.05 23.60 -18.74
C PRO A 170 5.55 23.90 -18.75
N ASN A 171 6.32 23.01 -18.14
CA ASN A 171 7.77 23.18 -18.06
C ASN A 171 8.42 22.78 -19.38
N LYS A 172 8.07 23.52 -20.42
CA LYS A 172 8.58 23.28 -21.77
C LYS A 172 8.95 24.60 -22.40
N LEU A 173 9.86 24.56 -23.36
CA LEU A 173 10.22 25.76 -24.10
C LEU A 173 10.70 25.35 -25.49
N LEU A 174 10.16 26.00 -26.51
CA LEU A 174 10.51 25.74 -27.90
C LEU A 174 10.92 27.04 -28.54
N ARG A 175 12.15 27.10 -29.04
CA ARG A 175 12.68 28.26 -29.73
C ARG A 175 12.95 27.92 -31.18
N ILE A 176 12.84 28.92 -32.04
CA ILE A 176 13.11 28.76 -33.47
C ILE A 176 14.07 29.85 -33.90
N THR A 177 15.16 29.46 -34.55
CA THR A 177 16.07 30.39 -35.18
C THR A 177 15.63 30.65 -36.62
N GLU A 178 16.10 31.76 -37.18
CA GLU A 178 15.71 32.13 -38.54
C GLU A 178 15.94 30.99 -39.52
N ASP A 179 17.01 30.22 -39.32
CA ASP A 179 17.36 29.13 -40.21
C ASP A 179 16.38 27.97 -40.15
N GLY A 180 15.46 27.96 -39.18
CA GLY A 180 14.56 26.85 -39.00
C GLY A 180 15.04 25.82 -37.99
N THR A 181 16.06 26.14 -37.21
CA THR A 181 16.53 25.24 -36.16
C THR A 181 15.64 25.38 -34.94
N LEU A 182 15.12 24.27 -34.46
CA LEU A 182 14.25 24.24 -33.29
C LEU A 182 15.04 23.71 -32.11
N LEU A 183 15.12 24.49 -31.05
CA LEU A 183 15.61 24.02 -29.76
C LEU A 183 14.41 23.78 -28.85
N TYR A 184 14.32 22.57 -28.32
CA TYR A 184 13.14 22.12 -27.59
C TYR A 184 13.58 21.48 -26.29
N THR A 185 13.16 22.05 -25.18
CA THR A 185 13.57 21.58 -23.86
C THR A 185 12.32 21.29 -23.02
N MET A 186 12.46 20.35 -22.10
CA MET A 186 11.39 20.03 -21.17
C MET A 186 12.01 19.51 -19.89
N ARG A 187 11.27 19.65 -18.80
CA ARG A 187 11.70 19.22 -17.48
C ARG A 187 10.88 18.00 -17.09
N LEU A 188 11.58 16.88 -16.86
CA LEU A 188 10.93 15.60 -16.65
C LEU A 188 11.45 14.94 -15.40
N THR A 189 10.57 14.21 -14.71
CA THR A 189 10.93 13.27 -13.66
C THR A 189 10.63 11.89 -14.19
N VAL A 190 11.67 11.08 -14.39
CA VAL A 190 11.56 9.78 -15.04
C VAL A 190 11.81 8.69 -14.00
N ARG A 191 10.87 7.77 -13.88
CA ARG A 191 11.10 6.49 -13.23
C ARG A 191 11.47 5.47 -14.29
N ALA A 192 12.58 4.77 -14.08
CA ALA A 192 13.11 3.87 -15.08
C ALA A 192 13.44 2.53 -14.45
N GLU A 193 13.43 1.49 -15.28
CA GLU A 193 13.72 0.13 -14.83
C GLU A 193 15.23 -0.05 -14.69
N CYS A 194 15.65 -0.59 -13.54
CA CYS A 194 17.05 -0.93 -13.30
C CYS A 194 17.09 -2.36 -12.77
N PRO A 195 17.16 -3.35 -13.65
CA PRO A 195 17.27 -4.74 -13.17
C PRO A 195 18.53 -4.95 -12.36
N MET A 196 18.36 -5.48 -11.15
CA MET A 196 19.46 -5.67 -10.22
C MET A 196 19.64 -7.16 -9.93
N HIS A 197 20.87 -7.63 -10.09
CA HIS A 197 21.25 -8.97 -9.68
C HIS A 197 21.88 -8.87 -8.30
N LEU A 198 21.14 -9.32 -7.28
CA LEU A 198 21.51 -9.10 -5.89
C LEU A 198 22.19 -10.30 -5.28
N GLU A 199 22.93 -11.06 -6.09
CA GLU A 199 23.65 -12.23 -5.56
C GLU A 199 24.72 -11.81 -4.55
N ASP A 200 25.41 -10.71 -4.83
CA ASP A 200 26.48 -10.22 -3.97
C ASP A 200 26.00 -9.21 -2.94
N PHE A 201 24.70 -9.06 -2.78
CA PHE A 201 24.18 -8.12 -1.80
C PHE A 201 24.72 -8.46 -0.42
N PRO A 202 25.14 -7.46 0.38
CA PRO A 202 25.11 -6.02 0.16
C PRO A 202 26.38 -5.46 -0.46
N MET A 203 27.18 -6.30 -1.11
CA MET A 203 28.44 -5.89 -1.72
C MET A 203 28.32 -5.89 -3.25
N ASP A 204 27.19 -5.40 -3.76
CA ASP A 204 26.89 -5.42 -5.18
C ASP A 204 27.03 -4.04 -5.81
N ALA A 205 27.29 -4.03 -7.10
CA ALA A 205 27.30 -2.82 -7.91
C ALA A 205 26.38 -3.03 -9.11
N HIS A 206 25.83 -1.93 -9.62
CA HIS A 206 24.86 -2.00 -10.70
C HIS A 206 25.12 -0.90 -11.70
N ALA A 207 24.66 -1.12 -12.93
CA ALA A 207 24.67 -0.12 -14.00
C ALA A 207 23.22 0.12 -14.38
N CYS A 208 22.62 1.17 -13.84
CA CYS A 208 21.23 1.48 -14.14
C CYS A 208 21.16 2.21 -15.48
N PRO A 209 20.43 1.69 -16.47
CA PRO A 209 20.41 2.31 -17.79
C PRO A 209 19.33 3.37 -17.94
N LEU A 210 19.48 4.16 -18.99
CA LEU A 210 18.46 5.15 -19.37
C LEU A 210 18.48 5.22 -20.89
N LYS A 211 17.52 4.55 -21.53
CA LYS A 211 17.46 4.45 -22.98
C LYS A 211 16.26 5.24 -23.49
N PHE A 212 16.45 5.92 -24.62
CA PHE A 212 15.34 6.62 -25.25
C PHE A 212 15.52 6.59 -26.76
N GLY A 213 14.46 6.98 -27.45
CA GLY A 213 14.44 6.94 -28.90
C GLY A 213 13.06 7.27 -29.41
N SER A 214 12.91 7.18 -30.72
CA SER A 214 11.63 7.48 -31.35
C SER A 214 10.70 6.29 -31.24
N TYR A 215 9.48 6.53 -30.76
CA TYR A 215 8.51 5.46 -30.67
C TYR A 215 8.09 4.98 -32.06
N ALA A 216 7.89 5.90 -32.99
CA ALA A 216 7.25 5.59 -34.25
C ALA A 216 8.17 5.58 -35.46
N TYR A 217 9.29 6.29 -35.42
CA TYR A 217 10.12 6.50 -36.60
C TYR A 217 11.34 5.60 -36.55
N THR A 218 11.52 4.81 -37.61
CA THR A 218 12.69 3.96 -37.71
C THR A 218 13.91 4.80 -38.09
N ARG A 219 15.08 4.17 -38.00
CA ARG A 219 16.32 4.90 -38.25
C ARG A 219 16.39 5.46 -39.67
N ALA A 220 15.64 4.88 -40.60
CA ALA A 220 15.58 5.43 -41.95
C ALA A 220 14.84 6.76 -42.00
N GLU A 221 14.16 7.13 -40.92
CA GLU A 221 13.38 8.36 -40.87
C GLU A 221 13.91 9.35 -39.84
N VAL A 222 14.11 8.91 -38.60
CA VAL A 222 14.60 9.77 -37.52
C VAL A 222 15.81 9.11 -36.89
N VAL A 223 16.92 9.84 -36.83
CA VAL A 223 18.12 9.41 -36.13
C VAL A 223 18.42 10.40 -35.02
N TYR A 224 18.85 9.90 -33.88
CA TYR A 224 19.25 10.73 -32.76
C TYR A 224 20.77 10.77 -32.66
N GLU A 225 21.28 11.85 -32.08
CA GLU A 225 22.70 12.02 -31.87
C GLU A 225 22.89 12.89 -30.64
N TRP A 226 24.10 12.86 -30.10
CA TRP A 226 24.45 13.71 -28.98
C TRP A 226 24.93 15.05 -29.49
N THR A 227 24.52 16.13 -28.80
CA THR A 227 24.88 17.46 -29.26
C THR A 227 26.39 17.63 -29.33
N ARG A 228 27.10 17.15 -28.33
CA ARG A 228 28.56 17.18 -28.31
C ARG A 228 29.07 15.77 -28.03
N GLU A 229 30.34 15.64 -27.70
CA GLU A 229 30.89 14.33 -27.38
C GLU A 229 29.96 13.59 -26.42
N PRO A 230 29.72 12.30 -26.63
CA PRO A 230 28.73 11.60 -25.79
C PRO A 230 29.03 11.70 -24.31
N ALA A 231 30.30 11.70 -23.92
CA ALA A 231 30.63 11.82 -22.50
C ALA A 231 30.25 13.17 -21.93
N ARG A 232 30.28 14.22 -22.75
CA ARG A 232 29.97 15.57 -22.31
C ARG A 232 28.54 15.99 -22.62
N SER A 233 27.70 15.06 -23.07
CA SER A 233 26.32 15.36 -23.41
C SER A 233 25.34 15.09 -22.28
N VAL A 234 25.66 14.19 -21.36
CA VAL A 234 24.87 13.96 -20.16
C VAL A 234 25.64 14.56 -19.00
N VAL A 235 25.09 15.62 -18.41
CA VAL A 235 25.73 16.36 -17.34
C VAL A 235 24.91 16.20 -16.07
N VAL A 236 25.59 15.85 -14.98
CA VAL A 236 24.96 15.70 -13.67
C VAL A 236 25.34 16.90 -12.82
N ALA A 237 24.35 17.47 -12.12
CA ALA A 237 24.64 18.57 -11.20
C ALA A 237 25.51 18.08 -10.05
N GLU A 238 26.38 18.96 -9.57
CA GLU A 238 27.31 18.58 -8.51
C GLU A 238 26.56 18.18 -7.25
N ASP A 239 25.43 18.84 -6.96
CA ASP A 239 24.58 18.48 -5.82
C ASP A 239 23.40 17.63 -6.26
N GLY A 240 23.57 16.81 -7.29
CA GLY A 240 22.46 16.04 -7.83
C GLY A 240 22.24 14.71 -7.17
N SER A 241 23.29 14.11 -6.61
CA SER A 241 23.19 12.77 -6.05
C SER A 241 22.26 12.79 -4.83
N ARG A 242 21.08 12.19 -4.98
CA ARG A 242 20.10 12.07 -3.91
C ARG A 242 20.01 10.63 -3.43
N LEU A 243 21.16 9.98 -3.31
CA LEU A 243 21.24 8.56 -3.01
C LEU A 243 21.65 8.36 -1.55
N ASN A 244 20.93 7.51 -0.85
CA ASN A 244 21.24 7.17 0.53
C ASN A 244 22.11 5.93 0.66
N GLN A 245 21.90 4.95 -0.23
CA GLN A 245 22.55 3.65 -0.12
C GLN A 245 23.52 3.37 -1.25
N TYR A 246 23.78 4.35 -2.12
CA TYR A 246 24.63 4.14 -3.27
C TYR A 246 25.57 5.32 -3.43
N ASP A 247 26.66 5.07 -4.14
CA ASP A 247 27.56 6.10 -4.62
C ASP A 247 27.51 6.10 -6.14
N LEU A 248 27.33 7.28 -6.73
CA LEU A 248 27.29 7.40 -8.18
C LEU A 248 28.73 7.51 -8.68
N LEU A 249 29.30 6.37 -9.09
CA LEU A 249 30.68 6.37 -9.55
C LEU A 249 30.83 7.19 -10.82
N GLY A 250 29.89 7.07 -11.75
CA GLY A 250 29.98 7.77 -13.00
C GLY A 250 28.94 7.25 -13.98
N GLN A 251 29.12 7.62 -15.24
CA GLN A 251 28.22 7.12 -16.27
C GLN A 251 28.97 6.95 -17.57
N THR A 252 28.41 6.12 -18.45
CA THR A 252 28.87 5.96 -19.81
C THR A 252 27.71 6.25 -20.75
N VAL A 253 28.01 6.97 -21.84
CA VAL A 253 26.99 7.44 -22.78
C VAL A 253 27.27 6.79 -24.13
N ASP A 254 26.25 6.14 -24.68
CA ASP A 254 26.40 5.37 -25.90
C ASP A 254 25.17 5.52 -26.76
N SER A 255 25.22 4.96 -27.96
CA SER A 255 24.09 4.92 -28.86
C SER A 255 24.23 3.69 -29.75
N GLY A 256 23.12 3.24 -30.28
CA GLY A 256 23.13 2.06 -31.11
C GLY A 256 21.88 1.94 -31.93
N ILE A 257 21.57 0.70 -32.31
CA ILE A 257 20.39 0.38 -33.09
C ILE A 257 19.68 -0.77 -32.41
N VAL A 258 18.35 -0.72 -32.41
CA VAL A 258 17.52 -1.78 -31.86
C VAL A 258 16.53 -2.22 -32.93
N GLN A 259 16.36 -3.52 -33.08
CA GLN A 259 15.41 -4.09 -34.01
C GLN A 259 14.20 -4.62 -33.23
N SER A 260 13.02 -4.31 -33.71
CA SER A 260 11.79 -4.80 -33.10
C SER A 260 10.85 -5.31 -34.19
N SER A 261 9.62 -5.67 -33.81
CA SER A 261 8.67 -6.18 -34.78
C SER A 261 8.25 -5.13 -35.80
N THR A 262 8.49 -3.85 -35.52
CA THR A 262 8.07 -2.77 -36.39
C THR A 262 9.21 -2.15 -37.20
N GLY A 263 10.45 -2.60 -36.99
CA GLY A 263 11.58 -2.13 -37.76
C GLY A 263 12.76 -1.84 -36.85
N GLU A 264 13.73 -1.11 -37.39
CA GLU A 264 14.95 -0.75 -36.68
C GLU A 264 14.87 0.69 -36.20
N TYR A 265 15.29 0.92 -34.96
CA TYR A 265 15.22 2.23 -34.34
C TYR A 265 16.55 2.58 -33.71
N VAL A 266 16.86 3.87 -33.71
CA VAL A 266 18.04 4.38 -33.03
C VAL A 266 17.72 4.50 -31.54
N VAL A 267 18.64 4.00 -30.70
CA VAL A 267 18.48 4.03 -29.26
C VAL A 267 19.67 4.76 -28.67
N MET A 268 19.39 5.81 -27.90
CA MET A 268 20.42 6.54 -27.16
C MET A 268 20.40 6.03 -25.72
N THR A 269 21.56 5.66 -25.21
CA THR A 269 21.65 4.97 -23.93
C THR A 269 22.60 5.72 -22.99
N THR A 270 22.32 5.58 -21.70
CA THR A 270 23.17 6.10 -20.64
C THR A 270 23.12 5.14 -19.47
N HIS A 271 24.28 4.76 -18.95
CA HIS A 271 24.36 3.88 -17.81
C HIS A 271 24.95 4.63 -16.64
N PHE A 272 24.25 4.60 -15.51
CA PHE A 272 24.73 5.18 -14.26
C PHE A 272 25.28 4.06 -13.40
N HIS A 273 26.57 4.13 -13.09
CA HIS A 273 27.24 3.08 -12.33
C HIS A 273 27.11 3.39 -10.85
N LEU A 274 26.52 2.47 -10.10
CA LEU A 274 26.25 2.64 -8.69
C LEU A 274 26.93 1.55 -7.89
N LYS A 275 27.43 1.91 -6.71
CA LYS A 275 28.04 0.97 -5.79
C LYS A 275 27.41 1.15 -4.43
N ARG A 276 27.03 0.05 -3.80
CA ARG A 276 26.31 0.12 -2.53
C ARG A 276 27.26 0.37 -1.38
N LYS A 277 26.85 1.26 -0.47
CA LYS A 277 27.60 1.49 0.76
C LYS A 277 27.38 0.33 1.73
N ILE A 278 28.47 -0.20 2.27
CA ILE A 278 28.39 -1.39 3.11
C ILE A 278 28.40 -1.07 4.60
N GLY A 279 28.77 0.15 5.00
CA GLY A 279 28.95 0.44 6.40
C GLY A 279 27.71 0.20 7.24
N TYR A 280 26.53 0.43 6.67
CA TYR A 280 25.30 0.20 7.41
C TYR A 280 25.16 -1.26 7.80
N PHE A 281 25.47 -2.17 6.89
CA PHE A 281 25.23 -3.59 7.12
C PHE A 281 26.28 -4.21 8.04
N VAL A 282 27.45 -3.59 8.17
CA VAL A 282 28.46 -4.11 9.09
C VAL A 282 28.01 -3.90 10.53
N ILE A 283 27.49 -2.71 10.85
CA ILE A 283 27.08 -2.41 12.21
C ILE A 283 25.71 -3.00 12.53
N GLN A 284 24.89 -3.26 11.53
CA GLN A 284 23.54 -3.76 11.77
C GLN A 284 23.46 -5.29 11.74
N THR A 285 24.14 -5.93 10.79
CA THR A 285 24.01 -7.36 10.59
C THR A 285 25.30 -8.11 10.90
N TYR A 286 26.41 -7.76 10.25
CA TYR A 286 27.61 -8.58 10.34
C TYR A 286 28.21 -8.54 11.74
N LEU A 287 28.36 -7.36 12.33
CA LEU A 287 28.98 -7.28 13.65
C LEU A 287 28.15 -7.97 14.72
N PRO A 288 26.85 -7.69 14.87
CA PRO A 288 26.07 -8.46 15.85
C PRO A 288 26.10 -9.96 15.60
N CYS A 289 26.07 -10.39 14.34
CA CYS A 289 26.12 -11.82 14.06
C CYS A 289 27.46 -12.41 14.45
N ILE A 290 28.55 -11.69 14.18
CA ILE A 290 29.87 -12.17 14.58
C ILE A 290 29.98 -12.27 16.09
N MET A 291 29.49 -11.24 16.80
CA MET A 291 29.57 -11.26 18.25
C MET A 291 28.70 -12.35 18.86
N THR A 292 27.55 -12.64 18.25
CA THR A 292 26.71 -13.74 18.73
C THR A 292 27.43 -15.08 18.56
N VAL A 293 28.11 -15.27 17.44
CA VAL A 293 28.87 -16.50 17.25
C VAL A 293 30.00 -16.60 18.26
N ILE A 294 30.72 -15.49 18.47
CA ILE A 294 31.77 -15.48 19.50
C ILE A 294 31.18 -15.84 20.84
N LEU A 295 29.99 -15.30 21.14
CA LEU A 295 29.37 -15.55 22.43
C LEU A 295 28.97 -17.01 22.60
N SER A 296 28.64 -17.68 21.50
CA SER A 296 28.29 -19.10 21.59
C SER A 296 29.51 -19.94 21.93
N GLN A 297 30.68 -19.55 21.45
CA GLN A 297 31.91 -20.28 21.76
C GLN A 297 32.43 -19.98 23.16
N VAL A 298 32.09 -18.82 23.72
CA VAL A 298 32.47 -18.53 25.09
C VAL A 298 31.93 -19.56 26.06
N SER A 299 30.91 -20.32 25.65
CA SER A 299 30.39 -21.40 26.49
C SER A 299 31.42 -22.50 26.68
N PHE A 300 32.32 -22.69 25.71
CA PHE A 300 33.33 -23.75 25.81
C PHE A 300 34.25 -23.54 27.00
N TRP A 301 34.34 -22.32 27.52
CA TRP A 301 35.23 -21.98 28.60
C TRP A 301 34.59 -22.06 29.97
N LEU A 302 33.31 -22.39 30.04
CA LEU A 302 32.64 -22.63 31.31
C LEU A 302 32.82 -24.08 31.73
N ASN A 303 32.79 -24.31 33.03
CA ASN A 303 32.98 -25.66 33.55
C ASN A 303 31.82 -26.56 33.11
N ARG A 304 32.14 -27.83 32.85
CA ARG A 304 31.16 -28.75 32.32
C ARG A 304 30.04 -29.04 33.30
N GLU A 305 30.25 -28.81 34.59
CA GLU A 305 29.24 -29.14 35.60
C GLU A 305 28.14 -28.11 35.68
N SER A 306 28.31 -26.93 35.09
CA SER A 306 27.28 -25.91 35.07
C SER A 306 26.34 -26.15 33.90
N VAL A 307 25.56 -27.22 34.02
CA VAL A 307 24.66 -27.60 32.93
C VAL A 307 23.58 -26.56 32.68
N PRO A 308 22.87 -26.05 33.69
CA PRO A 308 21.84 -25.03 33.40
C PRO A 308 22.40 -23.78 32.77
N ALA A 309 23.62 -23.38 33.12
CA ALA A 309 24.19 -22.15 32.58
C ALA A 309 24.60 -22.32 31.12
N ARG A 310 25.19 -23.46 30.78
CA ARG A 310 25.61 -23.69 29.40
C ARG A 310 24.47 -24.10 28.49
N THR A 311 23.38 -24.64 29.05
CA THR A 311 22.19 -24.87 28.25
C THR A 311 21.49 -23.55 27.93
N VAL A 312 21.34 -22.68 28.93
CA VAL A 312 20.76 -21.37 28.69
C VAL A 312 21.63 -20.57 27.75
N PHE A 313 22.95 -20.62 27.95
CA PHE A 313 23.87 -19.92 27.07
C PHE A 313 23.65 -20.32 25.62
N GLY A 314 23.62 -21.63 25.35
CA GLY A 314 23.52 -22.10 23.97
C GLY A 314 22.15 -21.89 23.36
N VAL A 315 21.09 -22.14 24.13
CA VAL A 315 19.75 -22.05 23.56
C VAL A 315 19.38 -20.59 23.32
N THR A 316 19.80 -19.69 24.22
CA THR A 316 19.47 -18.27 24.05
C THR A 316 20.35 -17.59 23.01
N THR A 317 21.57 -18.08 22.78
CA THR A 317 22.33 -17.59 21.64
C THR A 317 21.69 -17.99 20.32
N VAL A 318 21.05 -19.16 20.29
CA VAL A 318 20.28 -19.55 19.10
C VAL A 318 19.13 -18.60 18.87
N LEU A 319 18.43 -18.23 19.94
CA LEU A 319 17.32 -17.30 19.81
C LEU A 319 17.80 -15.90 19.41
N THR A 320 19.02 -15.54 19.81
CA THR A 320 19.58 -14.26 19.37
C THR A 320 19.90 -14.28 17.89
N MET A 321 20.45 -15.38 17.38
CA MET A 321 20.71 -15.49 15.95
C MET A 321 19.41 -15.45 15.15
N THR A 322 18.37 -16.11 15.66
CA THR A 322 17.08 -16.09 14.98
C THR A 322 16.53 -14.66 14.91
N THR A 323 16.65 -13.91 15.98
CA THR A 323 16.20 -12.51 15.97
C THR A 323 17.00 -11.70 14.96
N LEU A 324 18.34 -11.84 14.98
CA LEU A 324 19.17 -11.13 14.03
C LEU A 324 18.91 -11.61 12.61
N SER A 325 18.78 -12.92 12.41
CA SER A 325 18.63 -13.47 11.07
C SER A 325 17.32 -13.02 10.42
N ILE A 326 16.23 -13.02 11.18
CA ILE A 326 14.95 -12.62 10.63
C ILE A 326 14.97 -11.15 10.22
N SER A 327 15.50 -10.29 11.09
CA SER A 327 15.51 -8.86 10.78
C SER A 327 16.33 -8.57 9.53
N ALA A 328 17.44 -9.29 9.35
CA ALA A 328 18.30 -9.03 8.19
C ALA A 328 17.55 -9.25 6.88
N ARG A 329 16.74 -10.31 6.81
CA ARG A 329 15.97 -10.57 5.59
C ARG A 329 14.92 -9.51 5.36
N ASN A 330 14.23 -9.06 6.42
CA ASN A 330 13.18 -8.07 6.24
C ASN A 330 13.72 -6.81 5.58
N SER A 331 15.01 -6.53 5.74
CA SER A 331 15.63 -5.41 5.04
C SER A 331 15.90 -5.75 3.57
N LEU A 332 16.13 -7.02 3.27
CA LEU A 332 16.42 -7.41 1.90
C LEU A 332 15.19 -7.25 1.01
N PRO A 333 15.39 -6.92 -0.27
CA PRO A 333 14.27 -6.97 -1.20
C PRO A 333 13.79 -8.40 -1.39
N LYS A 334 12.49 -8.52 -1.69
CA LYS A 334 11.86 -9.84 -1.72
C LYS A 334 12.30 -10.65 -2.93
N VAL A 335 13.54 -11.13 -2.91
CA VAL A 335 14.05 -12.00 -3.94
C VAL A 335 14.00 -13.43 -3.42
N ALA A 336 14.09 -14.38 -4.34
CA ALA A 336 14.02 -15.81 -4.00
C ALA A 336 15.30 -16.52 -4.43
N TYR A 337 16.44 -15.90 -4.15
CA TYR A 337 17.72 -16.57 -4.29
C TYR A 337 18.62 -16.12 -3.13
N ALA A 338 19.67 -16.90 -2.88
CA ALA A 338 20.55 -16.63 -1.76
C ALA A 338 21.55 -15.54 -2.14
N THR A 339 21.54 -14.44 -1.40
CA THR A 339 22.52 -13.39 -1.57
C THR A 339 23.76 -13.70 -0.73
N ALA A 340 24.74 -12.80 -0.76
CA ALA A 340 25.92 -13.00 0.07
C ALA A 340 25.56 -12.99 1.55
N MET A 341 24.70 -12.07 1.96
CA MET A 341 24.34 -11.99 3.37
C MET A 341 23.55 -13.20 3.82
N ASP A 342 22.80 -13.83 2.91
CA ASP A 342 22.08 -15.05 3.27
C ASP A 342 23.04 -16.15 3.68
N TRP A 343 24.14 -16.31 2.94
CA TRP A 343 25.09 -17.35 3.26
C TRP A 343 25.79 -17.07 4.58
N PHE A 344 26.15 -15.81 4.83
CA PHE A 344 26.81 -15.47 6.09
C PHE A 344 25.91 -15.78 7.28
N ILE A 345 24.62 -15.45 7.16
CA ILE A 345 23.68 -15.71 8.24
C ILE A 345 23.46 -17.21 8.42
N ALA A 346 23.39 -17.95 7.31
CA ALA A 346 23.20 -19.39 7.40
C ALA A 346 24.38 -20.06 8.09
N VAL A 347 25.60 -19.64 7.77
CA VAL A 347 26.77 -20.25 8.39
C VAL A 347 26.86 -19.89 9.86
N CYS A 348 26.60 -18.62 10.20
CA CYS A 348 26.57 -18.24 11.61
C CYS A 348 25.53 -19.06 12.36
N TYR A 349 24.38 -19.31 11.74
CA TYR A 349 23.37 -20.14 12.37
C TYR A 349 23.89 -21.54 12.63
N ALA A 350 24.63 -22.11 11.67
CA ALA A 350 25.19 -23.45 11.85
C ALA A 350 26.20 -23.47 12.98
N PHE A 351 27.04 -22.45 13.08
CA PHE A 351 28.04 -22.40 14.14
C PHE A 351 27.38 -22.36 15.51
N VAL A 352 26.41 -21.46 15.68
CA VAL A 352 25.73 -21.36 16.97
C VAL A 352 24.95 -22.64 17.26
N PHE A 353 24.40 -23.27 16.22
CA PHE A 353 23.74 -24.56 16.38
C PHE A 353 24.73 -25.63 16.82
N SER A 354 25.92 -25.64 16.22
CA SER A 354 26.91 -26.67 16.54
C SER A 354 27.51 -26.49 17.92
N ALA A 355 27.48 -25.28 18.47
CA ALA A 355 28.03 -25.05 19.81
C ALA A 355 27.16 -25.69 20.88
N LEU A 356 25.84 -25.67 20.68
CA LEU A 356 24.94 -26.32 21.62
C LEU A 356 24.92 -27.83 21.45
N ILE A 357 25.10 -28.31 20.21
CA ILE A 357 25.27 -29.75 20.00
C ILE A 357 26.56 -30.22 20.65
N GLU A 358 27.59 -29.38 20.64
CA GLU A 358 28.87 -29.75 21.25
C GLU A 358 28.71 -29.99 22.75
N PHE A 359 27.93 -29.15 23.43
CA PHE A 359 27.73 -29.34 24.86
C PHE A 359 26.87 -30.56 25.15
N ALA A 360 25.94 -30.90 24.26
CA ALA A 360 25.18 -32.13 24.44
C ALA A 360 26.11 -33.32 24.51
N THR A 361 27.20 -33.29 23.74
CA THR A 361 28.18 -34.36 23.80
C THR A 361 29.03 -34.24 25.06
N VAL A 362 29.46 -33.03 25.41
CA VAL A 362 30.27 -32.85 26.61
C VAL A 362 29.49 -33.30 27.84
N ASN A 363 28.25 -32.87 27.95
CA ASN A 363 27.43 -33.23 29.10
C ASN A 363 27.18 -34.73 29.16
N TYR A 364 27.22 -35.41 28.01
CA TYR A 364 26.97 -36.85 27.99
C TYR A 364 28.09 -37.65 28.62
N PHE A 365 29.25 -37.04 28.87
CA PHE A 365 30.38 -37.72 29.47
C PHE A 365 30.77 -37.15 30.82
N THR A 366 30.03 -36.18 31.35
CA THR A 366 30.26 -35.71 32.70
C THR A 366 29.79 -36.75 33.70
N LYS A 367 30.65 -37.07 34.67
CA LYS A 367 30.35 -38.12 35.64
C LYS A 367 29.83 -37.60 36.96
N ARG A 368 30.32 -36.44 37.41
CA ARG A 368 29.98 -35.89 38.70
C ARG A 368 29.18 -34.62 38.52
N GLY A 369 28.10 -34.47 39.28
CA GLY A 369 27.26 -33.29 39.19
C GLY A 369 27.80 -32.08 39.92
N TYR A 370 28.87 -32.22 40.67
CA TYR A 370 29.47 -31.13 41.43
C TYR A 370 30.77 -30.69 40.76
N ALA A 371 31.07 -29.41 40.88
CA ALA A 371 32.28 -28.85 40.30
C ALA A 371 33.41 -28.85 41.33
N TRP A 372 34.61 -28.53 40.85
CA TRP A 372 35.75 -28.42 41.75
C TRP A 372 35.47 -27.36 42.80
N ASP A 373 35.75 -27.69 44.06
CA ASP A 373 35.33 -26.88 45.19
C ASP A 373 36.27 -25.72 45.49
N GLY A 374 37.40 -25.62 44.80
CA GLY A 374 38.32 -24.53 45.00
C GLY A 374 39.39 -24.75 46.05
N LYS A 375 39.33 -25.87 46.78
CA LYS A 375 40.24 -26.12 47.89
C LYS A 375 40.70 -27.58 47.86
N SER A 376 41.06 -28.07 46.68
CA SER A 376 41.53 -29.44 46.54
C SER A 376 42.49 -29.56 45.36
N LYS A 439 37.82 -37.73 47.51
CA LYS A 439 36.86 -37.10 46.62
C LYS A 439 37.53 -36.73 45.30
N THR A 440 37.02 -37.29 44.20
CA THR A 440 37.55 -37.06 42.87
C THR A 440 36.66 -36.05 42.13
N PHE A 441 37.24 -35.44 41.09
CA PHE A 441 36.57 -34.41 40.32
C PHE A 441 36.65 -34.73 38.85
N ASN A 442 35.70 -34.21 38.09
CA ASN A 442 35.71 -34.37 36.64
C ASN A 442 36.92 -33.67 36.04
N SER A 443 37.53 -34.29 35.05
CA SER A 443 38.56 -33.62 34.29
C SER A 443 37.93 -32.66 33.28
N VAL A 444 38.72 -31.72 32.80
CA VAL A 444 38.25 -30.81 31.76
C VAL A 444 38.08 -31.59 30.47
N SER A 445 36.91 -31.46 29.85
CA SER A 445 36.57 -32.27 28.69
C SER A 445 37.56 -32.05 27.57
N LYS A 446 37.93 -33.14 26.89
CA LYS A 446 38.73 -33.03 25.68
C LYS A 446 37.92 -32.48 24.52
N ILE A 447 36.59 -32.67 24.55
CA ILE A 447 35.73 -32.04 23.56
C ILE A 447 35.77 -30.52 23.72
N ASP A 448 35.70 -30.04 24.97
CA ASP A 448 35.80 -28.60 25.21
C ASP A 448 37.18 -28.07 24.83
N ARG A 449 38.23 -28.77 25.21
CA ARG A 449 39.58 -28.28 24.95
C ARG A 449 39.82 -28.14 23.45
N LEU A 450 39.35 -29.09 22.65
CA LEU A 450 39.51 -28.99 21.21
CA LEU A 450 39.51 -28.99 21.21
C LEU A 450 38.57 -27.96 20.61
N SER A 451 37.32 -27.93 21.08
CA SER A 451 36.35 -26.97 20.55
C SER A 451 36.80 -25.54 20.78
N ARG A 452 37.58 -25.29 21.83
CA ARG A 452 38.10 -23.95 22.07
C ARG A 452 39.03 -23.48 20.96
N ILE A 453 39.50 -24.40 20.13
CA ILE A 453 40.39 -24.08 19.01
C ILE A 453 39.69 -24.29 17.67
N ALA A 454 39.01 -25.42 17.51
CA ALA A 454 38.40 -25.73 16.23
C ALA A 454 37.32 -24.71 15.86
N PHE A 455 36.46 -24.37 16.81
CA PHE A 455 35.37 -23.45 16.49
C PHE A 455 35.88 -22.06 16.14
N PRO A 456 36.73 -21.42 16.95
CA PRO A 456 37.28 -20.12 16.53
C PRO A 456 38.06 -20.19 15.23
N LEU A 457 38.79 -21.29 15.01
CA LEU A 457 39.60 -21.40 13.80
C LEU A 457 38.73 -21.58 12.57
N LEU A 458 37.75 -22.49 12.64
CA LEU A 458 36.87 -22.71 11.50
C LEU A 458 36.07 -21.46 11.18
N PHE A 459 35.59 -20.75 12.20
CA PHE A 459 34.86 -19.52 11.95
C PHE A 459 35.77 -18.44 11.39
N GLY A 460 37.00 -18.35 11.90
CA GLY A 460 37.96 -17.43 11.33
C GLY A 460 38.27 -17.71 9.87
N ILE A 461 38.44 -19.00 9.54
CA ILE A 461 38.68 -19.37 8.15
C ILE A 461 37.50 -19.00 7.28
N PHE A 462 36.28 -19.28 7.74
CA PHE A 462 35.10 -18.94 6.96
C PHE A 462 35.02 -17.44 6.69
N ASN A 463 35.53 -16.62 7.59
CA ASN A 463 35.44 -15.18 7.38
C ASN A 463 36.43 -14.69 6.34
N LEU A 464 37.63 -15.29 6.31
CA LEU A 464 38.59 -14.94 5.26
C LEU A 464 38.06 -15.34 3.89
N VAL A 465 37.48 -16.53 3.78
CA VAL A 465 36.94 -16.98 2.49
C VAL A 465 35.78 -16.09 2.07
N TYR A 466 34.89 -15.77 3.01
CA TYR A 466 33.74 -14.94 2.69
C TYR A 466 34.17 -13.52 2.31
N TRP A 467 35.01 -12.88 3.14
CA TRP A 467 35.33 -11.48 2.90
C TRP A 467 36.27 -11.31 1.72
N ALA A 468 37.18 -12.27 1.52
CA ALA A 468 38.04 -12.20 0.33
C ALA A 468 37.24 -12.47 -0.94
N THR A 469 36.25 -13.38 -0.87
CA THR A 469 35.50 -13.74 -2.05
C THR A 469 34.69 -12.57 -2.59
N TYR A 470 34.06 -11.80 -1.71
CA TYR A 470 33.12 -10.78 -2.13
C TYR A 470 33.70 -9.38 -2.21
N LEU A 471 34.73 -9.07 -1.44
CA LEU A 471 35.36 -7.76 -1.52
C LEU A 471 36.32 -7.71 -2.70
N MET B 49 -23.63 46.77 -14.06
CA MET B 49 -22.63 45.82 -14.64
C MET B 49 -22.40 46.09 -16.12
N SER B 50 -23.26 46.92 -16.72
CA SER B 50 -23.12 47.22 -18.14
C SER B 50 -21.80 47.91 -18.42
N PHE B 51 -21.47 48.93 -17.64
CA PHE B 51 -20.22 49.66 -17.86
C PHE B 51 -19.01 48.77 -17.61
N VAL B 52 -19.06 47.94 -16.56
CA VAL B 52 -17.93 47.07 -16.26
C VAL B 52 -17.74 46.04 -17.38
N LYS B 53 -18.84 45.50 -17.90
CA LYS B 53 -18.73 44.51 -18.96
C LYS B 53 -18.04 45.10 -20.18
N GLU B 54 -18.37 46.35 -20.54
CA GLU B 54 -17.69 47.00 -21.66
C GLU B 54 -16.21 47.17 -21.38
N THR B 55 -15.86 47.63 -20.17
CA THR B 55 -14.47 47.87 -19.83
C THR B 55 -13.67 46.57 -19.88
N VAL B 56 -14.20 45.50 -19.30
CA VAL B 56 -13.48 44.24 -19.26
C VAL B 56 -13.29 43.68 -20.66
N ASP B 57 -14.35 43.72 -21.48
CA ASP B 57 -14.23 43.25 -22.86
C ASP B 57 -13.27 44.12 -23.65
N LYS B 58 -13.21 45.41 -23.34
CA LYS B 58 -12.29 46.31 -24.05
C LYS B 58 -10.84 45.93 -23.79
N LEU B 59 -10.50 45.60 -22.55
CA LEU B 59 -9.11 45.28 -22.21
C LEU B 59 -8.63 44.06 -22.98
N LEU B 60 -9.45 43.02 -23.05
CA LEU B 60 -9.05 41.76 -23.67
C LEU B 60 -9.20 41.76 -25.18
N LYS B 61 -9.71 42.83 -25.77
CA LYS B 61 -9.85 42.93 -27.22
C LYS B 61 -8.49 43.21 -27.83
N GLY B 62 -7.99 42.27 -28.63
CA GLY B 62 -6.67 42.41 -29.23
C GLY B 62 -5.52 42.04 -28.33
N TYR B 63 -5.79 41.61 -27.10
CA TYR B 63 -4.72 41.24 -26.17
C TYR B 63 -3.96 40.04 -26.74
N ASP B 64 -2.63 40.13 -26.71
CA ASP B 64 -1.74 39.10 -27.23
C ASP B 64 -1.01 38.46 -26.06
N ILE B 65 -1.47 37.27 -25.65
CA ILE B 65 -0.88 36.60 -24.49
C ILE B 65 0.57 36.22 -24.77
N ARG B 66 0.91 35.96 -26.03
CA ARG B 66 2.25 35.46 -26.36
C ARG B 66 3.34 36.46 -26.02
N LEU B 67 3.01 37.74 -25.88
CA LEU B 67 3.98 38.78 -25.61
C LEU B 67 3.85 39.24 -24.16
N ARG B 68 4.99 39.39 -23.49
CA ARG B 68 5.01 39.80 -22.10
C ARG B 68 4.70 41.28 -21.96
N PRO B 69 4.35 41.73 -20.76
CA PRO B 69 4.24 43.18 -20.52
C PRO B 69 5.56 43.88 -20.81
N ASP B 70 5.47 45.06 -21.41
CA ASP B 70 6.65 45.80 -21.83
C ASP B 70 7.56 44.95 -22.71
N PHE B 71 6.96 44.18 -23.60
CA PHE B 71 7.74 43.35 -24.51
C PHE B 71 8.72 44.23 -25.28
N GLY B 72 9.98 43.78 -25.34
CA GLY B 72 11.01 44.58 -25.96
C GLY B 72 11.40 45.81 -25.18
N GLY B 73 11.10 45.85 -23.89
CA GLY B 73 11.41 46.98 -23.05
C GLY B 73 12.09 46.56 -21.76
N PRO B 74 11.97 47.38 -20.72
CA PRO B 74 12.58 47.03 -19.45
C PRO B 74 11.99 45.73 -18.93
N PRO B 75 12.78 44.94 -18.20
CA PRO B 75 12.26 43.67 -17.69
C PRO B 75 11.07 43.89 -16.77
N VAL B 76 10.09 43.00 -16.88
CA VAL B 76 8.92 43.05 -16.02
C VAL B 76 9.29 42.52 -14.64
N CYS B 77 8.95 43.28 -13.61
CA CYS B 77 9.25 42.92 -12.23
C CYS B 77 8.05 42.20 -11.63
N VAL B 78 8.26 40.98 -11.18
CA VAL B 78 7.20 40.13 -10.63
C VAL B 78 7.45 39.98 -9.15
N GLY B 79 6.58 40.58 -8.34
CA GLY B 79 6.65 40.43 -6.89
C GLY B 79 5.87 39.21 -6.45
N MET B 80 6.42 38.50 -5.47
CA MET B 80 5.83 37.26 -5.01
C MET B 80 5.73 37.26 -3.50
N ASN B 81 4.66 36.66 -2.98
CA ASN B 81 4.56 36.34 -1.58
C ASN B 81 3.84 35.00 -1.44
N ILE B 82 4.10 34.31 -0.35
CA ILE B 82 3.57 32.98 -0.11
C ILE B 82 2.91 32.97 1.26
N ASP B 83 1.75 32.35 1.35
CA ASP B 83 1.04 32.15 2.60
C ASP B 83 0.97 30.66 2.82
N ILE B 84 1.77 30.14 3.74
CA ILE B 84 1.90 28.70 3.93
C ILE B 84 0.70 28.19 4.72
N ALA B 85 0.03 27.19 4.17
CA ALA B 85 -1.10 26.56 4.85
C ALA B 85 -0.67 25.42 5.75
N SER B 86 0.31 24.62 5.32
CA SER B 86 0.77 23.51 6.12
C SER B 86 1.98 22.87 5.46
N ILE B 87 2.82 22.26 6.27
CA ILE B 87 3.89 21.39 5.80
C ILE B 87 3.48 19.98 6.21
N ASP B 88 2.86 19.26 5.27
CA ASP B 88 2.14 18.03 5.63
C ASP B 88 3.10 16.95 6.11
N MET B 89 4.14 16.66 5.33
CA MET B 89 4.99 15.52 5.60
C MET B 89 6.46 15.89 5.38
N VAL B 90 7.32 15.24 6.14
CA VAL B 90 8.77 15.34 5.94
C VAL B 90 9.33 13.94 6.05
N SER B 91 9.69 13.34 4.91
CA SER B 91 10.10 11.95 4.87
C SER B 91 11.60 11.87 4.62
N GLU B 92 12.32 11.21 5.53
CA GLU B 92 13.75 11.01 5.34
C GLU B 92 14.03 10.00 4.24
N VAL B 93 13.15 9.00 4.07
CA VAL B 93 13.41 7.96 3.06
C VAL B 93 13.39 8.58 1.67
N ASN B 94 12.35 9.33 1.34
CA ASN B 94 12.25 9.97 0.04
C ASN B 94 13.02 11.27 -0.03
N MET B 95 13.48 11.80 1.10
CA MET B 95 14.20 13.07 1.14
C MET B 95 13.40 14.16 0.43
N ASP B 96 12.23 14.44 0.99
CA ASP B 96 11.36 15.47 0.45
C ASP B 96 10.33 15.83 1.51
N TYR B 97 9.66 16.95 1.29
CA TYR B 97 8.59 17.41 2.15
C TYR B 97 7.43 17.87 1.27
N THR B 98 6.23 17.87 1.85
CA THR B 98 5.03 18.29 1.16
C THR B 98 4.58 19.62 1.75
N LEU B 99 4.29 20.58 0.88
CA LEU B 99 3.96 21.94 1.27
C LEU B 99 2.72 22.40 0.54
N THR B 100 1.71 22.83 1.29
CA THR B 100 0.54 23.51 0.74
C THR B 100 0.65 24.99 1.03
N MET B 101 0.33 25.82 0.05
CA MET B 101 0.55 27.25 0.19
C MET B 101 -0.36 28.01 -0.75
N TYR B 102 -0.47 29.31 -0.50
CA TYR B 102 -1.11 30.26 -1.40
C TYR B 102 0.01 31.06 -2.04
N PHE B 103 0.15 30.92 -3.35
CA PHE B 103 1.28 31.46 -4.09
C PHE B 103 0.80 32.62 -4.95
N GLN B 104 1.16 33.84 -4.55
CA GLN B 104 0.74 35.06 -5.24
C GLN B 104 1.88 35.62 -6.08
N GLN B 105 1.53 36.19 -7.22
CA GLN B 105 2.47 36.88 -8.09
C GLN B 105 1.86 38.21 -8.51
N TYR B 106 2.66 39.27 -8.44
CA TYR B 106 2.23 40.62 -8.77
C TYR B 106 3.11 41.18 -9.86
N TRP B 107 2.49 41.73 -10.90
CA TRP B 107 3.22 42.45 -11.94
C TRP B 107 2.28 43.47 -12.56
N ARG B 108 2.87 44.46 -13.23
CA ARG B 108 2.11 45.53 -13.85
C ARG B 108 2.05 45.29 -15.35
N ASP B 109 0.84 45.37 -15.90
CA ASP B 109 0.61 45.23 -17.33
C ASP B 109 -0.22 46.42 -17.79
N LYS B 110 0.42 47.37 -18.46
CA LYS B 110 -0.28 48.57 -18.90
C LYS B 110 -1.38 48.26 -19.91
N ARG B 111 -1.29 47.12 -20.60
CA ARG B 111 -2.37 46.72 -21.49
C ARG B 111 -3.66 46.43 -20.73
N LEU B 112 -3.58 46.24 -19.41
CA LEU B 112 -4.75 45.93 -18.59
C LEU B 112 -5.12 47.08 -17.67
N ALA B 113 -4.59 48.28 -17.90
CA ALA B 113 -4.98 49.43 -17.11
C ALA B 113 -6.39 49.88 -17.51
N TYR B 114 -7.19 50.24 -16.52
CA TYR B 114 -8.54 50.73 -16.75
C TYR B 114 -8.84 51.85 -15.77
N SER B 115 -9.67 52.79 -16.22
CA SER B 115 -9.99 53.98 -15.44
C SER B 115 -11.50 54.20 -15.42
N GLY B 116 -11.95 54.96 -14.44
CA GLY B 116 -13.36 55.25 -14.24
C GLY B 116 -14.07 54.30 -13.30
N ILE B 117 -13.46 53.17 -12.95
CA ILE B 117 -14.02 52.21 -12.00
C ILE B 117 -13.16 52.26 -10.73
N PRO B 118 -13.69 52.76 -9.61
CA PRO B 118 -12.91 52.78 -8.35
C PRO B 118 -12.95 51.44 -7.62
N LEU B 119 -12.73 50.36 -8.36
CA LEU B 119 -12.79 49.01 -7.80
C LEU B 119 -11.70 48.15 -8.40
N ASN B 120 -11.22 47.20 -7.61
CA ASN B 120 -10.31 46.17 -8.10
C ASN B 120 -11.14 45.01 -8.61
N LEU B 121 -10.98 44.68 -9.89
CA LEU B 121 -11.88 43.75 -10.57
C LEU B 121 -11.36 42.33 -10.37
N THR B 122 -12.01 41.59 -9.47
CA THR B 122 -11.82 40.15 -9.39
C THR B 122 -12.65 39.49 -10.48
N LEU B 123 -12.01 38.69 -11.32
CA LEU B 123 -12.66 38.06 -12.45
C LEU B 123 -12.62 36.55 -12.28
N ASP B 124 -13.64 35.87 -12.82
CA ASP B 124 -13.68 34.42 -12.82
C ASP B 124 -12.30 33.86 -13.17
N ASN B 125 -11.87 32.86 -12.40
CA ASN B 125 -10.49 32.39 -12.50
C ASN B 125 -10.16 31.89 -13.90
N ARG B 126 -11.17 31.51 -14.68
CA ARG B 126 -10.91 31.02 -16.03
C ARG B 126 -10.35 32.09 -16.95
N VAL B 127 -10.49 33.36 -16.58
CA VAL B 127 -9.91 34.43 -17.39
C VAL B 127 -8.40 34.38 -17.39
N ALA B 128 -7.80 33.73 -16.39
CA ALA B 128 -6.34 33.63 -16.34
C ALA B 128 -5.79 32.98 -17.59
N ASP B 129 -6.53 32.06 -18.20
CA ASP B 129 -6.10 31.42 -19.44
C ASP B 129 -6.01 32.42 -20.59
N GLN B 130 -6.65 33.57 -20.47
CA GLN B 130 -6.66 34.58 -21.51
C GLN B 130 -5.59 35.64 -21.32
N LEU B 131 -4.84 35.59 -20.23
CA LEU B 131 -3.84 36.60 -19.89
C LEU B 131 -2.44 36.00 -19.96
N TRP B 132 -1.45 36.89 -19.98
CA TRP B 132 -0.06 36.50 -19.86
C TRP B 132 0.29 36.39 -18.38
N VAL B 133 0.84 35.24 -17.99
CA VAL B 133 1.29 35.03 -16.62
C VAL B 133 2.76 34.63 -16.68
N PRO B 134 3.50 34.84 -15.59
CA PRO B 134 4.91 34.44 -15.59
C PRO B 134 5.05 32.94 -15.74
N ASP B 135 6.14 32.52 -16.37
CA ASP B 135 6.44 31.10 -16.52
C ASP B 135 7.20 30.58 -15.30
N THR B 136 6.65 30.84 -14.12
CA THR B 136 7.29 30.49 -12.87
C THR B 136 7.13 29.00 -12.59
N TYR B 137 8.17 28.41 -12.02
CA TYR B 137 8.12 27.01 -11.62
C TYR B 137 9.03 26.81 -10.44
N PHE B 138 8.84 25.67 -9.76
CA PHE B 138 9.63 25.32 -8.59
C PHE B 138 10.68 24.30 -9.01
N LEU B 139 11.95 24.68 -8.87
CA LEU B 139 13.04 23.93 -9.47
C LEU B 139 13.21 22.57 -8.82
N ASN B 140 12.92 22.45 -7.52
CA ASN B 140 13.13 21.21 -6.79
C ASN B 140 11.83 20.50 -6.44
N ASP B 141 10.75 20.83 -7.13
CA ASP B 141 9.48 20.17 -6.85
C ASP B 141 9.41 18.83 -7.57
N LYS B 142 8.97 17.80 -6.85
CA LYS B 142 8.84 16.47 -7.41
C LYS B 142 7.44 16.25 -7.98
N LYS B 143 6.42 16.46 -7.16
CA LYS B 143 5.04 16.32 -7.57
C LYS B 143 4.25 17.50 -7.01
N SER B 144 3.46 18.15 -7.86
CA SER B 144 2.66 19.28 -7.40
C SER B 144 1.40 19.36 -8.24
N PHE B 145 0.39 20.03 -7.67
CA PHE B 145 -0.88 20.24 -8.37
C PHE B 145 -1.55 21.47 -7.79
N VAL B 146 -2.49 22.01 -8.55
CA VAL B 146 -3.38 23.06 -8.09
C VAL B 146 -4.67 22.39 -7.61
N HIS B 147 -5.12 22.77 -6.43
CA HIS B 147 -6.38 22.23 -5.92
C HIS B 147 -7.53 22.65 -6.82
N GLY B 148 -8.53 21.79 -6.93
CA GLY B 148 -9.59 21.99 -7.91
C GLY B 148 -10.99 21.73 -7.43
N VAL B 149 -11.23 21.78 -6.12
CA VAL B 149 -12.56 21.66 -5.55
C VAL B 149 -12.85 22.94 -4.76
N THR B 150 -14.01 23.55 -4.98
CA THR B 150 -15.04 23.12 -5.92
C THR B 150 -14.65 23.47 -7.35
N VAL B 151 -13.98 24.60 -7.51
CA VAL B 151 -13.44 25.03 -8.79
C VAL B 151 -11.93 25.10 -8.64
N LYS B 152 -11.23 25.47 -9.71
CA LYS B 152 -9.79 25.64 -9.61
C LYS B 152 -9.47 26.74 -8.60
N ASN B 153 -8.61 26.40 -7.63
CA ASN B 153 -8.23 27.34 -6.57
C ASN B 153 -7.25 28.34 -7.18
N ARG B 154 -7.81 29.29 -7.92
CA ARG B 154 -7.03 30.25 -8.67
C ARG B 154 -7.73 31.60 -8.63
N MET B 155 -6.95 32.67 -8.71
CA MET B 155 -7.48 34.01 -8.58
C MET B 155 -6.78 34.93 -9.55
N ILE B 156 -7.55 35.76 -10.25
CA ILE B 156 -7.05 36.89 -11.02
C ILE B 156 -7.77 38.13 -10.52
N ARG B 157 -7.01 39.16 -10.18
CA ARG B 157 -7.58 40.42 -9.73
C ARG B 157 -6.84 41.55 -10.43
N LEU B 158 -7.58 42.31 -11.22
CA LEU B 158 -7.01 43.46 -11.90
C LEU B 158 -7.11 44.70 -11.02
N HIS B 159 -6.23 45.65 -11.27
CA HIS B 159 -6.20 46.92 -10.55
C HIS B 159 -6.18 48.04 -11.58
N PRO B 160 -6.66 49.23 -11.20
CA PRO B 160 -6.76 50.31 -12.20
C PRO B 160 -5.45 50.62 -12.89
N ASP B 161 -4.33 50.59 -12.17
CA ASP B 161 -3.04 50.94 -12.76
C ASP B 161 -2.51 49.88 -13.71
N GLY B 162 -3.13 48.70 -13.75
CA GLY B 162 -2.65 47.60 -14.55
C GLY B 162 -2.02 46.48 -13.75
N THR B 163 -1.83 46.68 -12.44
CA THR B 163 -1.30 45.62 -11.60
C THR B 163 -2.17 44.39 -11.67
N VAL B 164 -1.55 43.23 -11.83
CA VAL B 164 -2.25 41.95 -11.87
C VAL B 164 -1.86 41.16 -10.64
N LEU B 165 -2.86 40.68 -9.91
CA LEU B 165 -2.66 39.74 -8.82
C LEU B 165 -3.13 38.37 -9.29
N TYR B 166 -2.20 37.42 -9.29
CA TYR B 166 -2.44 36.08 -9.79
C TYR B 166 -2.05 35.11 -8.68
N GLY B 167 -3.04 34.44 -8.10
CA GLY B 167 -2.83 33.59 -6.94
C GLY B 167 -3.27 32.16 -7.19
N LEU B 168 -2.50 31.22 -6.67
CA LEU B 168 -2.79 29.79 -6.78
C LEU B 168 -2.68 29.15 -5.40
N ARG B 169 -3.46 28.08 -5.19
CA ARG B 169 -3.30 27.23 -4.03
C ARG B 169 -2.62 25.94 -4.49
N ILE B 170 -1.38 25.76 -4.09
CA ILE B 170 -0.51 24.72 -4.62
C ILE B 170 -0.11 23.78 -3.49
N THR B 171 -0.17 22.49 -3.75
CA THR B 171 0.44 21.47 -2.89
C THR B 171 1.58 20.85 -3.67
N THR B 172 2.81 21.06 -3.22
CA THR B 172 3.99 20.63 -3.92
C THR B 172 4.85 19.75 -3.02
N THR B 173 5.26 18.60 -3.54
CA THR B 173 6.25 17.75 -2.89
C THR B 173 7.62 18.19 -3.41
N ALA B 174 8.43 18.75 -2.54
CA ALA B 174 9.70 19.35 -2.91
C ALA B 174 10.85 18.50 -2.41
N ALA B 175 11.88 18.37 -3.23
CA ALA B 175 13.05 17.58 -2.86
C ALA B 175 13.88 18.31 -1.81
N CYS B 176 14.23 17.60 -0.74
CA CYS B 176 15.04 18.17 0.34
C CYS B 176 16.10 17.14 0.70
N MET B 177 17.33 17.39 0.28
CA MET B 177 18.44 16.54 0.67
C MET B 177 18.71 16.69 2.16
N MET B 178 18.82 15.57 2.86
CA MET B 178 18.95 15.55 4.31
C MET B 178 20.23 14.84 4.72
N ASP B 179 20.93 15.43 5.69
CA ASP B 179 22.13 14.83 6.27
C ASP B 179 21.71 14.21 7.60
N LEU B 180 21.53 12.89 7.61
CA LEU B 180 20.97 12.19 8.74
C LEU B 180 22.03 11.48 9.57
N ARG B 181 23.29 11.90 9.46
CA ARG B 181 24.34 11.27 10.27
C ARG B 181 24.09 11.48 11.75
N ARG B 182 23.60 12.65 12.14
CA ARG B 182 23.34 12.98 13.53
C ARG B 182 21.93 12.62 13.98
N TYR B 183 21.19 11.87 13.17
CA TYR B 183 19.86 11.44 13.57
C TYR B 183 19.95 10.66 14.87
N PRO B 184 19.03 10.91 15.82
CA PRO B 184 17.86 11.78 15.79
C PRO B 184 18.15 13.19 16.28
N LEU B 185 19.42 13.54 16.43
CA LEU B 185 19.84 14.85 16.92
C LEU B 185 20.18 15.80 15.78
N ASP B 186 19.53 15.65 14.64
CA ASP B 186 19.89 16.36 13.42
C ASP B 186 19.01 17.58 13.21
N GLU B 187 19.56 18.56 12.51
CA GLU B 187 18.85 19.75 12.08
C GLU B 187 18.90 19.82 10.56
N GLN B 188 17.75 19.99 9.93
CA GLN B 188 17.65 19.97 8.48
C GLN B 188 17.33 21.36 7.95
N ASN B 189 17.69 21.58 6.69
CA ASN B 189 17.47 22.86 6.01
C ASN B 189 16.82 22.54 4.66
N CYS B 190 15.49 22.61 4.61
CA CYS B 190 14.74 22.38 3.39
C CYS B 190 14.39 23.72 2.74
N THR B 191 14.34 23.72 1.42
CA THR B 191 14.20 24.94 0.65
C THR B 191 13.12 24.76 -0.42
N LEU B 192 12.74 25.89 -1.03
CA LEU B 192 11.87 25.91 -2.19
C LEU B 192 12.44 26.93 -3.17
N GLU B 193 12.85 26.47 -4.34
CA GLU B 193 13.52 27.31 -5.33
C GLU B 193 12.52 27.71 -6.42
N ILE B 194 12.39 29.02 -6.64
CA ILE B 194 11.42 29.56 -7.57
C ILE B 194 12.19 30.22 -8.72
N GLU B 195 11.93 29.79 -9.94
CA GLU B 195 12.72 30.22 -11.08
C GLU B 195 11.81 30.39 -12.29
N SER B 196 12.31 31.16 -13.26
CA SER B 196 11.62 31.34 -14.53
C SER B 196 12.15 30.32 -15.52
N TYR B 197 11.25 29.56 -16.13
CA TYR B 197 11.68 28.50 -17.03
C TYR B 197 12.41 29.06 -18.25
N GLY B 198 11.86 30.10 -18.86
CA GLY B 198 12.37 30.56 -20.14
C GLY B 198 13.16 31.85 -20.11
N TYR B 199 12.71 32.81 -19.30
CA TYR B 199 13.24 34.16 -19.39
C TYR B 199 14.51 34.33 -18.59
N THR B 200 15.26 35.38 -18.92
CA THR B 200 16.43 35.81 -18.19
C THR B 200 16.13 37.14 -17.50
N THR B 201 17.10 37.62 -16.71
CA THR B 201 16.88 38.87 -15.99
C THR B 201 16.75 40.06 -16.94
N ASP B 202 17.13 39.90 -18.20
CA ASP B 202 16.85 40.94 -19.18
C ASP B 202 15.36 41.05 -19.50
N ASP B 203 14.58 40.02 -19.19
CA ASP B 203 13.15 40.00 -19.48
C ASP B 203 12.29 40.05 -18.24
N ILE B 204 12.61 39.27 -17.21
CA ILE B 204 11.78 39.15 -16.02
C ILE B 204 12.67 39.15 -14.79
N GLU B 205 12.24 39.87 -13.76
CA GLU B 205 12.97 39.95 -12.50
C GLU B 205 12.04 39.60 -11.35
N PHE B 206 12.55 38.80 -10.41
CA PHE B 206 11.78 38.38 -9.26
C PHE B 206 12.20 39.17 -8.03
N TYR B 207 11.24 39.38 -7.12
CA TYR B 207 11.55 39.93 -5.82
C TYR B 207 10.48 39.47 -4.84
N TRP B 208 10.84 39.49 -3.56
CA TRP B 208 9.89 39.14 -2.51
C TRP B 208 9.06 40.37 -2.17
N ARG B 209 7.77 40.30 -2.43
CA ARG B 209 6.89 41.44 -2.20
C ARG B 209 6.66 41.61 -0.70
N GLY B 210 7.13 42.71 -0.15
CA GLY B 210 7.10 42.93 1.27
C GLY B 210 8.37 42.54 2.00
N GLY B 211 9.46 42.30 1.29
CA GLY B 211 10.70 41.95 1.94
C GLY B 211 10.55 40.67 2.75
N ASP B 212 10.99 40.72 4.01
CA ASP B 212 10.93 39.56 4.88
C ASP B 212 9.51 39.25 5.35
N LYS B 213 8.55 40.13 5.08
CA LYS B 213 7.15 39.85 5.34
C LYS B 213 6.46 39.15 4.19
N ALA B 214 7.19 38.77 3.14
CA ALA B 214 6.58 38.16 1.98
C ALA B 214 5.95 36.82 2.32
N VAL B 215 6.63 36.00 3.10
CA VAL B 215 6.14 34.67 3.46
C VAL B 215 5.46 34.75 4.83
N THR B 216 4.26 34.20 4.91
CA THR B 216 3.47 34.20 6.13
C THR B 216 2.95 32.80 6.41
N GLY B 217 2.48 32.60 7.63
CA GLY B 217 1.93 31.32 8.04
C GLY B 217 2.93 30.34 8.62
N VAL B 218 4.20 30.71 8.69
CA VAL B 218 5.22 29.80 9.23
C VAL B 218 4.95 29.53 10.70
N GLU B 219 4.63 30.58 11.46
CA GLU B 219 4.45 30.43 12.90
C GLU B 219 3.32 29.46 13.26
N ARG B 220 2.39 29.23 12.34
CA ARG B 220 1.26 28.34 12.61
C ARG B 220 1.50 26.91 12.17
N ILE B 221 2.68 26.61 11.63
CA ILE B 221 2.96 25.26 11.15
C ILE B 221 3.27 24.37 12.35
N GLU B 222 2.61 23.23 12.41
CA GLU B 222 2.87 22.22 13.43
C GLU B 222 3.26 20.92 12.76
N LEU B 223 4.41 20.37 13.17
CA LEU B 223 4.91 19.12 12.66
C LEU B 223 5.04 18.13 13.80
N PRO B 224 4.54 16.90 13.66
CA PRO B 224 4.65 15.93 14.77
C PRO B 224 6.07 15.61 15.14
N GLN B 225 7.03 15.79 14.24
CA GLN B 225 8.39 15.32 14.45
C GLN B 225 9.44 16.43 14.51
N PHE B 226 9.18 17.59 13.92
CA PHE B 226 10.13 18.69 13.87
C PHE B 226 9.51 19.93 14.50
N SER B 227 10.30 21.01 14.52
CA SER B 227 9.82 22.33 14.87
C SER B 227 10.53 23.34 13.98
N ILE B 228 9.78 24.28 13.43
CA ILE B 228 10.39 25.29 12.57
C ILE B 228 11.17 26.26 13.44
N VAL B 229 12.48 26.30 13.25
CA VAL B 229 13.33 27.18 14.03
C VAL B 229 13.47 28.55 13.36
N GLU B 230 13.59 28.57 12.03
CA GLU B 230 13.81 29.80 11.31
C GLU B 230 13.39 29.59 9.87
N HIS B 231 13.19 30.70 9.16
CA HIS B 231 13.04 30.68 7.72
C HIS B 231 13.67 31.93 7.15
N ARG B 232 14.20 31.81 5.93
CA ARG B 232 14.89 32.90 5.26
C ARG B 232 14.41 33.05 3.83
N LEU B 233 14.42 34.27 3.35
CA LEU B 233 14.11 34.58 1.96
C LEU B 233 15.36 35.11 1.28
N VAL B 234 15.71 34.53 0.14
CA VAL B 234 16.89 34.92 -0.61
C VAL B 234 16.48 35.27 -2.04
N SER B 235 16.98 36.38 -2.54
CA SER B 235 16.81 36.77 -3.93
C SER B 235 18.19 36.82 -4.58
N ARG B 236 18.31 36.20 -5.74
CA ARG B 236 19.60 36.09 -6.41
C ARG B 236 19.37 35.81 -7.89
N ASN B 237 20.42 35.99 -8.68
CA ASN B 237 20.37 35.78 -10.13
C ASN B 237 21.37 34.69 -10.48
N VAL B 238 20.89 33.46 -10.61
CA VAL B 238 21.76 32.37 -11.04
C VAL B 238 22.31 32.68 -12.42
N VAL B 239 23.55 32.28 -12.67
CA VAL B 239 24.24 32.56 -13.92
C VAL B 239 24.60 31.24 -14.59
N PHE B 240 24.24 31.11 -15.86
CA PHE B 240 24.66 29.98 -16.68
C PHE B 240 25.29 30.51 -17.96
N ALA B 241 25.56 29.61 -18.91
CA ALA B 241 26.07 30.05 -20.21
C ALA B 241 25.04 30.92 -20.92
N THR B 242 23.76 30.53 -20.85
CA THR B 242 22.72 31.29 -21.53
C THR B 242 22.62 32.71 -20.97
N GLY B 243 22.68 32.86 -19.66
CA GLY B 243 22.62 34.17 -19.06
C GLY B 243 22.16 34.09 -17.62
N ALA B 244 21.84 35.27 -17.07
CA ALA B 244 21.37 35.38 -15.71
C ALA B 244 19.88 35.07 -15.63
N TYR B 245 19.50 34.27 -14.64
CA TYR B 245 18.11 33.89 -14.45
C TYR B 245 17.64 34.29 -13.05
N PRO B 246 16.43 34.81 -12.91
CA PRO B 246 15.95 35.15 -11.57
C PRO B 246 15.74 33.92 -10.71
N ARG B 247 15.98 34.09 -9.41
CA ARG B 247 15.84 32.99 -8.46
C ARG B 247 15.35 33.56 -7.14
N LEU B 248 14.37 32.89 -6.54
CA LEU B 248 13.94 33.17 -5.18
C LEU B 248 13.98 31.87 -4.40
N SER B 249 14.47 31.95 -3.16
CA SER B 249 14.61 30.77 -2.32
C SER B 249 13.92 31.02 -1.00
N LEU B 250 13.07 30.09 -0.60
CA LEU B 250 12.46 30.06 0.72
C LEU B 250 12.97 28.82 1.43
N SER B 251 13.57 29.00 2.60
CA SER B 251 14.21 27.91 3.32
C SER B 251 13.76 27.91 4.76
N PHE B 252 13.58 26.72 5.31
CA PHE B 252 13.23 26.52 6.71
C PHE B 252 14.30 25.67 7.38
N ARG B 253 14.56 25.94 8.65
CA ARG B 253 15.47 25.13 9.44
C ARG B 253 14.64 24.31 10.42
N LEU B 254 14.73 22.99 10.30
CA LEU B 254 13.95 22.06 11.11
C LEU B 254 14.85 21.40 12.13
N LYS B 255 14.45 21.43 13.39
CA LYS B 255 15.17 20.79 14.48
C LYS B 255 14.30 19.68 15.04
N ARG B 256 14.76 18.44 14.89
CA ARG B 256 13.94 17.29 15.28
C ARG B 256 13.69 17.28 16.77
N ASN B 257 12.49 16.86 17.16
CA ASN B 257 12.16 16.70 18.57
C ASN B 257 12.76 15.41 19.10
N ILE B 258 13.18 15.45 20.36
CA ILE B 258 13.95 14.36 20.96
C ILE B 258 13.15 13.56 21.97
N GLY B 259 11.95 14.01 22.36
CA GLY B 259 11.26 13.36 23.45
C GLY B 259 10.95 11.90 23.18
N TYR B 260 10.52 11.58 21.96
CA TYR B 260 10.17 10.20 21.65
C TYR B 260 11.38 9.29 21.74
N PHE B 261 12.54 9.75 21.25
CA PHE B 261 13.71 8.88 21.22
C PHE B 261 14.31 8.67 22.59
N ILE B 262 14.21 9.67 23.47
CA ILE B 262 14.71 9.50 24.83
C ILE B 262 13.99 8.35 25.52
N LEU B 263 12.66 8.35 25.49
CA LEU B 263 11.90 7.34 26.20
C LEU B 263 11.89 6.00 25.48
N GLN B 264 12.01 6.00 24.17
CA GLN B 264 11.85 4.78 23.39
C GLN B 264 13.16 4.09 23.04
N THR B 265 14.24 4.85 22.86
CA THR B 265 15.51 4.26 22.43
C THR B 265 16.60 4.40 23.48
N TYR B 266 16.90 5.63 23.93
CA TYR B 266 18.04 5.82 24.82
C TYR B 266 17.76 5.29 26.21
N MET B 267 16.59 5.61 26.78
CA MET B 267 16.30 5.17 28.13
C MET B 267 16.26 3.65 28.26
N PRO B 268 15.53 2.92 27.42
CA PRO B 268 15.57 1.45 27.54
C PRO B 268 16.95 0.87 27.39
N SER B 269 17.77 1.41 26.48
CA SER B 269 19.12 0.89 26.29
C SER B 269 19.97 1.12 27.53
N ILE B 270 19.84 2.31 28.15
CA ILE B 270 20.62 2.60 29.34
C ILE B 270 20.26 1.65 30.47
N LEU B 271 18.96 1.43 30.69
CA LEU B 271 18.53 0.60 31.80
C LEU B 271 18.98 -0.84 31.63
N ILE B 272 18.95 -1.36 30.40
CA ILE B 272 19.42 -2.72 30.15
C ILE B 272 20.91 -2.84 30.42
N THR B 273 21.67 -1.82 30.02
CA THR B 273 23.11 -1.85 30.28
C THR B 273 23.40 -1.84 31.78
N ILE B 274 22.68 -1.02 32.54
CA ILE B 274 22.87 -0.99 33.98
C ILE B 274 22.47 -2.33 34.60
N LEU B 275 21.44 -2.96 34.04
CA LEU B 275 20.99 -4.26 34.54
C LEU B 275 22.07 -5.33 34.33
N SER B 276 22.80 -5.24 33.22
CA SER B 276 23.85 -6.21 32.96
C SER B 276 24.95 -6.15 34.01
N TRP B 277 25.16 -4.99 34.63
CA TRP B 277 26.16 -4.87 35.68
C TRP B 277 25.76 -5.58 36.96
N VAL B 278 24.49 -5.96 37.11
CA VAL B 278 24.07 -6.68 38.31
C VAL B 278 24.83 -7.99 38.46
N SER B 279 25.26 -8.57 37.34
CA SER B 279 26.02 -9.81 37.41
C SER B 279 27.29 -9.65 38.22
N PHE B 280 27.91 -8.47 38.19
CA PHE B 280 29.15 -8.26 38.93
C PHE B 280 28.94 -8.35 40.43
N TRP B 281 27.71 -8.25 40.90
CA TRP B 281 27.40 -8.29 42.33
C TRP B 281 26.88 -9.64 42.78
N ILE B 282 26.84 -10.64 41.91
CA ILE B 282 26.40 -11.98 42.25
C ILE B 282 27.63 -12.86 42.38
N ASN B 283 27.53 -13.89 43.23
CA ASN B 283 28.66 -14.76 43.48
C ASN B 283 29.12 -15.43 42.20
N TYR B 284 30.44 -15.60 42.07
CA TYR B 284 30.99 -16.24 40.88
C TYR B 284 30.46 -17.64 40.70
N ASP B 285 30.11 -18.32 41.81
CA ASP B 285 29.62 -19.69 41.72
C ASP B 285 28.20 -19.78 41.21
N ALA B 286 27.45 -18.67 41.23
CA ALA B 286 26.08 -18.66 40.72
C ALA B 286 26.11 -18.51 39.20
N SER B 287 26.60 -19.57 38.55
CA SER B 287 26.78 -19.54 37.10
C SER B 287 25.44 -19.45 36.37
N ALA B 288 24.42 -20.14 36.87
CA ALA B 288 23.13 -20.13 36.20
C ALA B 288 22.48 -18.76 36.25
N ALA B 289 22.66 -18.03 37.36
CA ALA B 289 22.06 -16.72 37.49
C ALA B 289 22.81 -15.69 36.64
N ARG B 290 24.13 -15.72 36.64
CA ARG B 290 24.90 -14.69 35.96
C ARG B 290 24.86 -14.88 34.45
N VAL B 291 24.84 -16.13 33.99
CA VAL B 291 24.74 -16.38 32.55
C VAL B 291 23.36 -16.02 32.04
N ALA B 292 22.31 -16.42 32.78
CA ALA B 292 20.95 -16.07 32.39
C ALA B 292 20.76 -14.56 32.36
N LEU B 293 21.27 -13.87 33.37
CA LEU B 293 21.25 -12.41 33.36
C LEU B 293 22.01 -11.88 32.16
N GLY B 294 23.23 -12.40 31.93
CA GLY B 294 24.06 -11.86 30.88
C GLY B 294 23.51 -12.11 29.49
N ILE B 295 23.03 -13.33 29.22
CA ILE B 295 22.58 -13.65 27.87
C ILE B 295 21.20 -13.06 27.60
N THR B 296 20.35 -12.96 28.62
CA THR B 296 19.04 -12.36 28.42
C THR B 296 19.16 -10.87 28.13
N THR B 297 20.12 -10.18 28.75
CA THR B 297 20.36 -8.78 28.42
C THR B 297 20.84 -8.64 26.98
N VAL B 298 21.69 -9.56 26.52
CA VAL B 298 22.10 -9.55 25.12
C VAL B 298 20.89 -9.75 24.22
N LEU B 299 20.02 -10.70 24.57
CA LEU B 299 18.80 -10.90 23.81
C LEU B 299 17.90 -9.67 23.85
N THR B 300 17.75 -9.06 25.02
CA THR B 300 16.92 -7.87 25.11
C THR B 300 17.47 -6.76 24.24
N MET B 301 18.78 -6.58 24.25
CA MET B 301 19.39 -5.49 23.48
C MET B 301 19.19 -5.68 21.98
N THR B 302 19.31 -6.91 21.49
CA THR B 302 19.06 -7.16 20.07
C THR B 302 17.60 -6.98 19.72
N THR B 303 16.69 -7.31 20.64
CA THR B 303 15.28 -7.09 20.41
C THR B 303 14.98 -5.62 20.21
N ILE B 304 15.58 -4.75 21.01
CA ILE B 304 15.38 -3.32 20.85
C ILE B 304 15.91 -2.87 19.49
N ASN B 305 17.12 -3.31 19.14
CA ASN B 305 17.77 -2.82 17.93
C ASN B 305 17.07 -3.34 16.67
N THR B 306 16.65 -4.61 16.68
CA THR B 306 16.02 -5.18 15.49
C THR B 306 14.61 -4.62 15.31
N HIS B 307 13.87 -4.45 16.40
CA HIS B 307 12.54 -3.87 16.31
C HIS B 307 12.59 -2.37 16.08
N LEU B 308 13.62 -1.70 16.58
CA LEU B 308 13.83 -0.29 16.27
C LEU B 308 14.67 -0.14 15.02
N ARG B 309 14.36 -0.93 14.02
CA ARG B 309 14.90 -0.86 12.68
C ARG B 309 13.79 -0.86 11.64
N GLU B 310 12.72 -1.62 11.88
CA GLU B 310 11.59 -1.63 10.98
C GLU B 310 10.63 -0.49 11.25
N THR B 311 10.58 0.01 12.49
CA THR B 311 9.74 1.17 12.79
C THR B 311 10.36 2.46 12.31
N LEU B 312 11.69 2.59 12.42
CA LEU B 312 12.36 3.80 12.01
C LEU B 312 12.40 3.90 10.47
N PRO B 313 12.62 5.10 9.92
CA PRO B 313 12.47 5.34 8.48
C PRO B 313 13.67 4.90 7.63
N LYS B 314 14.14 3.67 7.86
CA LYS B 314 15.03 2.98 6.94
C LYS B 314 16.05 3.88 6.24
N ILE B 315 16.97 4.46 6.99
CA ILE B 315 18.04 5.28 6.41
C ILE B 315 19.31 4.44 6.41
N PRO B 316 19.69 3.81 5.30
CA PRO B 316 20.79 2.82 5.33
C PRO B 316 22.18 3.43 5.33
N TYR B 317 22.54 4.08 6.44
CA TYR B 317 23.93 4.38 6.74
C TYR B 317 24.02 4.70 8.23
N VAL B 318 25.26 4.75 8.72
CA VAL B 318 25.49 4.79 10.16
C VAL B 318 25.12 6.16 10.71
N LYS B 319 24.13 6.18 11.59
CA LYS B 319 23.64 7.39 12.23
C LYS B 319 24.00 7.39 13.71
N ALA B 320 23.71 8.50 14.38
CA ALA B 320 24.05 8.62 15.79
C ALA B 320 23.30 7.58 16.62
N ILE B 321 22.05 7.29 16.25
CA ILE B 321 21.27 6.30 17.00
C ILE B 321 21.90 4.92 16.86
N ASP B 322 22.41 4.60 15.66
CA ASP B 322 23.06 3.31 15.47
C ASP B 322 24.28 3.18 16.37
N MET B 323 25.08 4.25 16.48
CA MET B 323 26.29 4.19 17.28
C MET B 323 25.97 3.93 18.75
N TYR B 324 24.93 4.58 19.27
CA TYR B 324 24.61 4.42 20.68
C TYR B 324 24.10 3.01 20.97
N LEU B 325 23.24 2.48 20.10
CA LEU B 325 22.76 1.12 20.30
C LEU B 325 23.89 0.12 20.18
N MET B 326 24.79 0.32 19.22
CA MET B 326 25.93 -0.58 19.08
C MET B 326 26.83 -0.52 20.30
N GLY B 327 27.07 0.69 20.82
CA GLY B 327 27.90 0.81 22.01
C GLY B 327 27.32 0.06 23.20
N CYS B 328 26.02 0.22 23.42
CA CYS B 328 25.38 -0.48 24.53
C CYS B 328 25.43 -2.00 24.33
N PHE B 329 25.29 -2.45 23.08
CA PHE B 329 25.38 -3.88 22.81
C PHE B 329 26.76 -4.42 23.16
N VAL B 330 27.81 -3.64 22.90
CA VAL B 330 29.16 -4.05 23.24
C VAL B 330 29.33 -4.14 24.75
N PHE B 331 28.74 -3.20 25.49
CA PHE B 331 28.90 -3.19 26.94
C PHE B 331 28.26 -4.41 27.58
N VAL B 332 27.04 -4.79 27.13
CA VAL B 332 26.41 -5.98 27.69
C VAL B 332 27.13 -7.24 27.20
N PHE B 333 27.63 -7.21 25.96
CA PHE B 333 28.46 -8.30 25.47
C PHE B 333 29.71 -8.46 26.33
N LEU B 334 30.35 -7.36 26.70
CA LEU B 334 31.53 -7.43 27.53
C LEU B 334 31.20 -7.84 28.96
N ALA B 335 30.05 -7.44 29.47
CA ALA B 335 29.67 -7.84 30.83
C ALA B 335 29.48 -9.35 30.94
N LEU B 336 28.84 -9.95 29.94
CA LEU B 336 28.72 -11.41 29.93
C LEU B 336 30.07 -12.07 29.75
N LEU B 337 30.89 -11.53 28.86
CA LEU B 337 32.22 -12.10 28.64
CA LEU B 337 32.22 -12.10 28.64
C LEU B 337 33.08 -12.00 29.88
N GLU B 338 32.80 -11.05 30.76
CA GLU B 338 33.56 -10.92 32.00
C GLU B 338 33.36 -12.13 32.90
N TYR B 339 32.13 -12.64 32.99
CA TYR B 339 31.90 -13.80 33.85
C TYR B 339 32.57 -15.04 33.29
N ALA B 340 32.61 -15.19 31.97
CA ALA B 340 33.35 -16.30 31.39
C ALA B 340 34.79 -16.28 31.88
N PHE B 341 35.38 -15.09 31.97
CA PHE B 341 36.72 -14.97 32.53
CA PHE B 341 36.72 -14.97 32.53
C PHE B 341 36.74 -15.35 34.00
N VAL B 342 35.78 -14.87 34.78
CA VAL B 342 35.70 -15.20 36.19
C VAL B 342 35.54 -16.70 36.38
N ASN B 343 34.64 -17.31 35.60
CA ASN B 343 34.40 -18.75 35.73
C ASN B 343 35.65 -19.54 35.35
N TYR B 344 36.32 -19.14 34.27
CA TYR B 344 37.48 -19.90 33.80
C TYR B 344 38.64 -19.85 34.78
N ILE B 345 38.89 -18.67 35.35
CA ILE B 345 40.03 -18.54 36.25
C ILE B 345 39.85 -19.40 37.49
N PHE B 346 38.64 -19.40 38.06
CA PHE B 346 38.39 -20.23 39.23
C PHE B 346 38.36 -21.71 38.85
N PHE B 347 37.43 -22.09 37.98
CA PHE B 347 37.25 -23.50 37.65
C PHE B 347 38.32 -24.00 36.70
N GLY B 348 38.74 -23.17 35.74
CA GLY B 348 39.70 -23.61 34.76
C GLY B 348 41.12 -23.64 35.28
N ARG B 349 41.65 -22.49 35.67
CA ARG B 349 43.03 -22.37 36.11
C ARG B 349 43.20 -22.45 37.62
N GLY B 350 42.13 -22.68 38.37
CA GLY B 350 42.23 -22.75 39.81
C GLY B 350 43.14 -23.86 40.28
N PRO B 351 42.93 -25.08 39.74
CA PRO B 351 43.84 -26.20 40.05
C PRO B 351 45.19 -26.09 39.34
N ASP B 461 41.91 -13.04 43.41
CA ASP B 461 41.86 -13.05 41.95
C ASP B 461 40.41 -13.04 41.46
N VAL B 462 39.67 -14.09 41.82
CA VAL B 462 38.30 -14.22 41.31
C VAL B 462 37.45 -13.05 41.79
N ASN B 463 37.58 -12.69 43.06
CA ASN B 463 36.83 -11.55 43.58
CA ASN B 463 36.83 -11.55 43.58
C ASN B 463 37.39 -10.23 43.07
N ALA B 464 38.68 -10.18 42.76
CA ALA B 464 39.27 -8.95 42.25
C ALA B 464 38.65 -8.55 40.92
N ILE B 465 38.44 -9.52 40.02
CA ILE B 465 37.90 -9.21 38.71
C ILE B 465 36.50 -8.63 38.82
N ASP B 466 35.67 -9.20 39.70
CA ASP B 466 34.32 -8.67 39.89
C ASP B 466 34.37 -7.34 40.61
N ARG B 467 35.15 -7.25 41.69
CA ARG B 467 35.25 -5.98 42.41
C ARG B 467 35.74 -4.88 41.50
N TRP B 468 36.74 -5.18 40.67
CA TRP B 468 37.21 -4.20 39.69
CA TRP B 468 37.21 -4.20 39.69
C TRP B 468 36.13 -3.89 38.66
N SER B 469 35.37 -4.89 38.24
CA SER B 469 34.31 -4.67 37.26
C SER B 469 33.20 -3.79 37.82
N ARG B 470 33.00 -3.80 39.14
CA ARG B 470 31.95 -2.98 39.73
C ARG B 470 32.22 -1.49 39.61
N ILE B 471 33.44 -1.11 39.21
CA ILE B 471 33.81 0.29 39.06
C ILE B 471 34.06 0.64 37.59
N VAL B 472 34.82 -0.20 36.89
CA VAL B 472 35.23 0.12 35.53
C VAL B 472 34.02 0.20 34.61
N PHE B 473 33.11 -0.78 34.72
CA PHE B 473 31.95 -0.78 33.83
C PHE B 473 31.07 0.44 34.04
N PRO B 474 30.64 0.78 35.27
CA PRO B 474 29.90 2.03 35.43
C PRO B 474 30.69 3.25 34.99
N PHE B 475 32.00 3.26 35.23
CA PHE B 475 32.81 4.42 34.87
C PHE B 475 32.96 4.55 33.37
N THR B 476 33.27 3.46 32.68
CA THR B 476 33.50 3.54 31.24
C THR B 476 32.22 3.84 30.48
N PHE B 477 31.08 3.37 30.97
CA PHE B 477 29.81 3.71 30.34
C PHE B 477 29.52 5.20 30.48
N SER B 478 29.83 5.78 31.65
CA SER B 478 29.72 7.23 31.79
C SER B 478 30.64 7.96 30.83
N LEU B 479 31.87 7.46 30.68
CA LEU B 479 32.80 8.09 29.75
C LEU B 479 32.30 7.98 28.31
N PHE B 480 31.75 6.81 27.95
CA PHE B 480 31.18 6.64 26.63
C PHE B 480 30.02 7.61 26.41
N ASN B 481 29.15 7.77 27.40
CA ASN B 481 28.03 8.69 27.25
C ASN B 481 28.49 10.13 27.12
N LEU B 482 29.48 10.54 27.92
CA LEU B 482 29.99 11.90 27.83
C LEU B 482 30.49 12.18 26.41
N VAL B 483 31.30 11.28 25.85
CA VAL B 483 31.82 11.48 24.51
C VAL B 483 30.69 11.51 23.50
N TYR B 484 29.73 10.59 23.62
CA TYR B 484 28.64 10.53 22.66
C TYR B 484 27.85 11.83 22.64
N TRP B 485 27.43 12.29 23.82
CA TRP B 485 26.57 13.46 23.86
C TRP B 485 27.34 14.73 23.51
N LEU B 486 28.59 14.84 23.97
CA LEU B 486 29.40 15.98 23.56
C LEU B 486 29.64 15.99 22.06
N TYR B 487 29.96 14.83 21.49
CA TYR B 487 30.20 14.76 20.05
C TYR B 487 28.95 15.09 19.25
N TYR B 488 27.80 14.59 19.68
CA TYR B 488 26.55 14.76 18.96
C TYR B 488 25.70 15.91 19.48
N VAL B 489 26.17 16.63 20.51
CA VAL B 489 25.45 17.78 21.01
C VAL B 489 26.43 18.88 21.39
N MET C 49 -22.07 2.17 -46.68
CA MET C 49 -21.84 2.80 -45.35
C MET C 49 -22.43 4.20 -45.32
N SER C 50 -22.48 4.84 -46.49
CA SER C 50 -23.01 6.20 -46.57
C SER C 50 -24.48 6.25 -46.17
N PHE C 51 -25.26 5.24 -46.55
CA PHE C 51 -26.67 5.22 -46.18
C PHE C 51 -26.83 5.20 -44.67
N VAL C 52 -26.08 4.33 -43.99
CA VAL C 52 -26.14 4.29 -42.53
C VAL C 52 -25.55 5.55 -41.94
N LYS C 53 -24.49 6.09 -42.56
CA LYS C 53 -23.90 7.33 -42.07
C LYS C 53 -24.91 8.46 -42.09
N GLU C 54 -25.66 8.59 -43.20
CA GLU C 54 -26.71 9.59 -43.26
C GLU C 54 -27.87 9.25 -42.35
N THR C 55 -28.14 7.97 -42.16
CA THR C 55 -29.17 7.56 -41.20
C THR C 55 -28.82 8.03 -39.80
N VAL C 56 -27.56 7.86 -39.40
CA VAL C 56 -27.15 8.26 -38.06
C VAL C 56 -27.14 9.78 -37.94
N ASP C 57 -26.57 10.47 -38.92
CA ASP C 57 -26.58 11.93 -38.89
C ASP C 57 -28.00 12.47 -38.81
N LYS C 58 -28.96 11.75 -39.38
CA LYS C 58 -30.35 12.15 -39.28
C LYS C 58 -30.82 12.11 -37.83
N LEU C 59 -30.44 11.06 -37.09
CA LEU C 59 -30.88 10.93 -35.71
C LEU C 59 -30.34 12.07 -34.86
N LEU C 60 -29.03 12.31 -34.92
CA LEU C 60 -28.42 13.31 -34.05
C LEU C 60 -28.80 14.73 -34.47
N LYS C 61 -28.97 14.98 -35.77
CA LYS C 61 -29.33 16.30 -36.22
C LYS C 61 -30.64 16.72 -35.58
N GLY C 62 -30.60 17.83 -34.84
CA GLY C 62 -31.74 18.29 -34.09
C GLY C 62 -31.92 17.63 -32.74
N TYR C 63 -31.06 16.68 -32.38
CA TYR C 63 -31.15 16.02 -31.09
C TYR C 63 -30.79 17.00 -29.97
N ASP C 64 -31.47 16.86 -28.84
CA ASP C 64 -31.23 17.72 -27.68
C ASP C 64 -30.90 16.81 -26.49
N ILE C 65 -29.61 16.72 -26.16
CA ILE C 65 -29.18 15.88 -25.06
C ILE C 65 -29.66 16.41 -23.72
N ARG C 66 -30.09 17.66 -23.66
CA ARG C 66 -30.49 18.28 -22.40
C ARG C 66 -31.89 17.88 -21.97
N LEU C 67 -32.65 17.19 -22.82
CA LEU C 67 -34.02 16.78 -22.51
C LEU C 67 -34.09 15.26 -22.42
N ARG C 68 -34.73 14.75 -21.37
CA ARG C 68 -34.87 13.33 -21.21
C ARG C 68 -35.86 12.77 -22.23
N PRO C 69 -35.76 11.47 -22.53
CA PRO C 69 -36.79 10.85 -23.38
C PRO C 69 -38.16 11.02 -22.78
N ASP C 70 -39.16 11.21 -23.64
CA ASP C 70 -40.53 11.47 -23.20
C ASP C 70 -40.58 12.64 -22.23
N PHE C 71 -39.87 13.72 -22.57
CA PHE C 71 -39.82 14.87 -21.68
C PHE C 71 -41.23 15.42 -21.46
N GLY C 72 -41.59 15.61 -20.19
CA GLY C 72 -42.91 16.06 -19.83
C GLY C 72 -43.97 14.98 -19.88
N GLY C 73 -43.63 13.78 -20.33
CA GLY C 73 -44.56 12.69 -20.39
C GLY C 73 -44.36 11.72 -19.23
N PRO C 74 -44.69 10.45 -19.45
CA PRO C 74 -44.48 9.46 -18.41
C PRO C 74 -43.01 9.33 -18.08
N PRO C 75 -42.67 8.93 -16.86
CA PRO C 75 -41.25 8.77 -16.51
C PRO C 75 -40.58 7.74 -17.40
N VAL C 76 -39.31 7.97 -17.71
CA VAL C 76 -38.53 7.05 -18.52
C VAL C 76 -38.09 5.89 -17.62
N CYS C 77 -38.44 4.67 -18.02
CA CYS C 77 -38.07 3.47 -17.27
C CYS C 77 -36.70 3.01 -17.72
N VAL C 78 -35.76 2.91 -16.77
CA VAL C 78 -34.40 2.47 -17.05
C VAL C 78 -34.19 1.12 -16.39
N GLY C 79 -33.96 0.09 -17.20
CA GLY C 79 -33.62 -1.22 -16.69
C GLY C 79 -32.13 -1.35 -16.52
N MET C 80 -31.73 -2.08 -15.49
CA MET C 80 -30.32 -2.21 -15.16
C MET C 80 -29.97 -3.66 -14.87
N ASN C 81 -28.81 -4.08 -15.37
CA ASN C 81 -28.25 -5.38 -15.04
C ASN C 81 -26.75 -5.22 -14.90
N ILE C 82 -26.16 -6.01 -14.01
CA ILE C 82 -24.74 -5.93 -13.68
C ILE C 82 -24.11 -7.30 -13.88
N ASP C 83 -22.97 -7.33 -14.56
CA ASP C 83 -22.17 -8.53 -14.68
C ASP C 83 -20.91 -8.29 -13.84
N ILE C 84 -20.84 -8.96 -12.70
CA ILE C 84 -19.75 -8.72 -11.76
C ILE C 84 -18.49 -9.40 -12.26
N ALA C 85 -17.41 -8.64 -12.36
CA ALA C 85 -16.12 -9.18 -12.77
C ALA C 85 -15.34 -9.73 -11.59
N SER C 86 -15.21 -8.95 -10.52
CA SER C 86 -14.44 -9.39 -9.36
C SER C 86 -14.69 -8.43 -8.21
N ILE C 87 -14.43 -8.93 -7.00
CA ILE C 87 -14.28 -8.08 -5.83
C ILE C 87 -12.82 -8.15 -5.42
N ASP C 88 -12.04 -7.19 -5.89
CA ASP C 88 -10.58 -7.28 -5.76
C ASP C 88 -10.16 -7.27 -4.29
N MET C 89 -10.74 -6.39 -3.49
CA MET C 89 -10.31 -6.22 -2.11
C MET C 89 -11.51 -6.02 -1.21
N VAL C 90 -11.33 -6.36 0.06
CA VAL C 90 -12.27 -6.06 1.12
C VAL C 90 -11.43 -5.68 2.34
N SER C 91 -11.38 -4.40 2.67
CA SER C 91 -10.49 -3.90 3.71
C SER C 91 -11.30 -3.49 4.93
N GLU C 92 -10.92 -4.03 6.09
CA GLU C 92 -11.57 -3.64 7.34
C GLU C 92 -11.07 -2.29 7.84
N VAL C 93 -9.81 -1.94 7.56
CA VAL C 93 -9.27 -0.68 8.04
C VAL C 93 -10.04 0.49 7.43
N ASN C 94 -10.19 0.49 6.11
CA ASN C 94 -10.96 1.51 5.43
C ASN C 94 -12.45 1.20 5.38
N MET C 95 -12.84 -0.03 5.68
CA MET C 95 -14.24 -0.44 5.65
C MET C 95 -14.86 -0.16 4.28
N ASP C 96 -14.32 -0.85 3.27
CA ASP C 96 -14.83 -0.74 1.92
C ASP C 96 -14.29 -1.91 1.11
N TYR C 97 -14.88 -2.10 -0.07
CA TYR C 97 -14.48 -3.17 -0.98
C TYR C 97 -14.37 -2.58 -2.38
N THR C 98 -13.52 -3.19 -3.20
CA THR C 98 -13.33 -2.78 -4.57
C THR C 98 -14.02 -3.77 -5.49
N LEU C 99 -14.83 -3.24 -6.41
CA LEU C 99 -15.69 -4.05 -7.27
C LEU C 99 -15.44 -3.67 -8.71
N THR C 100 -15.25 -4.66 -9.57
CA THR C 100 -15.20 -4.47 -11.01
C THR C 100 -16.43 -5.14 -11.63
N MET C 101 -17.09 -4.43 -12.53
CA MET C 101 -18.34 -4.92 -13.09
C MET C 101 -18.56 -4.31 -14.46
N TYR C 102 -19.48 -4.92 -15.20
CA TYR C 102 -20.04 -4.32 -16.40
C TYR C 102 -21.43 -3.81 -16.01
N PHE C 103 -21.60 -2.50 -16.01
CA PHE C 103 -22.84 -1.86 -15.60
C PHE C 103 -23.61 -1.45 -16.83
N GLN C 104 -24.80 -2.03 -17.01
CA GLN C 104 -25.59 -1.83 -18.21
C GLN C 104 -26.89 -1.11 -17.88
N GLN C 105 -27.24 -0.15 -18.72
CA GLN C 105 -28.49 0.58 -18.60
C GLN C 105 -29.26 0.46 -19.90
N TYR C 106 -30.57 0.27 -19.79
CA TYR C 106 -31.42 -0.08 -20.92
C TYR C 106 -32.70 0.73 -20.80
N TRP C 107 -32.97 1.56 -21.80
CA TRP C 107 -34.16 2.39 -21.80
C TRP C 107 -34.58 2.61 -23.24
N ARG C 108 -35.70 3.31 -23.42
CA ARG C 108 -36.27 3.55 -24.75
C ARG C 108 -36.30 5.05 -25.01
N ASP C 109 -35.77 5.46 -26.17
CA ASP C 109 -35.79 6.85 -26.59
C ASP C 109 -36.37 6.91 -28.00
N LYS C 110 -37.57 7.48 -28.12
CA LYS C 110 -38.23 7.54 -29.41
C LYS C 110 -37.47 8.41 -30.41
N ARG C 111 -36.73 9.41 -29.91
CA ARG C 111 -35.99 10.29 -30.81
C ARG C 111 -34.89 9.56 -31.56
N LEU C 112 -34.52 8.35 -31.14
CA LEU C 112 -33.47 7.57 -31.77
C LEU C 112 -34.00 6.42 -32.60
N ALA C 113 -35.30 6.42 -32.90
CA ALA C 113 -35.87 5.36 -33.73
C ALA C 113 -35.42 5.53 -35.18
N TYR C 114 -34.97 4.44 -35.78
CA TYR C 114 -34.53 4.44 -37.18
C TYR C 114 -35.19 3.28 -37.91
N SER C 115 -35.50 3.52 -39.19
CA SER C 115 -36.21 2.55 -40.01
C SER C 115 -35.43 2.32 -41.30
N GLY C 116 -35.64 1.13 -41.89
CA GLY C 116 -34.98 0.73 -43.10
C GLY C 116 -33.76 -0.15 -42.88
N ILE C 117 -33.19 -0.14 -41.68
CA ILE C 117 -32.02 -0.93 -41.33
C ILE C 117 -32.47 -2.03 -40.38
N PRO C 118 -32.52 -3.31 -40.80
CA PRO C 118 -32.95 -4.40 -39.93
C PRO C 118 -31.83 -4.93 -39.03
N LEU C 119 -31.10 -4.02 -38.40
CA LEU C 119 -29.97 -4.39 -37.57
C LEU C 119 -29.88 -3.44 -36.37
N ASN C 120 -29.27 -3.94 -35.30
CA ASN C 120 -29.06 -3.15 -34.10
C ASN C 120 -27.69 -2.48 -34.21
N LEU C 121 -27.68 -1.16 -34.36
CA LEU C 121 -26.44 -0.43 -34.63
C LEU C 121 -25.54 -0.46 -33.41
N THR C 122 -24.40 -1.14 -33.53
CA THR C 122 -23.32 -1.03 -32.55
C THR C 122 -22.38 0.06 -33.02
N LEU C 123 -22.30 1.14 -32.25
CA LEU C 123 -21.57 2.34 -32.66
C LEU C 123 -20.30 2.50 -31.82
N ASP C 124 -19.45 3.42 -32.27
CA ASP C 124 -18.25 3.75 -31.53
C ASP C 124 -18.62 4.34 -30.17
N ASN C 125 -17.79 4.06 -29.17
CA ASN C 125 -18.09 4.51 -27.81
C ASN C 125 -18.16 6.04 -27.73
N ARG C 126 -17.51 6.75 -28.65
CA ARG C 126 -17.54 8.21 -28.60
C ARG C 126 -18.91 8.77 -28.92
N VAL C 127 -19.80 7.99 -29.53
CA VAL C 127 -21.15 8.47 -29.79
C VAL C 127 -21.95 8.63 -28.51
N ALA C 128 -21.50 8.02 -27.41
CA ALA C 128 -22.21 8.13 -26.14
C ALA C 128 -22.22 9.56 -25.61
N ASP C 129 -21.28 10.40 -26.04
CA ASP C 129 -21.20 11.78 -25.59
C ASP C 129 -22.17 12.70 -26.30
N GLN C 130 -22.92 12.18 -27.27
CA GLN C 130 -23.86 12.97 -28.05
C GLN C 130 -25.31 12.61 -27.79
N LEU C 131 -25.57 11.68 -26.87
CA LEU C 131 -26.91 11.24 -26.54
C LEU C 131 -27.25 11.64 -25.11
N TRP C 132 -28.54 11.52 -24.78
CA TRP C 132 -28.97 11.60 -23.40
C TRP C 132 -28.73 10.27 -22.72
N VAL C 133 -28.18 10.31 -21.51
CA VAL C 133 -27.99 9.09 -20.72
C VAL C 133 -28.48 9.39 -19.31
N PRO C 134 -28.89 8.37 -18.55
CA PRO C 134 -29.36 8.63 -17.19
C PRO C 134 -28.25 9.16 -16.30
N ASP C 135 -28.63 9.97 -15.32
CA ASP C 135 -27.69 10.50 -14.34
C ASP C 135 -27.56 9.57 -13.14
N THR C 136 -27.27 8.30 -13.41
CA THR C 136 -27.11 7.31 -12.37
C THR C 136 -25.77 7.46 -11.68
N TYR C 137 -25.78 7.32 -10.36
CA TYR C 137 -24.56 7.36 -9.57
C TYR C 137 -24.70 6.35 -8.44
N PHE C 138 -23.58 6.03 -7.81
CA PHE C 138 -23.55 5.07 -6.73
C PHE C 138 -23.41 5.81 -5.40
N LEU C 139 -24.39 5.63 -4.52
CA LEU C 139 -24.51 6.48 -3.35
C LEU C 139 -23.32 6.28 -2.40
N ASN C 140 -22.93 5.03 -2.17
CA ASN C 140 -21.86 4.71 -1.22
C ASN C 140 -20.51 4.53 -1.91
N ASP C 141 -20.31 5.17 -3.05
CA ASP C 141 -19.11 4.99 -3.85
C ASP C 141 -18.04 5.99 -3.42
N LYS C 142 -16.91 5.48 -2.94
CA LYS C 142 -15.82 6.33 -2.49
C LYS C 142 -14.98 6.83 -3.66
N LYS C 143 -14.60 5.91 -4.56
CA LYS C 143 -13.86 6.27 -5.75
C LYS C 143 -14.17 5.23 -6.82
N SER C 144 -14.26 5.69 -8.06
CA SER C 144 -14.55 4.80 -9.17
C SER C 144 -14.06 5.43 -10.46
N PHE C 145 -13.94 4.60 -11.49
CA PHE C 145 -13.52 5.06 -12.80
C PHE C 145 -14.01 4.08 -13.86
N VAL C 146 -14.04 4.54 -15.09
CA VAL C 146 -14.27 3.69 -16.25
C VAL C 146 -12.90 3.36 -16.84
N HIS C 147 -12.68 2.07 -17.11
CA HIS C 147 -11.40 1.65 -17.69
C HIS C 147 -11.22 2.30 -19.06
N GLY C 148 -9.97 2.62 -19.38
CA GLY C 148 -9.69 3.45 -20.55
C GLY C 148 -8.68 2.90 -21.53
N VAL C 149 -8.34 1.63 -21.44
CA VAL C 149 -7.35 1.00 -22.32
C VAL C 149 -8.02 -0.18 -23.02
N THR C 150 -7.86 -0.29 -24.33
CA THR C 150 -7.11 0.64 -25.18
C THR C 150 -7.93 1.90 -25.44
N VAL C 151 -9.25 1.74 -25.51
CA VAL C 151 -10.17 2.86 -25.63
C VAL C 151 -11.00 2.91 -24.35
N LYS C 152 -11.85 3.93 -24.22
CA LYS C 152 -12.71 4.00 -23.05
C LYS C 152 -13.68 2.84 -23.06
N ASN C 153 -13.72 2.11 -21.95
CA ASN C 153 -14.50 0.88 -21.89
C ASN C 153 -15.98 1.21 -21.81
N ARG C 154 -16.55 1.63 -22.93
CA ARG C 154 -17.91 2.12 -22.99
C ARG C 154 -18.57 1.62 -24.26
N MET C 155 -19.87 1.38 -24.19
CA MET C 155 -20.61 0.78 -25.28
C MET C 155 -21.95 1.47 -25.44
N ILE C 156 -22.32 1.74 -26.68
CA ILE C 156 -23.64 2.23 -27.05
C ILE C 156 -24.17 1.36 -28.16
N ARG C 157 -25.40 0.87 -28.00
CA ARG C 157 -26.05 0.03 -29.00
C ARG C 157 -27.47 0.52 -29.17
N LEU C 158 -27.82 0.92 -30.39
CA LEU C 158 -29.15 1.39 -30.71
C LEU C 158 -29.96 0.27 -31.35
N HIS C 159 -31.27 0.39 -31.25
CA HIS C 159 -32.20 -0.55 -31.84
C HIS C 159 -33.26 0.21 -32.61
N PRO C 160 -33.89 -0.42 -33.61
CA PRO C 160 -34.81 0.34 -34.47
C PRO C 160 -35.92 1.04 -33.72
N ASP C 161 -36.44 0.44 -32.67
CA ASP C 161 -37.56 1.02 -31.92
C ASP C 161 -37.12 2.10 -30.95
N GLY C 162 -35.90 2.61 -31.06
CA GLY C 162 -35.44 3.66 -30.17
C GLY C 162 -34.88 3.19 -28.85
N THR C 163 -34.69 1.88 -28.67
CA THR C 163 -34.15 1.35 -27.43
C THR C 163 -32.64 1.51 -27.40
N VAL C 164 -32.12 2.00 -26.28
CA VAL C 164 -30.69 2.25 -26.10
C VAL C 164 -30.16 1.27 -25.08
N LEU C 165 -29.06 0.60 -25.44
CA LEU C 165 -28.30 -0.23 -24.51
C LEU C 165 -26.96 0.45 -24.27
N TYR C 166 -26.62 0.64 -22.99
CA TYR C 166 -25.49 1.47 -22.59
C TYR C 166 -24.69 0.71 -21.54
N GLY C 167 -23.49 0.28 -21.89
CA GLY C 167 -22.66 -0.51 -21.00
C GLY C 167 -21.38 0.21 -20.63
N LEU C 168 -20.97 0.08 -19.37
CA LEU C 168 -19.75 0.66 -18.86
C LEU C 168 -19.01 -0.39 -18.04
N ARG C 169 -17.70 -0.45 -18.19
CA ARG C 169 -16.86 -1.29 -17.36
C ARG C 169 -16.27 -0.42 -16.26
N ILE C 170 -16.73 -0.65 -15.03
CA ILE C 170 -16.49 0.24 -13.91
C ILE C 170 -15.76 -0.52 -12.81
N THR C 171 -14.72 0.10 -12.26
CA THR C 171 -14.13 -0.32 -11.00
C THR C 171 -14.49 0.74 -9.97
N THR C 172 -15.14 0.32 -8.89
CA THR C 172 -15.62 1.25 -7.86
C THR C 172 -15.23 0.74 -6.49
N THR C 173 -14.81 1.65 -5.62
CA THR C 173 -14.56 1.36 -4.22
C THR C 173 -15.76 1.88 -3.44
N ALA C 174 -16.54 0.98 -2.87
CA ALA C 174 -17.79 1.32 -2.22
C ALA C 174 -17.64 1.14 -0.71
N ALA C 175 -18.17 2.10 0.04
CA ALA C 175 -18.09 2.05 1.49
C ALA C 175 -18.95 0.93 2.04
N CYS C 176 -18.39 0.18 2.99
CA CYS C 176 -19.09 -0.93 3.64
C CYS C 176 -18.77 -0.88 5.12
N MET C 177 -19.71 -0.37 5.91
CA MET C 177 -19.54 -0.35 7.36
C MET C 177 -19.61 -1.78 7.89
N MET C 178 -18.56 -2.20 8.59
CA MET C 178 -18.43 -3.57 9.06
C MET C 178 -18.47 -3.62 10.58
N ASP C 179 -19.14 -4.63 11.12
CA ASP C 179 -19.18 -4.88 12.56
C ASP C 179 -18.20 -6.00 12.86
N LEU C 180 -17.02 -5.64 13.37
CA LEU C 180 -15.93 -6.58 13.57
C LEU C 180 -15.79 -7.02 15.02
N ARG C 181 -16.86 -6.90 15.81
CA ARG C 181 -16.80 -7.36 17.18
C ARG C 181 -16.56 -8.87 17.26
N ARG C 182 -17.19 -9.63 16.37
CA ARG C 182 -17.02 -11.07 16.34
C ARG C 182 -15.87 -11.51 15.46
N TYR C 183 -15.08 -10.56 14.96
CA TYR C 183 -13.92 -10.90 14.16
C TYR C 183 -13.02 -11.86 14.95
N PRO C 184 -12.51 -12.93 14.33
CA PRO C 184 -12.59 -13.32 12.93
C PRO C 184 -13.80 -14.18 12.58
N LEU C 185 -14.74 -14.37 13.51
CA LEU C 185 -15.94 -15.16 13.25
C LEU C 185 -17.10 -14.29 12.76
N ASP C 186 -16.81 -13.21 12.07
CA ASP C 186 -17.81 -12.24 11.68
C ASP C 186 -18.35 -12.52 10.28
N GLU C 187 -19.55 -11.99 10.03
CA GLU C 187 -20.21 -12.10 8.75
C GLU C 187 -20.62 -10.69 8.31
N GLN C 188 -20.18 -10.29 7.14
CA GLN C 188 -20.36 -8.91 6.68
C GLN C 188 -21.38 -8.85 5.55
N ASN C 189 -22.02 -7.69 5.43
CA ASN C 189 -23.06 -7.45 4.43
C ASN C 189 -22.70 -6.15 3.72
N CYS C 190 -22.10 -6.26 2.54
CA CYS C 190 -21.65 -5.12 1.77
C CYS C 190 -22.57 -4.89 0.58
N THR C 191 -23.01 -3.65 0.40
CA THR C 191 -24.02 -3.30 -0.58
C THR C 191 -23.46 -2.33 -1.60
N LEU C 192 -24.20 -2.19 -2.70
CA LEU C 192 -23.98 -1.13 -3.68
C LEU C 192 -25.30 -0.42 -3.91
N GLU C 193 -25.32 0.88 -3.67
CA GLU C 193 -26.54 1.68 -3.79
C GLU C 193 -26.50 2.46 -5.09
N ILE C 194 -27.54 2.31 -5.91
CA ILE C 194 -27.63 2.95 -7.21
C ILE C 194 -28.80 3.91 -7.15
N GLU C 195 -28.56 5.15 -7.57
CA GLU C 195 -29.57 6.19 -7.41
C GLU C 195 -29.47 7.17 -8.58
N SER C 196 -30.55 7.92 -8.78
CA SER C 196 -30.56 9.04 -9.71
C SER C 196 -30.13 10.29 -8.98
N TYR C 197 -29.37 11.16 -9.65
CA TYR C 197 -28.87 12.34 -8.97
C TYR C 197 -29.94 13.43 -8.89
N GLY C 198 -30.50 13.82 -10.04
CA GLY C 198 -31.41 14.94 -10.07
C GLY C 198 -32.77 14.66 -10.66
N TYR C 199 -33.25 13.43 -10.52
CA TYR C 199 -34.59 13.08 -11.00
C TYR C 199 -35.34 12.34 -9.90
N THR C 200 -36.65 12.55 -9.88
CA THR C 200 -37.56 11.86 -8.99
C THR C 200 -38.33 10.82 -9.78
N THR C 201 -39.17 10.05 -9.09
CA THR C 201 -39.94 9.01 -9.76
C THR C 201 -40.96 9.56 -10.73
N ASP C 202 -41.19 10.88 -10.72
CA ASP C 202 -42.03 11.51 -11.73
C ASP C 202 -41.32 11.65 -13.07
N ASP C 203 -40.01 11.42 -13.13
CA ASP C 203 -39.24 11.58 -14.35
C ASP C 203 -38.51 10.31 -14.77
N ILE C 204 -38.00 9.54 -13.82
CA ILE C 204 -37.20 8.36 -14.12
C ILE C 204 -37.55 7.25 -13.14
N GLU C 205 -37.61 6.02 -13.64
CA GLU C 205 -37.85 4.85 -12.82
C GLU C 205 -36.74 3.84 -13.06
N PHE C 206 -36.33 3.16 -12.00
CA PHE C 206 -35.31 2.12 -12.06
C PHE C 206 -35.94 0.76 -11.82
N TYR C 207 -35.41 -0.25 -12.49
CA TYR C 207 -35.77 -1.62 -12.17
C TYR C 207 -34.62 -2.53 -12.55
N TRP C 208 -34.60 -3.71 -11.93
CA TRP C 208 -33.62 -4.73 -12.26
C TRP C 208 -34.09 -5.46 -13.51
N ARG C 209 -33.43 -5.22 -14.63
CA ARG C 209 -33.84 -5.79 -15.91
C ARG C 209 -33.53 -7.28 -15.91
N GLY C 210 -34.54 -8.10 -15.73
CA GLY C 210 -34.39 -9.53 -15.62
C GLY C 210 -34.72 -10.12 -14.26
N GLY C 211 -35.38 -9.37 -13.39
CA GLY C 211 -35.71 -9.89 -12.08
C GLY C 211 -34.47 -10.19 -11.28
N ASP C 212 -34.50 -11.33 -10.58
CA ASP C 212 -33.36 -11.75 -9.77
C ASP C 212 -32.17 -12.18 -10.60
N LYS C 213 -32.33 -12.33 -11.91
CA LYS C 213 -31.22 -12.64 -12.80
C LYS C 213 -30.56 -11.39 -13.36
N ALA C 214 -30.98 -10.21 -12.92
CA ALA C 214 -30.39 -8.98 -13.44
C ALA C 214 -28.93 -8.85 -13.08
N VAL C 215 -28.44 -9.61 -12.09
CA VAL C 215 -27.05 -9.59 -11.69
C VAL C 215 -26.47 -10.99 -11.90
N THR C 216 -25.38 -11.06 -12.65
CA THR C 216 -24.69 -12.31 -12.92
C THR C 216 -23.21 -12.16 -12.55
N GLY C 217 -22.49 -13.26 -12.64
CA GLY C 217 -21.07 -13.26 -12.34
C GLY C 217 -20.72 -13.39 -10.87
N VAL C 218 -21.71 -13.64 -10.01
CA VAL C 218 -21.42 -13.77 -8.58
C VAL C 218 -20.53 -14.98 -8.31
N GLU C 219 -20.71 -16.05 -9.08
CA GLU C 219 -19.85 -17.22 -8.94
C GLU C 219 -18.42 -16.96 -9.36
N ARG C 220 -18.15 -15.85 -10.07
CA ARG C 220 -16.78 -15.50 -10.42
C ARG C 220 -16.00 -14.96 -9.24
N ILE C 221 -16.69 -14.44 -8.22
CA ILE C 221 -16.00 -13.79 -7.11
C ILE C 221 -15.16 -14.81 -6.36
N GLU C 222 -13.87 -14.50 -6.21
CA GLU C 222 -12.92 -15.38 -5.51
C GLU C 222 -12.18 -14.52 -4.49
N LEU C 223 -12.75 -14.39 -3.31
CA LEU C 223 -12.10 -13.69 -2.21
C LEU C 223 -11.31 -14.70 -1.36
N PRO C 224 -10.01 -14.53 -1.18
CA PRO C 224 -9.27 -15.50 -0.37
C PRO C 224 -9.76 -15.59 1.06
N GLN C 225 -10.23 -14.49 1.64
CA GLN C 225 -10.56 -14.44 3.06
C GLN C 225 -12.04 -14.67 3.35
N PHE C 226 -12.91 -14.45 2.37
CA PHE C 226 -14.35 -14.61 2.57
C PHE C 226 -14.90 -15.63 1.60
N SER C 227 -16.19 -15.94 1.78
CA SER C 227 -16.95 -16.71 0.81
C SER C 227 -18.32 -16.05 0.70
N ILE C 228 -18.79 -15.86 -0.53
CA ILE C 228 -20.08 -15.20 -0.75
C ILE C 228 -21.17 -16.18 -0.35
N VAL C 229 -21.93 -15.83 0.69
CA VAL C 229 -22.99 -16.71 1.17
C VAL C 229 -24.27 -16.48 0.40
N GLU C 230 -24.55 -15.23 0.03
CA GLU C 230 -25.83 -14.87 -0.57
C GLU C 230 -25.69 -13.50 -1.19
N HIS C 231 -26.61 -13.19 -2.09
CA HIS C 231 -26.73 -11.84 -2.62
C HIS C 231 -28.19 -11.56 -2.91
N ARG C 232 -28.57 -10.28 -2.86
CA ARG C 232 -29.95 -9.86 -3.03
C ARG C 232 -30.02 -8.65 -3.93
N LEU C 233 -31.17 -8.48 -4.57
CA LEU C 233 -31.50 -7.29 -5.33
C LEU C 233 -32.72 -6.65 -4.71
N VAL C 234 -32.65 -5.35 -4.45
CA VAL C 234 -33.73 -4.59 -3.84
C VAL C 234 -34.04 -3.39 -4.72
N SER C 235 -35.31 -3.18 -4.99
CA SER C 235 -35.78 -2.00 -5.72
C SER C 235 -36.76 -1.25 -4.82
N ARG C 236 -36.51 0.04 -4.62
CA ARG C 236 -37.31 0.82 -3.68
C ARG C 236 -37.27 2.28 -4.06
N ASN C 237 -38.22 3.03 -3.51
CA ASN C 237 -38.28 4.48 -3.68
C ASN C 237 -37.93 5.13 -2.35
N VAL C 238 -37.00 6.07 -2.40
CA VAL C 238 -36.56 6.82 -1.22
C VAL C 238 -37.28 8.14 -1.22
N VAL C 239 -38.08 8.38 -0.19
CA VAL C 239 -38.90 9.57 -0.08
C VAL C 239 -38.22 10.56 0.86
N PHE C 240 -37.83 11.71 0.33
CA PHE C 240 -37.33 12.83 1.11
C PHE C 240 -38.35 13.96 1.09
N ALA C 241 -37.99 15.08 1.70
CA ALA C 241 -38.83 16.27 1.63
C ALA C 241 -38.93 16.80 0.20
N THR C 242 -37.94 16.51 -0.65
CA THR C 242 -37.91 17.00 -2.01
C THR C 242 -38.66 16.11 -2.99
N GLY C 243 -39.04 14.90 -2.59
CA GLY C 243 -39.76 13.99 -3.45
C GLY C 243 -39.28 12.57 -3.25
N ALA C 244 -39.70 11.69 -4.16
CA ALA C 244 -39.32 10.29 -4.15
C ALA C 244 -38.29 10.03 -5.23
N TYR C 245 -37.21 9.33 -4.87
CA TYR C 245 -36.11 9.08 -5.78
C TYR C 245 -35.91 7.59 -5.96
N PRO C 246 -35.79 7.11 -7.20
CA PRO C 246 -35.58 5.66 -7.40
C PRO C 246 -34.28 5.20 -6.78
N ARG C 247 -34.31 3.98 -6.25
CA ARG C 247 -33.15 3.38 -5.59
C ARG C 247 -33.08 1.91 -5.96
N LEU C 248 -31.90 1.46 -6.34
CA LEU C 248 -31.60 0.03 -6.50
C LEU C 248 -30.46 -0.33 -5.59
N SER C 249 -30.53 -1.51 -4.97
CA SER C 249 -29.50 -1.97 -4.06
C SER C 249 -29.09 -3.38 -4.43
N LEU C 250 -27.78 -3.58 -4.56
CA LEU C 250 -27.19 -4.91 -4.69
C LEU C 250 -26.35 -5.17 -3.45
N SER C 251 -26.60 -6.28 -2.78
CA SER C 251 -25.93 -6.58 -1.52
C SER C 251 -25.40 -8.01 -1.54
N PHE C 252 -24.22 -8.20 -0.96
CA PHE C 252 -23.62 -9.50 -0.78
C PHE C 252 -23.43 -9.75 0.71
N ARG C 253 -23.56 -11.01 1.11
CA ARG C 253 -23.21 -11.42 2.46
C ARG C 253 -21.94 -12.25 2.41
N LEU C 254 -20.97 -11.89 3.24
CA LEU C 254 -19.66 -12.51 3.26
C LEU C 254 -19.46 -13.25 4.57
N LYS C 255 -18.97 -14.48 4.51
CA LYS C 255 -18.60 -15.25 5.69
C LYS C 255 -17.10 -15.44 5.68
N ARG C 256 -16.44 -15.01 6.76
CA ARG C 256 -14.99 -15.07 6.82
C ARG C 256 -14.53 -16.51 7.04
N ASN C 257 -13.47 -16.89 6.33
CA ASN C 257 -12.88 -18.20 6.49
C ASN C 257 -12.08 -18.25 7.78
N ILE C 258 -12.34 -19.26 8.61
CA ILE C 258 -11.75 -19.33 9.94
C ILE C 258 -10.50 -20.21 9.99
N GLY C 259 -10.25 -21.03 8.97
CA GLY C 259 -9.16 -21.99 9.06
C GLY C 259 -7.82 -21.34 9.32
N TYR C 260 -7.56 -20.20 8.68
CA TYR C 260 -6.28 -19.53 8.87
C TYR C 260 -6.07 -19.15 10.33
N PHE C 261 -7.11 -18.66 10.99
CA PHE C 261 -6.98 -18.21 12.38
C PHE C 261 -6.86 -19.39 13.34
N ILE C 262 -7.32 -20.58 12.95
CA ILE C 262 -7.11 -21.75 13.79
C ILE C 262 -5.64 -22.09 13.87
N LEU C 263 -4.96 -22.14 12.73
CA LEU C 263 -3.54 -22.47 12.71
C LEU C 263 -2.70 -21.32 13.26
N GLN C 264 -3.08 -20.09 12.96
CA GLN C 264 -2.19 -18.96 13.21
C GLN C 264 -2.37 -18.38 14.61
N THR C 265 -3.59 -18.31 15.13
CA THR C 265 -3.86 -17.64 16.38
C THR C 265 -4.33 -18.58 17.48
N TYR C 266 -5.40 -19.33 17.25
CA TYR C 266 -6.01 -20.08 18.33
C TYR C 266 -5.16 -21.28 18.73
N MET C 267 -4.68 -22.04 17.76
CA MET C 267 -3.93 -23.26 18.10
C MET C 267 -2.64 -22.95 18.84
N PRO C 268 -1.80 -22.00 18.40
CA PRO C 268 -0.60 -21.70 19.19
C PRO C 268 -0.90 -21.26 20.61
N SER C 269 -1.95 -20.46 20.81
CA SER C 269 -2.30 -20.01 22.15
C SER C 269 -2.75 -21.16 23.02
N ILE C 270 -3.46 -22.13 22.46
CA ILE C 270 -3.90 -23.29 23.24
C ILE C 270 -2.70 -24.12 23.65
N LEU C 271 -1.74 -24.32 22.75
CA LEU C 271 -0.59 -25.15 23.09
C LEU C 271 0.33 -24.47 24.09
N ILE C 272 0.46 -23.15 24.02
CA ILE C 272 1.26 -22.45 25.01
C ILE C 272 0.57 -22.47 26.38
N THR C 273 -0.75 -22.31 26.40
CA THR C 273 -1.48 -22.37 27.66
C THR C 273 -1.38 -23.75 28.30
N ILE C 274 -1.48 -24.80 27.49
CA ILE C 274 -1.30 -26.15 28.03
C ILE C 274 0.11 -26.32 28.57
N LEU C 275 1.10 -25.79 27.85
CA LEU C 275 2.48 -25.92 28.28
C LEU C 275 2.72 -25.30 29.65
N SER C 276 2.01 -24.22 29.98
CA SER C 276 2.15 -23.61 31.29
C SER C 276 1.68 -24.53 32.41
N TRP C 277 0.84 -25.52 32.11
CA TRP C 277 0.40 -26.47 33.13
C TRP C 277 1.44 -27.54 33.42
N VAL C 278 2.46 -27.69 32.57
CA VAL C 278 3.54 -28.62 32.86
C VAL C 278 4.22 -28.27 34.18
N SER C 279 4.10 -27.02 34.62
CA SER C 279 4.67 -26.63 35.90
C SER C 279 4.06 -27.40 37.05
N PHE C 280 2.76 -27.69 36.97
CA PHE C 280 2.07 -28.35 38.08
C PHE C 280 2.60 -29.76 38.32
N TRP C 281 3.28 -30.35 37.36
CA TRP C 281 3.78 -31.72 37.46
C TRP C 281 5.27 -31.78 37.79
N ILE C 282 5.89 -30.64 38.07
CA ILE C 282 7.29 -30.57 38.44
C ILE C 282 7.37 -30.37 39.95
N ASN C 283 8.53 -30.73 40.53
CA ASN C 283 8.70 -30.62 41.97
C ASN C 283 8.51 -29.19 42.44
N TYR C 284 7.97 -29.03 43.64
CA TYR C 284 7.80 -27.69 44.19
C TYR C 284 9.13 -27.00 44.46
N ASP C 285 10.22 -27.77 44.59
CA ASP C 285 11.53 -27.20 44.90
C ASP C 285 12.35 -26.91 43.65
N ALA C 286 11.85 -27.26 42.46
CA ALA C 286 12.52 -26.93 41.21
C ALA C 286 12.15 -25.50 40.80
N SER C 287 12.56 -24.55 41.64
CA SER C 287 12.15 -23.17 41.45
C SER C 287 12.63 -22.61 40.12
N ALA C 288 13.89 -22.87 39.77
CA ALA C 288 14.41 -22.34 38.51
C ALA C 288 13.65 -22.92 37.32
N ALA C 289 13.38 -24.23 37.34
CA ALA C 289 12.64 -24.84 36.25
C ALA C 289 11.21 -24.31 36.18
N ARG C 290 10.53 -24.20 37.31
CA ARG C 290 9.13 -23.81 37.31
C ARG C 290 8.95 -22.33 37.07
N VAL C 291 9.87 -21.49 37.55
CA VAL C 291 9.79 -20.07 37.25
C VAL C 291 10.15 -19.82 35.79
N ALA C 292 11.20 -20.48 35.30
CA ALA C 292 11.58 -20.30 33.90
C ALA C 292 10.46 -20.71 32.96
N LEU C 293 9.80 -21.82 33.26
CA LEU C 293 8.66 -22.25 32.46
C LEU C 293 7.55 -21.21 32.51
N GLY C 294 7.14 -20.82 33.71
CA GLY C 294 6.03 -19.89 33.84
C GLY C 294 6.32 -18.54 33.22
N ILE C 295 7.50 -17.99 33.47
CA ILE C 295 7.80 -16.66 32.97
C ILE C 295 8.04 -16.69 31.47
N THR C 296 8.60 -17.77 30.94
CA THR C 296 8.83 -17.85 29.51
C THR C 296 7.53 -18.10 28.75
N THR C 297 6.57 -18.81 29.34
CA THR C 297 5.26 -18.91 28.72
C THR C 297 4.59 -17.54 28.65
N VAL C 298 4.75 -16.73 29.70
CA VAL C 298 4.22 -15.37 29.69
C VAL C 298 4.85 -14.57 28.55
N LEU C 299 6.17 -14.66 28.41
CA LEU C 299 6.85 -13.96 27.33
C LEU C 299 6.39 -14.47 25.97
N THR C 300 6.24 -15.80 25.84
CA THR C 300 5.78 -16.37 24.58
C THR C 300 4.37 -15.88 24.25
N MET C 301 3.49 -15.82 25.24
CA MET C 301 2.13 -15.38 25.00
C MET C 301 2.08 -13.93 24.57
N THR C 302 2.88 -13.06 25.20
CA THR C 302 2.93 -11.67 24.77
C THR C 302 3.47 -11.56 23.35
N THR C 303 4.47 -12.37 23.01
CA THR C 303 5.01 -12.36 21.66
C THR C 303 3.93 -12.71 20.64
N ILE C 304 3.15 -13.75 20.91
CA ILE C 304 2.06 -14.11 20.02
C ILE C 304 1.07 -12.96 19.93
N ASN C 305 0.72 -12.37 21.08
CA ASN C 305 -0.31 -11.33 21.10
C ASN C 305 0.17 -10.04 20.45
N THR C 306 1.40 -9.61 20.77
CA THR C 306 1.87 -8.33 20.25
C THR C 306 2.17 -8.38 18.76
N HIS C 307 2.76 -9.48 18.29
CA HIS C 307 3.09 -9.56 16.87
C HIS C 307 1.87 -9.86 16.01
N LEU C 308 0.88 -10.54 16.56
CA LEU C 308 -0.38 -10.69 15.84
C LEU C 308 -1.05 -9.34 15.63
N ARG C 309 -0.82 -8.40 16.54
CA ARG C 309 -1.37 -7.05 16.38
C ARG C 309 -0.81 -6.37 15.14
N GLU C 310 0.40 -6.75 14.72
CA GLU C 310 1.02 -6.12 13.57
C GLU C 310 0.57 -6.77 12.26
N THR C 311 0.39 -8.09 12.27
CA THR C 311 0.00 -8.79 11.05
C THR C 311 -1.47 -8.58 10.72
N LEU C 312 -2.33 -8.52 11.74
CA LEU C 312 -3.74 -8.31 11.52
C LEU C 312 -4.01 -6.85 11.14
N PRO C 313 -5.18 -6.57 10.51
CA PRO C 313 -5.44 -5.25 9.93
C PRO C 313 -5.90 -4.18 10.92
N LYS C 314 -5.19 -4.05 12.04
CA LYS C 314 -5.28 -2.88 12.91
C LYS C 314 -6.70 -2.36 13.10
N ILE C 315 -7.58 -3.16 13.69
CA ILE C 315 -8.93 -2.73 14.05
C ILE C 315 -8.90 -2.29 15.50
N PRO C 316 -9.02 -1.00 15.80
CA PRO C 316 -8.80 -0.52 17.18
C PRO C 316 -10.05 -0.53 18.05
N TYR C 317 -10.58 -1.73 18.29
CA TYR C 317 -11.54 -1.94 19.37
C TYR C 317 -11.61 -3.44 19.63
N VAL C 318 -12.19 -3.79 20.78
CA VAL C 318 -12.13 -5.17 21.26
C VAL C 318 -12.92 -6.08 20.34
N LYS C 319 -12.29 -7.17 19.91
CA LYS C 319 -12.88 -8.15 19.01
C LYS C 319 -12.88 -9.52 19.68
N ALA C 320 -13.43 -10.50 18.96
CA ALA C 320 -13.48 -11.85 19.52
C ALA C 320 -12.09 -12.42 19.74
N ILE C 321 -11.16 -12.13 18.83
CA ILE C 321 -9.81 -12.65 18.96
C ILE C 321 -9.10 -12.03 20.15
N ASP C 322 -9.35 -10.74 20.40
CA ASP C 322 -8.73 -10.08 21.55
C ASP C 322 -9.16 -10.74 22.85
N MET C 323 -10.43 -11.10 22.96
CA MET C 323 -10.91 -11.72 24.18
C MET C 323 -10.29 -13.08 24.41
N TYR C 324 -9.99 -13.82 23.34
CA TYR C 324 -9.39 -15.13 23.51
C TYR C 324 -7.92 -15.02 23.91
N LEU C 325 -7.18 -14.12 23.27
CA LEU C 325 -5.77 -13.95 23.62
C LEU C 325 -5.62 -13.43 25.04
N MET C 326 -6.47 -12.48 25.44
CA MET C 326 -6.43 -12.00 26.81
C MET C 326 -6.85 -13.09 27.80
N GLY C 327 -7.78 -13.96 27.40
CA GLY C 327 -8.12 -15.08 28.25
C GLY C 327 -6.96 -16.03 28.46
N CYS C 328 -6.24 -16.35 27.38
CA CYS C 328 -5.10 -17.25 27.48
C CYS C 328 -3.94 -16.58 28.22
N PHE C 329 -3.78 -15.27 28.06
CA PHE C 329 -2.74 -14.56 28.81
C PHE C 329 -3.01 -14.58 30.31
N VAL C 330 -4.27 -14.46 30.71
CA VAL C 330 -4.60 -14.51 32.12
C VAL C 330 -4.34 -15.89 32.70
N PHE C 331 -4.61 -16.94 31.93
CA PHE C 331 -4.39 -18.29 32.44
C PHE C 331 -2.92 -18.58 32.70
N VAL C 332 -2.04 -18.18 31.78
CA VAL C 332 -0.61 -18.42 32.02
C VAL C 332 -0.10 -17.50 33.12
N PHE C 333 -0.67 -16.30 33.24
CA PHE C 333 -0.34 -15.43 34.35
C PHE C 333 -0.70 -16.09 35.69
N LEU C 334 -1.86 -16.72 35.75
CA LEU C 334 -2.28 -17.36 36.99
C LEU C 334 -1.47 -18.61 37.30
N ALA C 335 -0.99 -19.33 36.28
CA ALA C 335 -0.18 -20.51 36.54
C ALA C 335 1.14 -20.13 37.21
N LEU C 336 1.74 -19.03 36.77
CA LEU C 336 2.96 -18.56 37.43
C LEU C 336 2.69 -18.11 38.85
N LEU C 337 1.53 -17.49 39.09
CA LEU C 337 1.16 -17.14 40.45
CA LEU C 337 1.14 -17.14 40.45
C LEU C 337 0.97 -18.39 41.32
N GLU C 338 0.51 -19.47 40.72
CA GLU C 338 0.30 -20.69 41.49
C GLU C 338 1.59 -21.17 42.12
N TYR C 339 2.71 -21.08 41.39
CA TYR C 339 3.97 -21.54 41.97
C TYR C 339 4.47 -20.58 43.02
N ALA C 340 4.26 -19.28 42.84
CA ALA C 340 4.63 -18.33 43.88
C ALA C 340 3.95 -18.65 45.19
N PHE C 341 2.67 -19.00 45.13
CA PHE C 341 1.95 -19.41 46.33
CA PHE C 341 1.95 -19.41 46.33
C PHE C 341 2.53 -20.69 46.91
N VAL C 342 2.82 -21.66 46.05
CA VAL C 342 3.40 -22.92 46.51
C VAL C 342 4.77 -22.68 47.14
N ASN C 343 5.59 -21.88 46.47
CA ASN C 343 6.92 -21.60 47.00
C ASN C 343 6.84 -20.85 48.33
N TYR C 344 5.91 -19.91 48.44
CA TYR C 344 5.82 -19.13 49.68
C TYR C 344 5.23 -19.95 50.81
N ILE C 345 4.17 -20.71 50.55
CA ILE C 345 3.52 -21.45 51.62
C ILE C 345 4.45 -22.53 52.16
N PHE C 346 5.52 -22.88 51.45
CA PHE C 346 6.49 -23.84 51.94
C PHE C 346 7.64 -23.15 52.66
N PHE C 347 8.38 -22.29 51.95
CA PHE C 347 9.53 -21.62 52.53
C PHE C 347 9.11 -20.47 53.44
N GLY C 348 8.03 -19.79 53.12
CA GLY C 348 7.54 -18.70 53.97
C GLY C 348 6.74 -19.15 55.16
N ARG C 349 6.42 -20.45 55.25
CA ARG C 349 5.63 -20.96 56.36
C ARG C 349 6.04 -22.39 56.72
N ASP C 461 -0.07 -30.03 52.22
CA ASP C 461 -0.44 -28.65 51.89
C ASP C 461 0.16 -28.24 50.56
N VAL C 462 1.49 -28.19 50.50
CA VAL C 462 2.16 -27.75 49.29
C VAL C 462 1.83 -28.69 48.13
N ASN C 463 1.87 -30.00 48.37
CA ASN C 463 1.56 -30.94 47.31
C ASN C 463 0.07 -30.90 46.95
N ALA C 464 -0.78 -30.50 47.89
CA ALA C 464 -2.20 -30.39 47.59
C ALA C 464 -2.47 -29.31 46.56
N ILE C 465 -1.81 -28.16 46.68
CA ILE C 465 -2.07 -27.05 45.77
C ILE C 465 -1.72 -27.44 44.35
N ASP C 466 -0.58 -28.11 44.15
CA ASP C 466 -0.23 -28.60 42.82
C ASP C 466 -1.22 -29.65 42.34
N ARG C 467 -1.62 -30.56 43.23
CA ARG C 467 -2.61 -31.56 42.85
C ARG C 467 -3.92 -30.91 42.43
N TRP C 468 -4.36 -29.90 43.18
CA TRP C 468 -5.57 -29.16 42.85
CA TRP C 468 -5.58 -29.19 42.83
C TRP C 468 -5.43 -28.43 41.52
N SER C 469 -4.27 -27.80 41.29
CA SER C 469 -4.07 -27.04 40.08
C SER C 469 -4.03 -27.93 38.85
N ARG C 470 -3.59 -29.19 39.00
CA ARG C 470 -3.56 -30.12 37.88
C ARG C 470 -4.94 -30.38 37.31
N ILE C 471 -5.99 -30.14 38.08
CA ILE C 471 -7.36 -30.40 37.65
C ILE C 471 -8.09 -29.10 37.32
N VAL C 472 -7.99 -28.10 38.19
CA VAL C 472 -8.77 -26.87 38.02
C VAL C 472 -8.35 -26.14 36.75
N PHE C 473 -7.05 -26.01 36.53
CA PHE C 473 -6.59 -25.25 35.35
C PHE C 473 -7.05 -25.88 34.05
N PRO C 474 -6.81 -27.17 33.79
CA PRO C 474 -7.37 -27.76 32.55
C PRO C 474 -8.89 -27.70 32.50
N PHE C 475 -9.55 -27.89 33.64
CA PHE C 475 -11.01 -27.86 33.65
C PHE C 475 -11.54 -26.46 33.38
N THR C 476 -10.96 -25.45 34.03
CA THR C 476 -11.44 -24.09 33.85
C THR C 476 -11.13 -23.57 32.45
N PHE C 477 -9.99 -23.99 31.86
CA PHE C 477 -9.70 -23.58 30.49
C PHE C 477 -10.67 -24.19 29.51
N SER C 478 -11.05 -25.45 29.73
CA SER C 478 -12.08 -26.07 28.89
C SER C 478 -13.40 -25.35 29.01
N LEU C 479 -13.77 -24.95 30.23
CA LEU C 479 -14.99 -24.19 30.42
C LEU C 479 -14.90 -22.82 29.75
N PHE C 480 -13.73 -22.18 29.81
CA PHE C 480 -13.55 -20.90 29.13
C PHE C 480 -13.74 -21.05 27.63
N ASN C 481 -13.19 -22.12 27.06
CA ASN C 481 -13.38 -22.37 25.63
C ASN C 481 -14.84 -22.64 25.31
N LEU C 482 -15.52 -23.42 26.15
CA LEU C 482 -16.92 -23.73 25.89
C LEU C 482 -17.76 -22.46 25.87
N VAL C 483 -17.55 -21.57 26.85
CA VAL C 483 -18.29 -20.32 26.89
C VAL C 483 -17.91 -19.44 25.71
N TYR C 484 -16.64 -19.49 25.30
CA TYR C 484 -16.19 -18.63 24.21
C TYR C 484 -16.84 -19.02 22.89
N TRP C 485 -16.77 -20.30 22.54
CA TRP C 485 -17.21 -20.71 21.20
C TRP C 485 -18.73 -20.67 21.08
N LEU C 486 -19.46 -21.00 22.14
CA LEU C 486 -20.90 -20.83 22.10
C LEU C 486 -21.29 -19.37 21.93
N TYR C 487 -20.62 -18.48 22.65
CA TYR C 487 -20.95 -17.06 22.58
C TYR C 487 -20.52 -16.40 21.27
N TYR C 488 -19.72 -17.09 20.46
CA TYR C 488 -19.23 -16.52 19.21
C TYR C 488 -19.54 -17.36 17.99
N VAL C 489 -19.71 -18.67 18.14
CA VAL C 489 -20.08 -19.52 17.01
C VAL C 489 -21.60 -19.63 16.94
N THR D 67 -42.02 20.47 -26.19
CA THR D 67 -40.65 20.62 -25.64
C THR D 67 -39.95 21.84 -26.23
N THR D 68 -40.55 22.42 -27.27
CA THR D 68 -39.94 23.58 -27.92
C THR D 68 -39.83 24.76 -26.96
N VAL D 69 -40.89 25.00 -26.17
CA VAL D 69 -40.88 26.13 -25.25
C VAL D 69 -39.72 26.00 -24.27
N PHE D 70 -39.52 24.80 -23.74
CA PHE D 70 -38.39 24.57 -22.84
C PHE D 70 -37.06 24.80 -23.56
N THR D 71 -36.94 24.33 -24.80
CA THR D 71 -35.70 24.49 -25.53
C THR D 71 -35.38 25.96 -25.79
N ARG D 72 -36.38 26.75 -26.17
CA ARG D 72 -36.13 28.15 -26.50
C ARG D 72 -35.62 28.91 -25.29
N ILE D 73 -36.20 28.67 -24.11
CA ILE D 73 -35.80 29.42 -22.93
C ILE D 73 -34.33 29.21 -22.64
N LEU D 74 -33.82 27.99 -22.83
CA LEU D 74 -32.42 27.71 -22.54
C LEU D 74 -31.50 28.57 -23.40
N ASP D 75 -31.79 28.66 -24.69
CA ASP D 75 -30.95 29.46 -25.58
C ASP D 75 -30.99 30.93 -25.20
N ARG D 76 -32.17 31.43 -24.86
CA ARG D 76 -32.32 32.86 -24.56
C ARG D 76 -31.61 33.25 -23.27
N LEU D 77 -31.46 32.32 -22.33
CA LEU D 77 -30.91 32.67 -21.01
C LEU D 77 -29.49 33.19 -21.14
N LEU D 78 -28.63 32.46 -21.84
CA LEU D 78 -27.22 32.80 -21.95
C LEU D 78 -26.95 33.82 -23.05
N ASP D 79 -27.96 34.58 -23.47
CA ASP D 79 -27.80 35.57 -24.51
C ASP D 79 -27.18 36.82 -23.90
N GLY D 80 -25.89 37.04 -24.16
CA GLY D 80 -25.18 38.18 -23.61
C GLY D 80 -24.69 37.99 -22.20
N TYR D 81 -24.93 36.82 -21.60
CA TYR D 81 -24.49 36.57 -20.23
C TYR D 81 -22.97 36.51 -20.18
N ASP D 82 -22.38 37.25 -19.25
CA ASP D 82 -20.93 37.28 -19.05
C ASP D 82 -20.62 36.56 -17.75
N ASN D 83 -20.07 35.36 -17.86
CA ASN D 83 -19.78 34.53 -16.69
C ASN D 83 -18.51 34.96 -15.98
N ARG D 84 -17.77 35.94 -16.52
CA ARG D 84 -16.61 36.47 -15.83
C ARG D 84 -17.00 37.46 -14.73
N LEU D 85 -18.23 37.94 -14.72
CA LEU D 85 -18.69 38.93 -13.75
C LEU D 85 -19.67 38.28 -12.79
N ARG D 86 -19.45 38.47 -11.51
CA ARG D 86 -20.35 37.93 -10.51
C ARG D 86 -21.67 38.70 -10.54
N PRO D 87 -22.76 38.10 -10.05
CA PRO D 87 -24.03 38.82 -9.98
C PRO D 87 -23.89 40.07 -9.12
N GLY D 88 -24.49 41.16 -9.58
CA GLY D 88 -24.45 42.40 -8.83
C GLY D 88 -23.07 42.99 -8.72
N LEU D 89 -22.17 42.67 -9.65
CA LEU D 89 -20.82 43.21 -9.59
C LEU D 89 -20.83 44.73 -9.58
N GLY D 90 -20.13 45.31 -8.61
CA GLY D 90 -20.09 46.75 -8.46
C GLY D 90 -21.39 47.37 -8.02
N GLU D 91 -22.38 46.57 -7.66
CA GLU D 91 -23.71 47.05 -7.30
C GLU D 91 -24.14 46.60 -5.92
N ARG D 92 -23.87 45.35 -5.54
CA ARG D 92 -24.26 44.81 -4.25
C ARG D 92 -23.32 43.65 -3.92
N VAL D 93 -23.63 42.95 -2.83
CA VAL D 93 -22.82 41.83 -2.36
C VAL D 93 -23.60 40.55 -2.63
N THR D 94 -22.98 39.62 -3.35
CA THR D 94 -23.61 38.33 -3.61
C THR D 94 -23.72 37.55 -2.30
N GLU D 95 -24.93 37.09 -2.01
CA GLU D 95 -25.21 36.35 -0.78
C GLU D 95 -25.46 34.89 -1.14
N VAL D 96 -24.55 34.03 -0.74
CA VAL D 96 -24.63 32.60 -1.03
C VAL D 96 -25.08 31.90 0.24
N LYS D 97 -26.16 31.14 0.15
CA LYS D 97 -26.69 30.38 1.28
C LYS D 97 -26.27 28.92 1.12
N THR D 98 -25.63 28.38 2.14
CA THR D 98 -25.02 27.06 2.07
C THR D 98 -25.58 26.16 3.16
N ASP D 99 -25.66 24.88 2.84
CA ASP D 99 -25.93 23.85 3.84
C ASP D 99 -25.24 22.57 3.38
N ILE D 100 -24.95 21.69 4.32
CA ILE D 100 -24.17 20.49 4.07
C ILE D 100 -24.91 19.29 4.63
N PHE D 101 -24.94 18.21 3.86
CA PHE D 101 -25.45 16.93 4.33
C PHE D 101 -24.32 15.91 4.27
N VAL D 102 -23.92 15.41 5.43
CA VAL D 102 -22.78 14.50 5.55
C VAL D 102 -23.30 13.08 5.37
N THR D 103 -23.02 12.48 4.21
CA THR D 103 -23.45 11.10 3.99
C THR D 103 -22.63 10.14 4.84
N SER D 104 -21.33 10.39 4.98
CA SER D 104 -20.47 9.53 5.77
C SER D 104 -19.29 10.33 6.27
N PHE D 105 -19.09 10.33 7.59
CA PHE D 105 -17.90 10.94 8.19
C PHE D 105 -16.79 9.90 8.15
N GLY D 106 -15.96 9.97 7.11
CA GLY D 106 -15.04 8.91 6.78
C GLY D 106 -14.04 8.61 7.86
N PRO D 107 -13.08 7.75 7.56
CA PRO D 107 -12.06 7.41 8.55
C PRO D 107 -11.18 8.59 8.91
N VAL D 108 -10.68 8.57 10.15
CA VAL D 108 -9.74 9.56 10.64
C VAL D 108 -8.37 8.92 10.73
N SER D 109 -7.36 9.59 10.19
CA SER D 109 -5.99 9.07 10.15
C SER D 109 -5.13 9.88 11.12
N ASP D 110 -4.79 9.28 12.26
CA ASP D 110 -3.92 9.96 13.22
C ASP D 110 -2.53 10.16 12.65
N HIS D 111 -2.04 9.21 11.85
CA HIS D 111 -0.71 9.32 11.28
C HIS D 111 -0.63 10.51 10.32
N ASP D 112 -1.59 10.62 9.41
CA ASP D 112 -1.63 11.74 8.48
C ASP D 112 -2.31 12.97 9.06
N MET D 113 -2.97 12.84 10.21
CA MET D 113 -3.69 13.94 10.83
C MET D 113 -4.67 14.57 9.84
N GLU D 114 -5.58 13.74 9.35
CA GLU D 114 -6.60 14.15 8.41
C GLU D 114 -7.79 13.22 8.55
N TYR D 115 -8.90 13.62 7.94
CA TYR D 115 -10.10 12.79 7.92
C TYR D 115 -10.78 12.94 6.58
N THR D 116 -11.62 11.97 6.25
CA THR D 116 -12.41 11.98 5.03
C THR D 116 -13.86 12.27 5.38
N ILE D 117 -14.56 13.02 4.53
CA ILE D 117 -15.96 13.33 4.74
C ILE D 117 -16.64 13.38 3.37
N ASP D 118 -17.72 12.62 3.22
CA ASP D 118 -18.51 12.61 1.99
C ASP D 118 -19.76 13.44 2.21
N VAL D 119 -19.93 14.48 1.39
CA VAL D 119 -20.97 15.48 1.62
C VAL D 119 -21.75 15.71 0.34
N PHE D 120 -22.97 16.21 0.52
CA PHE D 120 -23.73 16.88 -0.52
C PHE D 120 -23.65 18.37 -0.21
N PHE D 121 -22.83 19.09 -0.95
CA PHE D 121 -22.58 20.50 -0.70
C PHE D 121 -23.57 21.32 -1.51
N ARG D 122 -24.42 22.08 -0.83
CA ARG D 122 -25.48 22.85 -1.47
CA ARG D 122 -25.48 22.85 -1.47
C ARG D 122 -25.22 24.34 -1.31
N GLN D 123 -25.36 25.08 -2.41
CA GLN D 123 -25.17 26.52 -2.43
C GLN D 123 -26.33 27.15 -3.18
N SER D 124 -26.82 28.27 -2.67
CA SER D 124 -27.96 28.95 -3.28
C SER D 124 -27.69 30.45 -3.33
N TRP D 125 -27.93 31.05 -4.49
CA TRP D 125 -27.75 32.48 -4.66
C TRP D 125 -28.69 32.96 -5.76
N LYS D 126 -28.71 34.28 -5.96
CA LYS D 126 -29.61 34.91 -6.91
C LYS D 126 -28.80 35.58 -8.01
N ASP D 127 -29.20 35.34 -9.25
CA ASP D 127 -28.59 35.98 -10.42
C ASP D 127 -29.72 36.50 -11.29
N GLU D 128 -29.99 37.80 -11.19
CA GLU D 128 -31.09 38.40 -11.94
C GLU D 128 -30.90 38.28 -13.45
N ARG D 129 -29.66 38.11 -13.91
CA ARG D 129 -29.42 37.93 -15.33
C ARG D 129 -30.01 36.64 -15.87
N LEU D 130 -30.42 35.73 -15.00
CA LEU D 130 -30.98 34.44 -15.41
C LEU D 130 -32.45 34.32 -15.06
N LYS D 131 -33.17 35.43 -15.07
CA LYS D 131 -34.63 35.37 -14.95
C LYS D 131 -35.23 34.86 -16.26
N PHE D 132 -36.43 34.29 -16.16
CA PHE D 132 -37.12 33.79 -17.34
C PHE D 132 -38.61 33.72 -17.04
N LYS D 133 -39.40 33.59 -18.10
CA LYS D 133 -40.83 33.41 -18.02
C LYS D 133 -41.23 32.28 -18.96
N GLY D 134 -42.09 31.38 -18.48
CA GLY D 134 -42.52 30.26 -19.27
C GLY D 134 -43.50 29.36 -18.53
N PRO D 135 -43.91 28.27 -19.18
CA PRO D 135 -44.87 27.36 -18.53
C PRO D 135 -44.36 26.81 -17.21
N MET D 136 -43.06 26.56 -17.10
CA MET D 136 -42.47 26.01 -15.89
C MET D 136 -41.93 27.12 -15.00
N THR D 137 -41.65 26.75 -13.75
CA THR D 137 -41.06 27.67 -12.78
C THR D 137 -39.65 27.29 -12.38
N VAL D 138 -39.19 26.09 -12.75
CA VAL D 138 -37.86 25.60 -12.40
C VAL D 138 -37.23 24.98 -13.64
N LEU D 139 -35.95 25.30 -13.85
CA LEU D 139 -35.20 24.77 -14.99
C LEU D 139 -33.98 24.01 -14.47
N ARG D 140 -33.73 22.86 -15.08
CA ARG D 140 -32.53 22.07 -14.80
C ARG D 140 -31.52 22.32 -15.93
N LEU D 141 -30.32 22.74 -15.55
CA LEU D 141 -29.28 23.06 -16.52
C LEU D 141 -28.35 21.88 -16.71
N ASN D 142 -28.01 21.61 -17.97
CA ASN D 142 -27.06 20.55 -18.27
C ASN D 142 -25.68 20.93 -17.76
N ASN D 143 -24.85 19.90 -17.55
CA ASN D 143 -23.49 20.13 -17.07
C ASN D 143 -22.76 21.12 -17.96
N LEU D 144 -23.01 21.06 -19.27
CA LEU D 144 -22.44 22.05 -20.18
C LEU D 144 -23.02 23.43 -19.91
N MET D 145 -24.32 23.51 -19.67
CA MET D 145 -24.95 24.79 -19.35
C MET D 145 -24.45 25.33 -18.02
N ALA D 146 -24.26 24.46 -17.04
CA ALA D 146 -23.83 24.92 -15.72
C ALA D 146 -22.45 25.57 -15.80
N SER D 147 -21.56 25.01 -16.62
CA SER D 147 -20.23 25.60 -16.77
C SER D 147 -20.25 26.92 -17.53
N LYS D 148 -21.39 27.29 -18.12
CA LYS D 148 -21.50 28.53 -18.88
C LYS D 148 -21.88 29.73 -18.04
N ILE D 149 -22.22 29.53 -16.76
CA ILE D 149 -22.67 30.64 -15.91
C ILE D 149 -21.71 30.82 -14.75
N TRP D 150 -21.98 31.83 -13.93
CA TRP D 150 -21.15 32.14 -12.77
C TRP D 150 -21.62 31.34 -11.56
N THR D 151 -20.69 30.65 -10.91
CA THR D 151 -20.96 29.95 -9.67
C THR D 151 -19.92 30.37 -8.65
N PRO D 152 -20.24 30.28 -7.36
CA PRO D 152 -19.24 30.65 -6.35
C PRO D 152 -17.99 29.80 -6.46
N ASP D 153 -16.84 30.44 -6.27
CA ASP D 153 -15.55 29.74 -6.28
C ASP D 153 -15.22 29.25 -4.88
N THR D 154 -16.10 28.43 -4.33
CA THR D 154 -15.93 27.92 -2.99
C THR D 154 -14.84 26.87 -2.94
N PHE D 155 -14.06 26.89 -1.87
CA PHE D 155 -13.01 25.90 -1.66
C PHE D 155 -12.89 25.66 -0.16
N PHE D 156 -12.24 24.57 0.20
CA PHE D 156 -12.07 24.18 1.59
C PHE D 156 -10.67 24.53 2.04
N HIS D 157 -10.57 25.39 3.05
CA HIS D 157 -9.28 25.93 3.45
C HIS D 157 -8.34 24.84 3.94
N ASN D 158 -8.85 23.90 4.73
CA ASN D 158 -8.04 22.83 5.27
C ASN D 158 -8.11 21.57 4.43
N GLY D 159 -8.69 21.64 3.23
CA GLY D 159 -8.70 20.48 2.36
C GLY D 159 -7.30 20.10 1.92
N LYS D 160 -7.07 18.80 1.79
CA LYS D 160 -5.80 18.27 1.30
C LYS D 160 -5.91 17.77 -0.14
N LYS D 161 -6.95 16.99 -0.43
CA LYS D 161 -7.20 16.53 -1.79
C LYS D 161 -8.65 16.12 -1.85
N SER D 162 -9.45 16.81 -2.64
CA SER D 162 -10.88 16.62 -2.69
C SER D 162 -11.30 16.12 -4.06
N VAL D 163 -12.37 15.33 -4.08
CA VAL D 163 -12.85 14.68 -5.30
C VAL D 163 -14.28 15.10 -5.54
N ALA D 164 -14.55 15.62 -6.73
CA ALA D 164 -15.91 15.86 -7.20
C ALA D 164 -16.28 14.67 -8.08
N HIS D 165 -17.18 13.83 -7.57
CA HIS D 165 -17.45 12.55 -8.19
C HIS D 165 -18.02 12.72 -9.60
N ASN D 166 -17.63 11.82 -10.51
CA ASN D 166 -17.96 11.93 -11.92
C ASN D 166 -18.46 10.60 -12.48
N MET D 167 -19.08 9.78 -11.65
CA MET D 167 -19.53 8.45 -12.04
C MET D 167 -21.02 8.33 -11.73
N THR D 168 -21.84 7.93 -12.71
CA THR D 168 -21.45 7.68 -14.09
C THR D 168 -21.28 8.99 -14.84
N MET D 169 -22.07 9.97 -14.47
CA MET D 169 -22.00 11.35 -14.94
C MET D 169 -21.47 12.24 -13.84
N PRO D 170 -21.19 13.51 -14.14
CA PRO D 170 -20.83 14.45 -13.06
C PRO D 170 -21.94 14.52 -12.02
N ASN D 171 -21.56 14.36 -10.76
CA ASN D 171 -22.52 14.39 -9.65
C ASN D 171 -22.74 15.83 -9.19
N LYS D 172 -23.25 16.63 -10.12
CA LYS D 172 -23.62 18.01 -9.87
C LYS D 172 -25.06 18.21 -10.32
N LEU D 173 -25.63 19.34 -9.92
CA LEU D 173 -26.98 19.70 -10.34
C LEU D 173 -27.18 21.19 -10.12
N LEU D 174 -27.59 21.89 -11.16
CA LEU D 174 -27.86 23.33 -11.11
C LEU D 174 -29.29 23.56 -11.55
N ARG D 175 -30.12 24.05 -10.63
CA ARG D 175 -31.52 24.36 -10.90
C ARG D 175 -31.74 25.86 -10.82
N ILE D 176 -32.49 26.39 -11.77
CA ILE D 176 -32.78 27.81 -11.84
C ILE D 176 -34.29 28.00 -11.73
N THR D 177 -34.71 28.89 -10.85
CA THR D 177 -36.10 29.27 -10.73
C THR D 177 -36.34 30.54 -11.53
N GLU D 178 -37.59 30.73 -11.96
CA GLU D 178 -37.92 31.90 -12.78
C GLU D 178 -37.55 33.20 -12.08
N ASP D 179 -37.55 33.20 -10.75
CA ASP D 179 -37.16 34.37 -9.99
C ASP D 179 -35.71 34.76 -10.20
N GLY D 180 -34.88 33.85 -10.72
CA GLY D 180 -33.46 34.06 -10.84
C GLY D 180 -32.63 33.39 -9.77
N THR D 181 -33.26 32.64 -8.87
CA THR D 181 -32.54 31.94 -7.82
C THR D 181 -31.98 30.62 -8.34
N LEU D 182 -30.72 30.35 -8.01
CA LEU D 182 -30.04 29.14 -8.45
C LEU D 182 -29.73 28.26 -7.25
N LEU D 183 -30.13 27.00 -7.32
CA LEU D 183 -29.75 25.99 -6.35
C LEU D 183 -28.72 25.09 -7.00
N TYR D 184 -27.57 24.95 -6.35
CA TYR D 184 -26.42 24.29 -6.94
C TYR D 184 -25.86 23.30 -5.94
N THR D 185 -26.05 22.01 -6.21
CA THR D 185 -25.61 20.95 -5.32
C THR D 185 -24.55 20.10 -6.01
N MET D 186 -23.61 19.60 -5.22
CA MET D 186 -22.58 18.71 -5.74
C MET D 186 -22.22 17.72 -4.65
N ARG D 187 -21.91 16.50 -5.07
CA ARG D 187 -21.49 15.44 -4.16
C ARG D 187 -19.97 15.40 -4.15
N LEU D 188 -19.38 15.56 -2.97
CA LEU D 188 -17.95 15.71 -2.81
C LEU D 188 -17.41 14.71 -1.79
N THR D 189 -16.17 14.30 -2.00
CA THR D 189 -15.37 13.62 -0.99
C THR D 189 -14.18 14.51 -0.68
N VAL D 190 -14.05 14.90 0.58
CA VAL D 190 -13.05 15.89 1.01
C VAL D 190 -12.13 15.24 2.02
N ARG D 191 -10.83 15.34 1.77
CA ARG D 191 -9.83 15.11 2.80
C ARG D 191 -9.44 16.45 3.38
N ALA D 192 -9.48 16.56 4.71
CA ALA D 192 -9.23 17.81 5.38
C ALA D 192 -8.16 17.63 6.44
N GLU D 193 -7.39 18.69 6.68
CA GLU D 193 -6.36 18.67 7.70
C GLU D 193 -7.01 18.82 9.08
N CYS D 194 -6.70 17.90 9.98
CA CYS D 194 -7.16 17.94 11.37
C CYS D 194 -5.96 17.82 12.27
N PRO D 195 -5.27 18.91 12.56
CA PRO D 195 -4.14 18.84 13.50
C PRO D 195 -4.59 18.30 14.85
N MET D 196 -3.79 17.41 15.40
CA MET D 196 -4.13 16.72 16.64
C MET D 196 -3.04 16.95 17.67
N HIS D 197 -3.46 17.21 18.91
CA HIS D 197 -2.56 17.29 20.06
C HIS D 197 -2.66 15.96 20.78
N LEU D 198 -1.70 15.07 20.55
CA LEU D 198 -1.74 13.70 21.02
C LEU D 198 -1.02 13.52 22.36
N GLU D 199 -0.93 14.57 23.18
CA GLU D 199 -0.24 14.46 24.45
C GLU D 199 -1.03 13.62 25.45
N ASP D 200 -2.36 13.58 25.32
CA ASP D 200 -3.20 12.78 26.19
C ASP D 200 -3.53 11.41 25.60
N PHE D 201 -2.95 11.06 24.47
CA PHE D 201 -3.25 9.78 23.84
C PHE D 201 -2.99 8.65 24.84
N PRO D 202 -3.87 7.65 24.94
CA PRO D 202 -5.07 7.40 24.14
C PRO D 202 -6.34 8.02 24.69
N MET D 203 -6.25 8.94 25.66
CA MET D 203 -7.41 9.58 26.26
C MET D 203 -7.63 10.98 25.71
N ASP D 204 -7.34 11.19 24.43
CA ASP D 204 -7.40 12.50 23.81
C ASP D 204 -8.69 12.70 23.04
N ALA D 205 -9.12 13.97 22.95
CA ALA D 205 -10.27 14.37 22.16
C ALA D 205 -9.86 15.49 21.23
N HIS D 206 -10.48 15.52 20.05
CA HIS D 206 -10.14 16.50 19.03
C HIS D 206 -11.41 17.08 18.43
N ALA D 207 -11.30 18.33 17.96
CA ALA D 207 -12.35 19.00 17.22
C ALA D 207 -11.82 19.21 15.80
N CYS D 208 -12.13 18.28 14.91
CA CYS D 208 -11.65 18.36 13.54
C CYS D 208 -12.45 19.42 12.78
N PRO D 209 -11.80 20.41 12.18
CA PRO D 209 -12.54 21.50 11.53
C PRO D 209 -12.82 21.23 10.06
N LEU D 210 -13.71 22.06 9.51
CA LEU D 210 -14.03 22.03 8.08
C LEU D 210 -14.42 23.45 7.70
N LYS D 211 -13.49 24.18 7.10
CA LYS D 211 -13.69 25.59 6.76
C LYS D 211 -13.80 25.73 5.25
N PHE D 212 -14.67 26.64 4.81
CA PHE D 212 -14.76 26.94 3.40
C PHE D 212 -15.16 28.40 3.22
N GLY D 213 -14.94 28.89 2.01
CA GLY D 213 -15.24 30.26 1.67
C GLY D 213 -14.90 30.50 0.22
N SER D 214 -15.00 31.76 -0.20
CA SER D 214 -14.63 32.11 -1.55
C SER D 214 -13.14 32.26 -1.67
N TYR D 215 -12.57 31.72 -2.75
CA TYR D 215 -11.12 31.78 -2.91
C TYR D 215 -10.67 33.18 -3.32
N ALA D 216 -11.44 33.85 -4.18
CA ALA D 216 -10.99 35.10 -4.78
C ALA D 216 -11.80 36.32 -4.39
N TYR D 217 -13.01 36.15 -3.88
CA TYR D 217 -13.90 37.27 -3.60
C TYR D 217 -13.89 37.59 -2.12
N THR D 218 -13.64 38.86 -1.80
CA THR D 218 -13.64 39.33 -0.43
C THR D 218 -15.07 39.55 0.05
N ARG D 219 -15.21 39.77 1.35
CA ARG D 219 -16.55 39.90 1.93
C ARG D 219 -17.29 41.11 1.39
N ALA D 220 -16.59 42.06 0.78
CA ALA D 220 -17.24 43.16 0.10
C ALA D 220 -17.90 42.73 -1.21
N GLU D 221 -17.64 41.51 -1.66
CA GLU D 221 -18.16 41.00 -2.93
C GLU D 221 -19.05 39.78 -2.75
N VAL D 222 -18.62 38.80 -1.98
CA VAL D 222 -19.38 37.58 -1.75
C VAL D 222 -19.42 37.30 -0.25
N VAL D 223 -20.62 37.07 0.28
CA VAL D 223 -20.83 36.75 1.68
C VAL D 223 -21.56 35.42 1.77
N TYR D 224 -21.08 34.53 2.62
CA TYR D 224 -21.70 33.22 2.82
C TYR D 224 -22.53 33.23 4.09
N GLU D 225 -23.68 32.57 4.02
CA GLU D 225 -24.52 32.37 5.19
C GLU D 225 -25.08 30.95 5.15
N TRP D 226 -25.41 30.42 6.31
CA TRP D 226 -26.07 29.13 6.38
C TRP D 226 -27.53 29.28 6.01
N THR D 227 -28.08 28.28 5.31
CA THR D 227 -29.44 28.38 4.80
C THR D 227 -30.45 28.55 5.93
N ARG D 228 -30.31 27.75 6.99
CA ARG D 228 -31.19 27.82 8.14
C ARG D 228 -30.35 27.97 9.40
N GLU D 229 -30.96 27.80 10.57
CA GLU D 229 -30.24 27.93 11.84
C GLU D 229 -28.92 27.18 11.75
N PRO D 230 -27.77 27.86 11.94
CA PRO D 230 -26.47 27.22 11.73
C PRO D 230 -26.38 25.80 12.28
N ALA D 231 -27.03 25.55 13.42
CA ALA D 231 -27.02 24.21 13.98
C ALA D 231 -27.70 23.22 13.05
N ARG D 232 -28.80 23.62 12.42
CA ARG D 232 -29.58 22.74 11.57
C ARG D 232 -29.15 22.77 10.11
N SER D 233 -28.15 23.58 9.75
CA SER D 233 -27.72 23.67 8.37
C SER D 233 -26.75 22.56 7.98
N VAL D 234 -26.03 22.01 8.93
CA VAL D 234 -25.16 20.85 8.70
C VAL D 234 -25.84 19.65 9.34
N VAL D 235 -26.12 18.64 8.53
CA VAL D 235 -26.86 17.46 8.95
C VAL D 235 -26.00 16.23 8.65
N VAL D 236 -25.87 15.35 9.64
CA VAL D 236 -25.09 14.13 9.52
C VAL D 236 -26.07 12.96 9.51
N ALA D 237 -25.98 12.14 8.46
CA ALA D 237 -26.86 10.98 8.36
C ALA D 237 -26.67 10.07 9.57
N GLU D 238 -27.77 9.45 9.99
CA GLU D 238 -27.74 8.65 11.21
C GLU D 238 -26.72 7.52 11.11
N ASP D 239 -26.64 6.87 9.96
CA ASP D 239 -25.67 5.81 9.73
C ASP D 239 -24.37 6.32 9.15
N GLY D 240 -24.14 7.63 9.17
CA GLY D 240 -22.99 8.24 8.53
C GLY D 240 -21.69 8.16 9.27
N SER D 241 -21.67 7.63 10.49
CA SER D 241 -20.45 7.54 11.27
C SER D 241 -19.66 6.31 10.84
N ARG D 242 -18.56 6.52 10.13
CA ARG D 242 -17.69 5.45 9.66
C ARG D 242 -16.36 5.46 10.42
N LEU D 243 -16.45 5.66 11.74
CA LEU D 243 -15.27 5.76 12.60
C LEU D 243 -15.08 4.45 13.35
N ASN D 244 -13.82 4.03 13.47
CA ASN D 244 -13.47 2.84 14.23
C ASN D 244 -13.04 3.16 15.66
N GLN D 245 -12.14 4.12 15.84
CA GLN D 245 -11.55 4.41 17.13
C GLN D 245 -12.04 5.72 17.74
N TYR D 246 -13.08 6.32 17.17
CA TYR D 246 -13.60 7.59 17.68
C TYR D 246 -15.11 7.51 17.83
N ASP D 247 -15.62 8.40 18.66
CA ASP D 247 -17.05 8.65 18.76
C ASP D 247 -17.29 10.09 18.33
N LEU D 248 -18.18 10.27 17.36
CA LEU D 248 -18.57 11.62 16.92
C LEU D 248 -19.53 12.18 17.94
N LEU D 249 -19.00 12.96 18.88
CA LEU D 249 -19.83 13.53 19.94
C LEU D 249 -20.85 14.50 19.38
N GLY D 250 -20.45 15.36 18.46
CA GLY D 250 -21.35 16.37 17.95
C GLY D 250 -20.61 17.35 17.05
N GLN D 251 -21.23 18.50 16.82
CA GLN D 251 -20.69 19.48 15.89
C GLN D 251 -21.14 20.87 16.29
N THR D 252 -20.29 21.85 16.00
CA THR D 252 -20.62 23.26 16.17
C THR D 252 -20.38 23.96 14.85
N VAL D 253 -21.36 24.75 14.41
CA VAL D 253 -21.32 25.42 13.12
C VAL D 253 -21.23 26.91 13.37
N ASP D 254 -20.23 27.55 12.77
CA ASP D 254 -19.97 28.96 13.00
C ASP D 254 -19.66 29.63 11.67
N SER D 255 -19.58 30.96 11.71
CA SER D 255 -19.14 31.74 10.57
C SER D 255 -18.40 32.97 11.09
N GLY D 256 -17.48 33.47 10.27
CA GLY D 256 -16.69 34.62 10.69
C GLY D 256 -15.92 35.19 9.54
N ILE D 257 -15.00 36.09 9.87
CA ILE D 257 -14.16 36.79 8.90
C ILE D 257 -12.72 36.40 9.15
N VAL D 258 -12.00 36.06 8.08
CA VAL D 258 -10.57 35.76 8.14
C VAL D 258 -9.86 36.74 7.23
N GLN D 259 -8.81 37.36 7.73
CA GLN D 259 -8.04 38.35 6.99
C GLN D 259 -6.74 37.73 6.50
N SER D 260 -6.43 37.96 5.23
CA SER D 260 -5.19 37.46 4.64
C SER D 260 -4.51 38.58 3.86
N SER D 261 -3.46 38.24 3.11
CA SER D 261 -2.70 39.26 2.40
C SER D 261 -3.48 39.90 1.25
N THR D 262 -4.54 39.24 0.78
CA THR D 262 -5.30 39.74 -0.36
C THR D 262 -6.57 40.49 0.03
N GLY D 263 -7.04 40.32 1.26
CA GLY D 263 -8.22 41.03 1.71
C GLY D 263 -8.92 40.23 2.79
N GLU D 264 -10.07 40.74 3.21
CA GLU D 264 -10.90 40.06 4.19
C GLU D 264 -11.89 39.14 3.49
N TYR D 265 -12.00 37.91 3.98
CA TYR D 265 -12.87 36.91 3.38
C TYR D 265 -13.78 36.32 4.46
N VAL D 266 -14.98 35.93 4.04
CA VAL D 266 -15.90 35.23 4.91
C VAL D 266 -15.53 33.76 4.97
N VAL D 267 -15.60 33.17 6.16
CA VAL D 267 -15.28 31.76 6.36
C VAL D 267 -16.44 31.11 7.10
N MET D 268 -16.92 29.99 6.56
CA MET D 268 -17.87 29.13 7.25
C MET D 268 -17.10 27.96 7.83
N THR D 269 -17.31 27.69 9.11
CA THR D 269 -16.54 26.68 9.83
C THR D 269 -17.47 25.68 10.49
N THR D 270 -17.07 24.41 10.45
CA THR D 270 -17.76 23.33 11.14
C THR D 270 -16.73 22.48 11.87
N HIS D 271 -16.96 22.24 13.16
CA HIS D 271 -16.08 21.43 13.98
C HIS D 271 -16.80 20.16 14.38
N PHE D 272 -16.18 19.02 14.12
CA PHE D 272 -16.68 17.72 14.55
C PHE D 272 -15.87 17.29 15.76
N HIS D 273 -16.56 17.08 16.89
CA HIS D 273 -15.88 16.75 18.13
C HIS D 273 -15.79 15.24 18.27
N LEU D 274 -14.57 14.72 18.24
CA LEU D 274 -14.31 13.29 18.30
C LEU D 274 -13.71 12.93 19.64
N LYS D 275 -14.06 11.74 20.14
CA LYS D 275 -13.50 11.22 21.37
C LYS D 275 -13.01 9.80 21.11
N ARG D 276 -11.75 9.54 21.45
CA ARG D 276 -11.15 8.25 21.16
C ARG D 276 -11.68 7.19 22.10
N LYS D 277 -12.06 6.04 21.54
CA LYS D 277 -12.46 4.91 22.36
C LYS D 277 -11.22 4.26 22.98
N ILE D 278 -11.28 4.02 24.29
CA ILE D 278 -10.11 3.60 25.04
C ILE D 278 -10.11 2.10 25.35
N GLY D 279 -11.23 1.40 25.15
CA GLY D 279 -11.29 0.01 25.51
C GLY D 279 -10.24 -0.84 24.83
N TYR D 280 -9.82 -0.44 23.63
CA TYR D 280 -8.80 -1.21 22.90
C TYR D 280 -7.46 -1.16 23.62
N PHE D 281 -7.02 0.03 24.00
CA PHE D 281 -5.70 0.19 24.60
C PHE D 281 -5.67 -0.32 26.04
N VAL D 282 -6.82 -0.45 26.68
CA VAL D 282 -6.87 -1.05 28.01
C VAL D 282 -6.53 -2.53 27.94
N ILE D 283 -7.05 -3.23 26.94
CA ILE D 283 -6.85 -4.67 26.83
C ILE D 283 -5.58 -5.03 26.07
N GLN D 284 -5.08 -4.15 25.21
CA GLN D 284 -3.88 -4.43 24.45
C GLN D 284 -2.60 -3.97 25.16
N THR D 285 -2.65 -2.83 25.83
CA THR D 285 -1.45 -2.22 26.40
C THR D 285 -1.49 -2.14 27.91
N TYR D 286 -2.52 -1.52 28.49
CA TYR D 286 -2.48 -1.21 29.92
C TYR D 286 -2.51 -2.47 30.77
N LEU D 287 -3.45 -3.37 30.51
CA LEU D 287 -3.55 -4.58 31.34
C LEU D 287 -2.32 -5.46 31.24
N PRO D 288 -1.79 -5.77 30.06
CA PRO D 288 -0.54 -6.54 30.02
C PRO D 288 0.59 -5.87 30.77
N CYS D 289 0.70 -4.55 30.68
CA CYS D 289 1.73 -3.84 31.44
C CYS D 289 1.48 -3.96 32.94
N ILE D 290 0.23 -3.83 33.38
CA ILE D 290 -0.07 -3.92 34.79
C ILE D 290 0.19 -5.32 35.32
N MET D 291 -0.15 -6.34 34.54
CA MET D 291 0.05 -7.72 34.98
C MET D 291 1.53 -8.11 34.95
N THR D 292 2.32 -7.49 34.07
CA THR D 292 3.75 -7.75 34.07
C THR D 292 4.44 -7.07 35.25
N VAL D 293 4.00 -5.86 35.61
CA VAL D 293 4.53 -5.20 36.79
C VAL D 293 4.18 -5.98 38.04
N ILE D 294 2.95 -6.47 38.13
CA ILE D 294 2.56 -7.31 39.26
C ILE D 294 3.42 -8.58 39.29
N LEU D 295 3.68 -9.16 38.13
CA LEU D 295 4.47 -10.37 38.05
C LEU D 295 5.89 -10.12 38.56
N SER D 296 6.47 -8.98 38.21
CA SER D 296 7.81 -8.65 38.67
C SER D 296 7.87 -8.54 40.19
N GLN D 297 6.75 -8.22 40.83
CA GLN D 297 6.71 -8.10 42.28
C GLN D 297 6.42 -9.42 42.98
N VAL D 298 5.82 -10.38 42.27
CA VAL D 298 5.67 -11.73 42.82
C VAL D 298 7.02 -12.32 43.18
N SER D 299 8.10 -11.83 42.56
CA SER D 299 9.42 -12.34 42.87
C SER D 299 9.80 -12.07 44.32
N PHE D 300 9.30 -10.97 44.90
CA PHE D 300 9.63 -10.66 46.29
C PHE D 300 9.19 -11.76 47.24
N TRP D 301 8.22 -12.58 46.85
CA TRP D 301 7.68 -13.61 47.72
C TRP D 301 8.38 -14.96 47.55
N LEU D 302 9.28 -15.09 46.60
CA LEU D 302 10.11 -16.29 46.51
C LEU D 302 11.20 -16.23 47.57
N ASN D 303 11.70 -17.40 47.94
CA ASN D 303 12.77 -17.45 48.95
C ASN D 303 14.06 -16.90 48.37
N ARG D 304 14.87 -16.29 49.23
CA ARG D 304 16.07 -15.59 48.79
C ARG D 304 17.17 -16.53 48.31
N GLU D 305 17.04 -17.83 48.57
CA GLU D 305 18.08 -18.78 48.16
C GLU D 305 17.92 -19.26 46.73
N SER D 306 16.79 -18.98 46.08
CA SER D 306 16.59 -19.38 44.68
C SER D 306 17.08 -18.25 43.77
N VAL D 307 18.41 -18.13 43.74
CA VAL D 307 19.03 -17.07 42.94
C VAL D 307 18.75 -17.23 41.45
N PRO D 308 18.94 -18.40 40.84
CA PRO D 308 18.63 -18.51 39.40
C PRO D 308 17.20 -18.17 39.06
N ALA D 309 16.25 -18.59 39.89
CA ALA D 309 14.84 -18.35 39.60
C ALA D 309 14.49 -16.87 39.68
N ARG D 310 14.97 -16.18 40.71
CA ARG D 310 14.67 -14.77 40.87
C ARG D 310 15.44 -13.88 39.91
N THR D 311 16.60 -14.34 39.44
CA THR D 311 17.29 -13.62 38.37
C THR D 311 16.60 -13.83 37.03
N VAL D 312 16.20 -15.07 36.74
CA VAL D 312 15.41 -15.34 35.54
C VAL D 312 14.08 -14.62 35.61
N PHE D 313 13.44 -14.63 36.78
CA PHE D 313 12.15 -13.97 36.93
C PHE D 313 12.26 -12.48 36.61
N GLY D 314 13.21 -11.80 37.25
CA GLY D 314 13.32 -10.37 37.05
C GLY D 314 13.76 -9.97 35.66
N VAL D 315 14.68 -10.75 35.06
CA VAL D 315 15.24 -10.35 33.78
C VAL D 315 14.23 -10.58 32.66
N THR D 316 13.46 -11.67 32.74
CA THR D 316 12.50 -11.95 31.69
C THR D 316 11.29 -11.02 31.75
N THR D 317 10.97 -10.49 32.93
CA THR D 317 9.93 -9.46 33.00
C THR D 317 10.39 -8.17 32.36
N VAL D 318 11.69 -7.89 32.39
CA VAL D 318 12.23 -6.75 31.67
C VAL D 318 12.09 -6.95 30.17
N LEU D 319 12.39 -8.15 29.69
CA LEU D 319 12.22 -8.45 28.27
C LEU D 319 10.74 -8.42 27.88
N THR D 320 9.87 -8.93 28.75
CA THR D 320 8.44 -8.87 28.48
C THR D 320 7.96 -7.42 28.40
N MET D 321 8.42 -6.57 29.31
CA MET D 321 8.07 -5.15 29.23
C MET D 321 8.59 -4.54 27.94
N THR D 322 9.79 -4.91 27.53
CA THR D 322 10.34 -4.39 26.29
C THR D 322 9.47 -4.77 25.10
N THR D 323 9.02 -6.02 25.07
CA THR D 323 8.11 -6.45 24.01
C THR D 323 6.82 -5.65 24.04
N LEU D 324 6.26 -5.44 25.23
CA LEU D 324 5.04 -4.64 25.35
C LEU D 324 5.29 -3.20 24.93
N SER D 325 6.41 -2.63 25.36
CA SER D 325 6.71 -1.24 25.05
C SER D 325 6.90 -1.03 23.55
N ILE D 326 7.59 -1.96 22.89
CA ILE D 326 7.85 -1.80 21.46
C ILE D 326 6.55 -1.80 20.67
N SER D 327 5.66 -2.76 20.98
CA SER D 327 4.42 -2.86 20.23
C SER D 327 3.47 -1.71 20.55
N ALA D 328 3.47 -1.26 21.81
CA ALA D 328 2.54 -0.21 22.21
C ALA D 328 2.78 1.07 21.43
N ARG D 329 4.03 1.34 21.03
CA ARG D 329 4.32 2.55 20.29
C ARG D 329 4.10 2.41 18.80
N ASN D 330 3.97 1.18 18.29
CA ASN D 330 3.61 1.00 16.89
C ASN D 330 2.22 1.52 16.60
N SER D 331 1.27 1.29 17.52
CA SER D 331 -0.07 1.82 17.35
C SER D 331 -0.06 3.34 17.33
N LEU D 332 0.74 3.94 18.20
CA LEU D 332 0.83 5.39 18.23
C LEU D 332 1.30 5.91 16.89
N PRO D 333 0.79 7.06 16.43
CA PRO D 333 1.37 7.67 15.23
C PRO D 333 2.82 8.06 15.47
N LYS D 334 3.60 8.05 14.40
CA LYS D 334 5.03 8.29 14.51
C LYS D 334 5.29 9.75 14.81
N VAL D 335 4.97 10.16 16.03
CA VAL D 335 5.23 11.51 16.52
C VAL D 335 6.46 11.45 17.40
N ALA D 336 7.24 12.53 17.41
CA ALA D 336 8.54 12.54 18.07
C ALA D 336 8.47 13.01 19.51
N TYR D 337 7.30 13.30 20.05
CA TYR D 337 7.15 13.71 21.44
C TYR D 337 6.47 12.60 22.24
N ALA D 338 6.43 12.79 23.56
CA ALA D 338 5.96 11.79 24.49
C ALA D 338 4.51 12.02 24.85
N THR D 339 3.73 10.95 24.86
CA THR D 339 2.29 10.97 25.12
C THR D 339 2.00 10.34 26.48
N ALA D 340 0.70 10.22 26.78
CA ALA D 340 0.30 9.70 28.08
C ALA D 340 0.51 8.20 28.18
N MET D 341 0.50 7.49 27.06
CA MET D 341 0.79 6.06 27.10
C MET D 341 2.27 5.79 27.24
N ASP D 342 3.12 6.64 26.67
CA ASP D 342 4.56 6.48 26.84
C ASP D 342 4.96 6.62 28.31
N TRP D 343 4.38 7.60 29.00
CA TRP D 343 4.74 7.82 30.39
C TRP D 343 4.31 6.66 31.27
N PHE D 344 3.14 6.09 31.01
CA PHE D 344 2.68 4.93 31.78
C PHE D 344 3.61 3.74 31.56
N ILE D 345 4.04 3.53 30.32
CA ILE D 345 4.94 2.42 30.02
C ILE D 345 6.32 2.66 30.63
N ALA D 346 6.78 3.91 30.59
CA ALA D 346 8.08 4.22 31.18
C ALA D 346 8.09 3.94 32.68
N VAL D 347 7.00 4.24 33.37
CA VAL D 347 6.93 3.97 34.80
C VAL D 347 6.90 2.47 35.06
N CYS D 348 6.12 1.72 34.27
CA CYS D 348 6.10 0.28 34.42
C CYS D 348 7.47 -0.32 34.13
N TYR D 349 8.18 0.23 33.14
CA TYR D 349 9.56 -0.16 32.89
C TYR D 349 10.43 0.11 34.11
N ALA D 350 10.25 1.25 34.77
CA ALA D 350 11.06 1.58 35.92
C ALA D 350 10.73 0.69 37.11
N PHE D 351 9.47 0.32 37.27
CA PHE D 351 9.08 -0.58 38.35
C PHE D 351 9.65 -1.97 38.14
N VAL D 352 9.61 -2.47 36.90
CA VAL D 352 10.16 -3.79 36.62
C VAL D 352 11.68 -3.78 36.75
N PHE D 353 12.31 -2.70 36.28
CA PHE D 353 13.76 -2.56 36.43
C PHE D 353 14.15 -2.51 37.91
N SER D 354 13.40 -1.76 38.71
CA SER D 354 13.75 -1.63 40.13
C SER D 354 13.56 -2.96 40.87
N ALA D 355 12.58 -3.77 40.47
CA ALA D 355 12.36 -5.04 41.14
C ALA D 355 13.56 -5.96 40.97
N LEU D 356 14.19 -5.96 39.80
CA LEU D 356 15.39 -6.77 39.61
C LEU D 356 16.58 -6.19 40.35
N ILE D 357 16.64 -4.86 40.50
CA ILE D 357 17.67 -4.25 41.33
C ILE D 357 17.42 -4.55 42.80
N GLU D 358 16.15 -4.69 43.19
CA GLU D 358 15.84 -5.04 44.58
C GLU D 358 16.44 -6.39 44.94
N PHE D 359 16.28 -7.38 44.06
CA PHE D 359 16.81 -8.72 44.37
C PHE D 359 18.33 -8.73 44.39
N ALA D 360 18.98 -7.92 43.56
CA ALA D 360 20.43 -7.84 43.59
C ALA D 360 20.91 -7.40 44.96
N THR D 361 20.18 -6.50 45.60
CA THR D 361 20.54 -6.06 46.93
C THR D 361 20.22 -7.13 47.97
N VAL D 362 19.09 -7.82 47.82
CA VAL D 362 18.75 -8.90 48.73
C VAL D 362 19.83 -9.99 48.67
N ASN D 363 20.21 -10.37 47.44
CA ASN D 363 21.18 -11.45 47.28
C ASN D 363 22.54 -11.07 47.86
N TYR D 364 22.87 -9.78 47.86
CA TYR D 364 24.17 -9.37 48.40
C TYR D 364 24.29 -9.68 49.88
N PHE D 365 23.17 -9.71 50.60
CA PHE D 365 23.17 -9.98 52.03
C PHE D 365 22.71 -11.40 52.34
N THR D 366 22.60 -12.27 51.35
CA THR D 366 22.33 -13.67 51.60
C THR D 366 23.62 -14.37 51.96
N LYS D 367 23.58 -15.21 53.00
CA LYS D 367 24.79 -15.86 53.51
C LYS D 367 24.87 -17.32 53.09
N ARG D 368 23.85 -18.11 53.38
CA ARG D 368 23.88 -19.54 53.15
C ARG D 368 23.25 -19.85 51.79
N GLY D 369 23.90 -20.71 51.03
CA GLY D 369 23.42 -21.08 49.71
C GLY D 369 22.35 -22.13 49.68
N TYR D 370 21.91 -22.62 50.84
CA TYR D 370 20.88 -23.64 50.93
C TYR D 370 19.63 -23.05 51.57
N ALA D 371 18.48 -23.47 51.08
CA ALA D 371 17.20 -23.00 51.59
C ALA D 371 16.77 -23.84 52.80
N TRP D 372 15.67 -23.41 53.41
CA TRP D 372 15.12 -24.16 54.54
C TRP D 372 14.79 -25.58 54.11
N ASP D 373 15.21 -26.54 54.93
CA ASP D 373 15.11 -27.95 54.55
C ASP D 373 13.70 -28.51 54.68
N GLY D 374 12.81 -27.82 55.40
CA GLY D 374 11.44 -28.24 55.54
C GLY D 374 11.16 -29.11 56.74
N LYS D 375 12.19 -29.60 57.44
CA LYS D 375 12.02 -30.43 58.62
C LYS D 375 12.20 -29.62 59.90
N SER D 376 13.35 -28.97 60.05
CA SER D 376 13.63 -28.17 61.25
C SER D 376 12.85 -26.86 61.24
N LYS D 439 22.69 -26.54 62.63
CA LYS D 439 22.46 -26.02 61.29
C LYS D 439 21.53 -24.83 61.33
N THR D 440 22.00 -23.71 60.80
CA THR D 440 21.23 -22.47 60.75
C THR D 440 20.82 -22.17 59.32
N PHE D 441 19.81 -21.30 59.18
CA PHE D 441 19.24 -20.94 57.90
C PHE D 441 19.09 -19.43 57.80
N ASN D 442 19.04 -18.93 56.58
CA ASN D 442 18.85 -17.51 56.35
C ASN D 442 17.48 -17.07 56.84
N SER D 443 17.39 -15.82 57.27
CA SER D 443 16.13 -15.22 57.64
C SER D 443 15.52 -14.50 56.45
N VAL D 444 14.18 -14.39 56.44
CA VAL D 444 13.50 -13.69 55.36
C VAL D 444 14.02 -12.26 55.31
N SER D 445 14.46 -11.83 54.14
CA SER D 445 15.09 -10.53 53.99
C SER D 445 14.15 -9.42 54.42
N LYS D 446 14.66 -8.49 55.22
CA LYS D 446 13.86 -7.32 55.59
C LYS D 446 13.62 -6.44 54.37
N ILE D 447 14.53 -6.47 53.40
CA ILE D 447 14.29 -5.76 52.14
C ILE D 447 13.08 -6.34 51.44
N ASP D 448 12.96 -7.67 51.44
CA ASP D 448 11.80 -8.31 50.81
C ASP D 448 10.52 -7.96 51.54
N ARG D 449 10.52 -8.07 52.87
CA ARG D 449 9.31 -7.77 53.63
C ARG D 449 8.83 -6.35 53.36
N LEU D 450 9.76 -5.41 53.27
CA LEU D 450 9.38 -4.03 52.97
CA LEU D 450 9.38 -4.04 52.97
C LEU D 450 9.03 -3.85 51.50
N SER D 451 9.76 -4.53 50.61
CA SER D 451 9.47 -4.43 49.18
C SER D 451 8.13 -5.06 48.82
N ARG D 452 7.66 -6.01 49.63
CA ARG D 452 6.34 -6.59 49.41
C ARG D 452 5.23 -5.58 49.64
N ILE D 453 5.51 -4.50 50.37
CA ILE D 453 4.53 -3.47 50.67
C ILE D 453 4.80 -2.21 49.86
N ALA D 454 6.05 -1.75 49.83
CA ALA D 454 6.36 -0.50 49.15
C ALA D 454 6.06 -0.58 47.66
N PHE D 455 6.47 -1.67 47.01
CA PHE D 455 6.29 -1.77 45.57
C PHE D 455 4.83 -1.82 45.16
N PRO D 456 3.98 -2.69 45.72
CA PRO D 456 2.55 -2.62 45.38
C PRO D 456 1.92 -1.28 45.69
N LEU D 457 2.29 -0.66 46.82
CA LEU D 457 1.68 0.61 47.19
C LEU D 457 2.10 1.73 46.25
N LEU D 458 3.40 1.81 45.93
CA LEU D 458 3.89 2.86 45.06
C LEU D 458 3.28 2.75 43.67
N PHE D 459 3.17 1.53 43.14
CA PHE D 459 2.49 1.34 41.86
C PHE D 459 1.02 1.70 41.97
N GLY D 460 0.38 1.32 43.08
CA GLY D 460 -1.00 1.71 43.28
C GLY D 460 -1.18 3.23 43.30
N ILE D 461 -0.28 3.93 43.99
CA ILE D 461 -0.36 5.38 44.03
C ILE D 461 -0.18 5.96 42.63
N PHE D 462 0.81 5.47 41.89
CA PHE D 462 1.03 5.98 40.55
C PHE D 462 -0.21 5.84 39.68
N ASN D 463 -0.90 4.71 39.80
CA ASN D 463 -2.09 4.50 38.99
C ASN D 463 -3.19 5.49 39.32
N LEU D 464 -3.43 5.73 40.61
CA LEU D 464 -4.46 6.70 40.99
C LEU D 464 -4.10 8.09 40.50
N VAL D 465 -2.84 8.50 40.67
CA VAL D 465 -2.42 9.81 40.18
C VAL D 465 -2.50 9.86 38.66
N TYR D 466 -2.13 8.75 38.00
CA TYR D 466 -2.12 8.73 36.55
C TYR D 466 -3.55 8.77 35.99
N TRP D 467 -4.42 7.91 36.51
CA TRP D 467 -5.77 7.82 35.93
C TRP D 467 -6.62 9.01 36.31
N ALA D 468 -6.54 9.46 37.57
CA ALA D 468 -7.28 10.65 37.96
C ALA D 468 -6.85 11.87 37.16
N THR D 469 -5.61 11.90 36.70
CA THR D 469 -5.13 13.04 35.93
C THR D 469 -5.72 13.06 34.53
N TYR D 470 -5.74 11.91 33.86
CA TYR D 470 -6.10 11.86 32.45
C TYR D 470 -7.58 11.57 32.21
N LEU D 471 -8.24 10.88 33.13
CA LEU D 471 -9.67 10.62 32.99
C LEU D 471 -10.48 11.79 33.51
N MET E 49 5.83 18.09 -51.10
CA MET E 49 5.38 17.94 -49.68
C MET E 49 3.89 18.16 -49.58
N SER E 50 3.37 19.13 -50.35
CA SER E 50 1.94 19.38 -50.36
C SER E 50 1.17 18.20 -50.95
N PHE E 51 1.77 17.48 -51.90
CA PHE E 51 1.09 16.33 -52.48
C PHE E 51 0.76 15.30 -51.41
N VAL E 52 1.72 15.02 -50.52
CA VAL E 52 1.45 14.12 -49.40
C VAL E 52 0.42 14.74 -48.47
N LYS E 53 0.53 16.04 -48.20
CA LYS E 53 -0.44 16.71 -47.34
C LYS E 53 -1.84 16.63 -47.94
N GLU E 54 -1.95 16.86 -49.25
CA GLU E 54 -3.25 16.75 -49.91
C GLU E 54 -3.79 15.34 -49.82
N THR E 55 -2.93 14.33 -50.01
CA THR E 55 -3.39 12.95 -49.96
C THR E 55 -4.01 12.63 -48.61
N VAL E 56 -3.32 12.98 -47.52
CA VAL E 56 -3.84 12.69 -46.19
C VAL E 56 -5.16 13.40 -45.95
N ASP E 57 -5.27 14.64 -46.44
CA ASP E 57 -6.52 15.38 -46.27
C ASP E 57 -7.68 14.68 -46.96
N LYS E 58 -7.44 14.13 -48.15
CA LYS E 58 -8.51 13.44 -48.87
C LYS E 58 -9.03 12.26 -48.07
N LEU E 59 -8.13 11.48 -47.46
CA LEU E 59 -8.54 10.28 -46.75
C LEU E 59 -9.48 10.63 -45.59
N LEU E 60 -9.15 11.66 -44.83
CA LEU E 60 -9.95 12.04 -43.67
C LEU E 60 -11.13 12.94 -44.01
N LYS E 61 -11.24 13.38 -45.26
CA LYS E 61 -12.38 14.20 -45.67
C LYS E 61 -13.60 13.31 -45.81
N GLY E 62 -14.59 13.51 -44.95
CA GLY E 62 -15.77 12.66 -44.94
C GLY E 62 -15.58 11.33 -44.26
N TYR E 63 -14.43 11.08 -43.64
CA TYR E 63 -14.19 9.83 -42.94
C TYR E 63 -15.10 9.74 -41.72
N ASP E 64 -15.80 8.61 -41.59
CA ASP E 64 -16.73 8.39 -40.49
C ASP E 64 -16.06 7.46 -39.48
N ILE E 65 -15.73 8.01 -38.31
CA ILE E 65 -15.04 7.22 -37.29
C ILE E 65 -16.00 6.38 -36.47
N ARG E 66 -17.29 6.67 -36.51
CA ARG E 66 -18.27 5.87 -35.77
C ARG E 66 -18.61 4.57 -36.47
N LEU E 67 -18.15 4.38 -37.70
CA LEU E 67 -18.45 3.17 -38.47
C LEU E 67 -17.18 2.39 -38.70
N ARG E 68 -17.21 1.11 -38.37
CA ARG E 68 -16.07 0.23 -38.57
C ARG E 68 -15.85 0.00 -40.07
N PRO E 69 -14.64 -0.43 -40.45
CA PRO E 69 -14.43 -0.82 -41.85
C PRO E 69 -15.37 -1.93 -42.27
N ASP E 70 -15.82 -1.87 -43.52
CA ASP E 70 -16.75 -2.85 -44.07
C ASP E 70 -17.99 -2.98 -43.18
N PHE E 71 -18.53 -1.85 -42.75
CA PHE E 71 -19.72 -1.88 -41.91
C PHE E 71 -20.83 -2.65 -42.61
N GLY E 72 -21.40 -3.62 -41.92
CA GLY E 72 -22.42 -4.47 -42.49
C GLY E 72 -21.90 -5.57 -43.40
N GLY E 73 -20.61 -5.57 -43.71
CA GLY E 73 -20.02 -6.60 -44.53
C GLY E 73 -19.37 -7.68 -43.70
N PRO E 74 -18.39 -8.38 -44.27
CA PRO E 74 -17.68 -9.39 -43.50
C PRO E 74 -16.97 -8.75 -42.33
N PRO E 75 -16.79 -9.48 -41.23
CA PRO E 75 -16.10 -8.89 -40.08
C PRO E 75 -14.68 -8.48 -40.43
N VAL E 76 -14.23 -7.39 -39.83
CA VAL E 76 -12.86 -6.93 -40.02
C VAL E 76 -11.93 -7.80 -39.19
N CYS E 77 -10.92 -8.36 -39.84
CA CYS E 77 -9.95 -9.22 -39.17
C CYS E 77 -8.81 -8.37 -38.62
N VAL E 78 -8.58 -8.47 -37.31
CA VAL E 78 -7.56 -7.70 -36.62
C VAL E 78 -6.50 -8.67 -36.11
N GLY E 79 -5.26 -8.49 -36.55
CA GLY E 79 -4.15 -9.31 -36.13
C GLY E 79 -3.33 -8.58 -35.08
N MET E 80 -2.91 -9.31 -34.05
CA MET E 80 -2.22 -8.71 -32.91
C MET E 80 -0.92 -9.44 -32.64
N ASN E 81 0.11 -8.69 -32.29
CA ASN E 81 1.34 -9.22 -31.75
C ASN E 81 1.78 -8.33 -30.61
N ILE E 82 2.55 -8.89 -29.68
CA ILE E 82 2.94 -8.19 -28.46
C ILE E 82 4.43 -8.36 -28.26
N ASP E 83 5.11 -7.28 -27.88
CA ASP E 83 6.48 -7.34 -27.39
C ASP E 83 6.44 -6.98 -25.91
N ILE E 84 6.82 -7.93 -25.07
CA ILE E 84 6.75 -7.75 -23.63
C ILE E 84 8.04 -7.09 -23.17
N ALA E 85 7.93 -5.87 -22.67
CA ALA E 85 9.09 -5.16 -22.16
C ALA E 85 9.52 -5.70 -20.80
N SER E 86 8.57 -6.00 -19.92
CA SER E 86 8.93 -6.50 -18.59
C SER E 86 7.68 -6.92 -17.84
N ILE E 87 7.87 -7.85 -16.91
CA ILE E 87 6.89 -8.15 -15.86
C ILE E 87 7.48 -7.67 -14.55
N ASP E 88 6.82 -6.69 -13.92
CA ASP E 88 7.43 -5.91 -12.86
C ASP E 88 7.14 -6.49 -11.49
N MET E 89 5.86 -6.61 -11.14
CA MET E 89 5.44 -7.12 -9.85
C MET E 89 4.55 -8.32 -10.05
N VAL E 90 4.72 -9.32 -9.18
CA VAL E 90 3.83 -10.48 -9.13
C VAL E 90 3.51 -10.66 -7.65
N SER E 91 2.40 -10.07 -7.21
CA SER E 91 2.07 -9.98 -5.80
C SER E 91 1.00 -11.01 -5.43
N GLU E 92 1.30 -11.82 -4.42
CA GLU E 92 0.30 -12.74 -3.91
C GLU E 92 -0.75 -12.04 -3.07
N VAL E 93 -0.37 -10.93 -2.41
CA VAL E 93 -1.33 -10.20 -1.57
C VAL E 93 -2.45 -9.64 -2.42
N ASN E 94 -2.11 -8.96 -3.51
CA ASN E 94 -3.11 -8.39 -4.41
C ASN E 94 -3.53 -9.35 -5.50
N MET E 95 -2.85 -10.48 -5.65
CA MET E 95 -3.15 -11.47 -6.67
C MET E 95 -3.30 -10.80 -8.04
N ASP E 96 -2.20 -10.20 -8.48
CA ASP E 96 -2.14 -9.57 -9.79
C ASP E 96 -0.68 -9.50 -10.20
N TYR E 97 -0.43 -8.95 -11.38
CA TYR E 97 0.92 -8.71 -11.85
C TYR E 97 0.88 -7.50 -12.77
N THR E 98 2.00 -6.81 -12.89
CA THR E 98 2.13 -5.67 -13.77
C THR E 98 2.90 -6.08 -15.01
N LEU E 99 2.52 -5.49 -16.14
CA LEU E 99 3.04 -5.90 -17.44
C LEU E 99 3.18 -4.66 -18.31
N THR E 100 4.39 -4.41 -18.79
CA THR E 100 4.65 -3.35 -19.76
C THR E 100 4.95 -4.01 -21.09
N MET E 101 4.18 -3.65 -22.11
CA MET E 101 4.27 -4.33 -23.39
C MET E 101 4.07 -3.34 -24.52
N TYR E 102 4.58 -3.69 -25.68
CA TYR E 102 4.26 -3.02 -26.93
C TYR E 102 3.17 -3.82 -27.61
N PHE E 103 2.01 -3.20 -27.82
CA PHE E 103 0.81 -3.86 -28.28
C PHE E 103 0.48 -3.34 -29.68
N GLN E 104 0.56 -4.22 -30.67
CA GLN E 104 0.35 -3.86 -32.06
C GLN E 104 -0.93 -4.51 -32.58
N GLN E 105 -1.68 -3.76 -33.39
CA GLN E 105 -2.88 -4.26 -34.04
C GLN E 105 -2.77 -3.96 -35.52
N TYR E 106 -3.11 -4.93 -36.35
CA TYR E 106 -3.09 -4.80 -37.80
C TYR E 106 -4.48 -5.07 -38.36
N TRP E 107 -4.96 -4.20 -39.22
CA TRP E 107 -6.20 -4.43 -39.93
C TRP E 107 -6.18 -3.64 -41.22
N ARG E 108 -7.05 -4.01 -42.14
CA ARG E 108 -7.15 -3.38 -43.45
C ARG E 108 -8.38 -2.49 -43.49
N ASP E 109 -8.18 -1.22 -43.83
CA ASP E 109 -9.26 -0.25 -43.95
C ASP E 109 -9.19 0.35 -45.35
N LYS E 110 -10.15 -0.05 -46.20
CA LYS E 110 -10.14 0.42 -47.58
C LYS E 110 -10.30 1.93 -47.66
N ARG E 111 -11.02 2.52 -46.70
CA ARG E 111 -11.19 3.97 -46.70
C ARG E 111 -9.86 4.70 -46.57
N LEU E 112 -8.82 4.02 -46.09
CA LEU E 112 -7.51 4.62 -45.90
C LEU E 112 -6.50 4.20 -46.94
N ALA E 113 -6.94 3.61 -48.05
CA ALA E 113 -6.03 3.28 -49.13
C ALA E 113 -5.59 4.53 -49.86
N TYR E 114 -4.32 4.58 -50.27
CA TYR E 114 -3.78 5.70 -51.00
C TYR E 114 -2.83 5.19 -52.07
N SER E 115 -2.67 5.98 -53.12
CA SER E 115 -1.83 5.62 -54.25
C SER E 115 -0.99 6.82 -54.67
N GLY E 116 0.10 6.53 -55.37
CA GLY E 116 1.03 7.55 -55.81
C GLY E 116 2.13 7.86 -54.83
N ILE E 117 2.07 7.30 -53.62
CA ILE E 117 3.11 7.48 -52.61
C ILE E 117 3.75 6.13 -52.33
N PRO E 118 4.93 5.86 -52.89
CA PRO E 118 5.59 4.56 -52.71
C PRO E 118 6.25 4.41 -51.34
N LEU E 119 5.52 4.74 -50.29
CA LEU E 119 6.05 4.68 -48.93
C LEU E 119 4.92 4.37 -47.97
N ASN E 120 5.28 3.75 -46.85
CA ASN E 120 4.36 3.59 -45.74
C ASN E 120 4.39 4.87 -44.91
N LEU E 121 3.22 5.45 -44.67
CA LEU E 121 3.13 6.76 -44.03
C LEU E 121 3.06 6.57 -42.52
N THR E 122 4.18 6.82 -41.84
CA THR E 122 4.17 6.96 -40.39
C THR E 122 3.72 8.39 -40.07
N LEU E 123 2.63 8.51 -39.32
CA LEU E 123 2.01 9.79 -39.07
C LEU E 123 2.10 10.15 -37.60
N ASP E 124 1.96 11.44 -37.31
CA ASP E 124 1.90 11.91 -35.94
C ASP E 124 0.81 11.16 -35.20
N ASN E 125 1.12 10.69 -33.99
CA ASN E 125 0.20 9.82 -33.28
C ASN E 125 -1.14 10.49 -33.04
N ARG E 126 -1.21 11.82 -33.09
CA ARG E 126 -2.46 12.52 -32.88
C ARG E 126 -3.46 12.28 -33.99
N VAL E 127 -3.04 11.67 -35.11
CA VAL E 127 -3.99 11.33 -36.16
C VAL E 127 -4.84 10.12 -35.78
N ALA E 128 -4.41 9.35 -34.77
CA ALA E 128 -5.19 8.19 -34.36
C ALA E 128 -6.58 8.58 -33.87
N ASP E 129 -6.73 9.81 -33.38
CA ASP E 129 -8.04 10.28 -32.95
C ASP E 129 -9.00 10.49 -34.10
N GLN E 130 -8.50 10.45 -35.34
CA GLN E 130 -9.32 10.69 -36.53
C GLN E 130 -9.55 9.42 -37.33
N LEU E 131 -9.36 8.26 -36.72
CA LEU E 131 -9.51 6.97 -37.39
C LEU E 131 -10.32 6.03 -36.52
N TRP E 132 -10.90 5.02 -37.16
CA TRP E 132 -11.51 3.93 -36.42
C TRP E 132 -10.42 2.96 -35.98
N VAL E 133 -10.43 2.62 -34.70
CA VAL E 133 -9.50 1.64 -34.16
C VAL E 133 -10.34 0.60 -33.41
N PRO E 134 -9.90 -0.66 -33.34
CA PRO E 134 -10.69 -1.65 -32.61
C PRO E 134 -10.89 -1.25 -31.16
N ASP E 135 -12.05 -1.59 -30.61
CA ASP E 135 -12.35 -1.33 -29.22
C ASP E 135 -11.78 -2.45 -28.35
N THR E 136 -10.49 -2.74 -28.52
CA THR E 136 -9.84 -3.81 -27.78
C THR E 136 -9.60 -3.40 -26.34
N TYR E 137 -9.79 -4.34 -25.42
CA TYR E 137 -9.51 -4.10 -24.01
C TYR E 137 -9.07 -5.41 -23.38
N PHE E 138 -8.51 -5.30 -22.18
CA PHE E 138 -7.99 -6.45 -21.46
C PHE E 138 -8.98 -6.84 -20.38
N LEU E 139 -9.62 -7.99 -20.56
CA LEU E 139 -10.79 -8.35 -19.77
C LEU E 139 -10.46 -8.52 -18.30
N ASN E 140 -9.23 -8.91 -17.98
CA ASN E 140 -8.84 -9.20 -16.60
C ASN E 140 -7.91 -8.15 -16.02
N ASP E 141 -7.69 -7.03 -16.71
CA ASP E 141 -6.81 -6.00 -16.16
C ASP E 141 -7.50 -5.26 -15.02
N LYS E 142 -6.71 -4.89 -14.03
CA LYS E 142 -7.22 -4.12 -12.90
C LYS E 142 -7.05 -2.62 -13.12
N LYS E 143 -5.88 -2.21 -13.59
CA LYS E 143 -5.60 -0.81 -13.88
C LYS E 143 -4.50 -0.75 -14.92
N SER E 144 -4.67 0.09 -15.94
CA SER E 144 -3.70 0.18 -17.01
C SER E 144 -3.68 1.59 -17.56
N PHE E 145 -2.58 1.93 -18.22
CA PHE E 145 -2.43 3.24 -18.83
C PHE E 145 -1.50 3.15 -20.02
N VAL E 146 -1.61 4.13 -20.91
CA VAL E 146 -0.71 4.28 -22.04
C VAL E 146 0.29 5.36 -21.68
N HIS E 147 1.57 5.05 -21.82
CA HIS E 147 2.61 5.98 -21.39
C HIS E 147 2.59 7.25 -22.24
N GLY E 148 2.97 8.36 -21.61
CA GLY E 148 2.77 9.66 -22.21
C GLY E 148 3.91 10.65 -22.11
N VAL E 149 5.14 10.17 -21.99
CA VAL E 149 6.33 11.00 -22.00
C VAL E 149 7.27 10.47 -23.06
N THR E 150 7.81 11.35 -23.91
CA THR E 150 7.55 12.79 -23.91
C THR E 150 6.19 13.09 -24.53
N VAL E 151 5.73 12.18 -25.39
CA VAL E 151 4.39 12.23 -25.96
C VAL E 151 3.72 10.90 -25.70
N LYS E 152 2.44 10.81 -26.04
CA LYS E 152 1.72 9.55 -25.91
C LYS E 152 2.43 8.49 -26.76
N ASN E 153 2.75 7.36 -26.13
CA ASN E 153 3.48 6.28 -26.79
C ASN E 153 2.49 5.54 -27.67
N ARG E 154 2.17 6.17 -28.80
CA ARG E 154 1.19 5.66 -29.73
C ARG E 154 1.74 5.80 -31.14
N MET E 155 1.49 4.81 -31.98
CA MET E 155 2.00 4.79 -33.34
C MET E 155 0.89 4.43 -34.31
N ILE E 156 0.83 5.17 -35.41
CA ILE E 156 -0.07 4.88 -36.53
C ILE E 156 0.77 4.86 -37.80
N ARG E 157 0.83 3.71 -38.46
CA ARG E 157 1.57 3.57 -39.70
C ARG E 157 0.63 2.99 -40.74
N LEU E 158 0.50 3.68 -41.88
CA LEU E 158 -0.35 3.25 -42.96
C LEU E 158 0.48 2.57 -44.03
N HIS E 159 -0.19 1.75 -44.84
CA HIS E 159 0.41 1.08 -45.98
C HIS E 159 -0.47 1.34 -47.19
N PRO E 160 0.09 1.26 -48.40
CA PRO E 160 -0.68 1.70 -49.58
C PRO E 160 -2.01 1.01 -49.73
N ASP E 161 -2.09 -0.29 -49.44
CA ASP E 161 -3.32 -1.04 -49.65
C ASP E 161 -4.42 -0.68 -48.65
N GLY E 162 -4.10 0.07 -47.60
CA GLY E 162 -5.05 0.39 -46.56
C GLY E 162 -4.78 -0.26 -45.23
N THR E 163 -3.74 -1.07 -45.12
CA THR E 163 -3.41 -1.70 -43.85
C THR E 163 -2.99 -0.64 -42.83
N VAL E 164 -3.47 -0.79 -41.61
CA VAL E 164 -3.18 0.14 -40.52
C VAL E 164 -2.43 -0.63 -39.44
N LEU E 165 -1.30 -0.08 -39.01
CA LEU E 165 -0.53 -0.60 -37.89
C LEU E 165 -0.69 0.36 -36.72
N TYR E 166 -1.32 -0.11 -35.66
CA TYR E 166 -1.63 0.72 -34.50
C TYR E 166 -0.93 0.13 -33.27
N GLY E 167 0.11 0.80 -32.81
CA GLY E 167 0.92 0.33 -31.71
C GLY E 167 0.78 1.23 -30.50
N LEU E 168 0.75 0.61 -29.31
CA LEU E 168 0.67 1.32 -28.05
C LEU E 168 1.68 0.72 -27.08
N ARG E 169 2.21 1.56 -26.19
CA ARG E 169 2.99 1.09 -25.06
C ARG E 169 2.11 1.19 -23.82
N ILE E 170 1.83 0.05 -23.21
CA ILE E 170 0.83 -0.07 -22.16
C ILE E 170 1.47 -0.74 -20.96
N THR E 171 1.25 -0.16 -19.78
CA THR E 171 1.51 -0.85 -18.53
C THR E 171 0.16 -1.21 -17.92
N THR E 172 -0.08 -2.50 -17.73
CA THR E 172 -1.36 -2.98 -17.23
C THR E 172 -1.14 -3.88 -16.02
N THR E 173 -1.89 -3.63 -14.97
CA THR E 173 -1.95 -4.53 -13.83
C THR E 173 -3.09 -5.51 -14.06
N ALA E 174 -2.77 -6.79 -14.17
CA ALA E 174 -3.74 -7.80 -14.53
C ALA E 174 -3.97 -8.75 -13.36
N ALA E 175 -5.22 -9.19 -13.20
CA ALA E 175 -5.56 -10.09 -12.11
C ALA E 175 -5.06 -11.49 -12.42
N CYS E 176 -4.31 -12.07 -11.48
CA CYS E 176 -3.85 -13.45 -11.58
C CYS E 176 -4.23 -14.13 -10.27
N MET E 177 -5.32 -14.90 -10.29
CA MET E 177 -5.75 -15.63 -9.10
C MET E 177 -4.78 -16.76 -8.85
N MET E 178 -4.03 -16.68 -7.75
CA MET E 178 -2.97 -17.63 -7.46
C MET E 178 -3.45 -18.68 -6.48
N ASP E 179 -3.00 -19.91 -6.69
CA ASP E 179 -3.30 -21.03 -5.80
C ASP E 179 -2.12 -21.20 -4.84
N LEU E 180 -2.35 -20.90 -3.56
CA LEU E 180 -1.29 -20.88 -2.57
C LEU E 180 -1.38 -22.03 -1.58
N ARG E 181 -2.05 -23.13 -1.95
CA ARG E 181 -2.05 -24.30 -1.09
C ARG E 181 -0.65 -24.88 -0.95
N ARG E 182 0.09 -24.94 -2.05
CA ARG E 182 1.42 -25.53 -2.09
C ARG E 182 2.53 -24.51 -1.91
N TYR E 183 2.18 -23.27 -1.60
CA TYR E 183 3.19 -22.23 -1.42
C TYR E 183 4.17 -22.63 -0.32
N PRO E 184 5.48 -22.39 -0.51
CA PRO E 184 6.16 -21.74 -1.62
C PRO E 184 6.59 -22.69 -2.72
N LEU E 185 6.09 -23.92 -2.71
CA LEU E 185 6.36 -24.88 -3.78
C LEU E 185 5.31 -24.81 -4.87
N ASP E 186 4.71 -23.65 -5.08
CA ASP E 186 3.55 -23.50 -5.93
C ASP E 186 3.94 -23.14 -7.35
N GLU E 187 3.07 -23.48 -8.29
CA GLU E 187 3.20 -23.10 -9.68
C GLU E 187 1.95 -22.36 -10.09
N GLN E 188 2.11 -21.19 -10.69
CA GLN E 188 1.00 -20.33 -11.05
C GLN E 188 0.85 -20.27 -12.57
N ASN E 189 -0.33 -19.82 -12.98
CA ASN E 189 -0.63 -19.64 -14.40
C ASN E 189 -1.37 -18.31 -14.52
N CYS E 190 -0.70 -17.29 -15.04
CA CYS E 190 -1.26 -15.96 -15.18
C CYS E 190 -1.57 -15.69 -16.65
N THR E 191 -2.73 -15.10 -16.90
CA THR E 191 -3.24 -14.90 -18.24
C THR E 191 -3.41 -13.41 -18.53
N LEU E 192 -3.58 -13.11 -19.80
CA LEU E 192 -3.96 -11.77 -20.27
C LEU E 192 -5.03 -11.96 -21.32
N GLU E 193 -6.26 -11.58 -21.02
CA GLU E 193 -7.39 -11.80 -21.90
C GLU E 193 -7.62 -10.55 -22.74
N ILE E 194 -7.62 -10.71 -24.06
CA ILE E 194 -7.79 -9.60 -25.00
C ILE E 194 -9.10 -9.82 -25.73
N GLU E 195 -10.04 -8.90 -25.55
CA GLU E 195 -11.38 -9.08 -26.08
C GLU E 195 -11.89 -7.76 -26.66
N SER E 196 -12.84 -7.87 -27.57
CA SER E 196 -13.53 -6.71 -28.10
C SER E 196 -14.68 -6.33 -27.18
N TYR E 197 -14.81 -5.04 -26.90
CA TYR E 197 -15.81 -4.62 -25.92
C TYR E 197 -17.21 -4.61 -26.52
N GLY E 198 -17.38 -4.00 -27.69
CA GLY E 198 -18.70 -3.80 -28.22
C GLY E 198 -19.06 -4.72 -29.38
N TYR E 199 -18.08 -5.04 -30.21
CA TYR E 199 -18.35 -5.78 -31.44
C TYR E 199 -18.30 -7.28 -31.22
N THR E 200 -19.26 -7.97 -31.82
CA THR E 200 -19.32 -9.43 -31.76
C THR E 200 -18.49 -10.01 -32.89
N THR E 201 -18.46 -11.34 -32.97
CA THR E 201 -17.71 -12.01 -34.03
C THR E 201 -18.30 -11.79 -35.41
N ASP E 202 -19.53 -11.28 -35.49
CA ASP E 202 -20.10 -10.90 -36.78
C ASP E 202 -19.46 -9.64 -37.32
N ASP E 203 -18.81 -8.84 -36.48
CA ASP E 203 -18.22 -7.57 -36.87
C ASP E 203 -16.70 -7.57 -36.86
N ILE E 204 -16.08 -8.22 -35.87
CA ILE E 204 -14.63 -8.16 -35.70
C ILE E 204 -14.14 -9.54 -35.31
N GLU E 205 -13.01 -9.95 -35.90
CA GLU E 205 -12.36 -11.20 -35.58
C GLU E 205 -10.90 -10.94 -35.23
N PHE E 206 -10.39 -11.66 -34.24
CA PHE E 206 -9.01 -11.51 -33.80
C PHE E 206 -8.19 -12.72 -34.24
N TYR E 207 -6.89 -12.49 -34.41
CA TYR E 207 -5.95 -13.58 -34.61
C TYR E 207 -4.57 -13.11 -34.16
N TRP E 208 -3.76 -14.05 -33.70
CA TRP E 208 -2.37 -13.77 -33.40
C TRP E 208 -1.60 -13.64 -34.70
N ARG E 209 -0.98 -12.49 -34.92
CA ARG E 209 -0.26 -12.25 -36.16
C ARG E 209 1.13 -12.84 -36.07
N GLY E 210 1.41 -13.84 -36.91
CA GLY E 210 2.65 -14.59 -36.83
C GLY E 210 2.56 -15.86 -36.03
N GLY E 211 1.36 -16.34 -35.72
CA GLY E 211 1.23 -17.59 -34.99
C GLY E 211 1.84 -17.50 -33.61
N ASP E 212 2.60 -18.54 -33.25
CA ASP E 212 3.20 -18.60 -31.93
C ASP E 212 4.38 -17.65 -31.76
N LYS E 213 4.80 -16.97 -32.82
CA LYS E 213 5.80 -15.93 -32.74
C LYS E 213 5.17 -14.55 -32.54
N ALA E 214 3.86 -14.49 -32.35
CA ALA E 214 3.19 -13.20 -32.21
C ALA E 214 3.53 -12.50 -30.91
N VAL E 215 4.09 -13.21 -29.93
CA VAL E 215 4.50 -12.62 -28.66
C VAL E 215 5.99 -12.86 -28.49
N THR E 216 6.74 -11.77 -28.28
CA THR E 216 8.18 -11.83 -28.13
C THR E 216 8.58 -11.15 -26.83
N GLY E 217 9.81 -11.44 -26.39
CA GLY E 217 10.35 -10.87 -25.18
C GLY E 217 10.17 -11.72 -23.94
N VAL E 218 9.44 -12.83 -24.04
CA VAL E 218 9.19 -13.65 -22.86
C VAL E 218 10.50 -14.24 -22.33
N GLU E 219 11.36 -14.68 -23.25
CA GLU E 219 12.63 -15.28 -22.82
C GLU E 219 13.48 -14.29 -22.04
N ARG E 220 13.36 -13.00 -22.32
CA ARG E 220 14.18 -11.99 -21.65
C ARG E 220 13.66 -11.62 -20.27
N ILE E 221 12.42 -11.98 -19.94
CA ILE E 221 11.85 -11.57 -18.66
C ILE E 221 12.62 -12.22 -17.52
N GLU E 222 12.90 -11.43 -16.49
CA GLU E 222 13.50 -11.92 -15.26
C GLU E 222 12.62 -11.53 -14.09
N LEU E 223 12.20 -12.51 -13.31
CA LEU E 223 11.39 -12.25 -12.14
C LEU E 223 12.17 -12.61 -10.87
N PRO E 224 12.13 -11.76 -9.85
CA PRO E 224 12.93 -12.04 -8.65
C PRO E 224 12.51 -13.29 -7.92
N GLN E 225 11.31 -13.81 -8.17
CA GLN E 225 10.76 -14.90 -7.38
C GLN E 225 10.19 -16.04 -8.22
N PHE E 226 10.08 -15.89 -9.53
CA PHE E 226 9.53 -16.91 -10.42
C PHE E 226 10.43 -17.09 -11.62
N SER E 227 10.20 -18.19 -12.34
CA SER E 227 10.80 -18.41 -13.65
C SER E 227 9.67 -18.73 -14.63
N ILE E 228 9.74 -18.13 -15.82
CA ILE E 228 8.71 -18.34 -16.84
C ILE E 228 8.98 -19.69 -17.48
N VAL E 229 8.23 -20.72 -17.05
CA VAL E 229 8.42 -22.05 -17.61
C VAL E 229 7.94 -22.11 -19.04
N GLU E 230 6.81 -21.48 -19.34
CA GLU E 230 6.18 -21.61 -20.65
C GLU E 230 5.22 -20.45 -20.84
N HIS E 231 4.87 -20.20 -22.09
CA HIS E 231 3.77 -19.29 -22.42
C HIS E 231 3.03 -19.85 -23.61
N ARG E 232 1.73 -19.56 -23.67
CA ARG E 232 0.86 -20.07 -24.72
C ARG E 232 0.01 -18.95 -25.29
N LEU E 233 -0.33 -19.09 -26.56
CA LEU E 233 -1.27 -18.20 -27.24
C LEU E 233 -2.51 -18.98 -27.62
N VAL E 234 -3.67 -18.50 -27.20
CA VAL E 234 -4.94 -19.13 -27.51
C VAL E 234 -5.84 -18.12 -28.22
N SER E 235 -6.71 -18.65 -29.08
CA SER E 235 -7.69 -17.86 -29.80
C SER E 235 -9.02 -18.61 -29.76
N ARG E 236 -10.10 -17.93 -29.39
CA ARG E 236 -11.37 -18.60 -29.23
C ARG E 236 -12.49 -17.56 -29.26
N ASN E 237 -13.71 -18.03 -29.10
CA ASN E 237 -14.90 -17.19 -29.03
C ASN E 237 -15.59 -17.43 -27.70
N VAL E 238 -16.06 -16.36 -27.09
CA VAL E 238 -16.79 -16.41 -25.83
C VAL E 238 -18.22 -15.94 -26.09
N VAL E 239 -19.19 -16.67 -25.58
CA VAL E 239 -20.60 -16.42 -25.84
C VAL E 239 -21.23 -15.83 -24.58
N PHE E 240 -21.86 -14.67 -24.72
CA PHE E 240 -22.54 -13.99 -23.63
C PHE E 240 -24.03 -13.88 -23.96
N ALA E 241 -24.75 -13.13 -23.12
CA ALA E 241 -26.14 -12.83 -23.40
C ALA E 241 -26.29 -11.94 -24.63
N THR E 242 -25.32 -11.07 -24.89
CA THR E 242 -25.38 -10.14 -26.00
C THR E 242 -24.74 -10.66 -27.28
N GLY E 243 -24.24 -11.90 -27.28
CA GLY E 243 -23.67 -12.51 -28.46
C GLY E 243 -22.24 -12.97 -28.22
N ALA E 244 -21.69 -13.64 -29.24
CA ALA E 244 -20.34 -14.16 -29.17
C ALA E 244 -19.32 -13.06 -29.44
N TYR E 245 -18.16 -13.18 -28.79
CA TYR E 245 -17.11 -12.19 -28.90
C TYR E 245 -15.78 -12.85 -29.15
N PRO E 246 -14.90 -12.22 -29.94
CA PRO E 246 -13.57 -12.80 -30.17
C PRO E 246 -12.68 -12.61 -28.95
N ARG E 247 -11.87 -13.62 -28.69
CA ARG E 247 -10.98 -13.64 -27.54
C ARG E 247 -9.59 -14.07 -27.99
N LEU E 248 -8.58 -13.35 -27.52
CA LEU E 248 -7.19 -13.79 -27.61
C LEU E 248 -6.65 -13.86 -26.19
N SER E 249 -6.01 -14.98 -25.85
CA SER E 249 -5.45 -15.19 -24.53
C SER E 249 -3.94 -15.37 -24.66
N LEU E 250 -3.20 -14.70 -23.78
CA LEU E 250 -1.78 -14.96 -23.56
C LEU E 250 -1.63 -15.38 -22.11
N SER E 251 -0.96 -16.51 -21.90
CA SER E 251 -0.81 -17.05 -20.56
C SER E 251 0.64 -17.47 -20.32
N PHE E 252 1.08 -17.33 -19.08
CA PHE E 252 2.38 -17.75 -18.63
C PHE E 252 2.22 -18.80 -17.54
N ARG E 253 3.19 -19.69 -17.43
CA ARG E 253 3.29 -20.60 -16.30
C ARG E 253 4.49 -20.20 -15.47
N LEU E 254 4.27 -19.95 -14.19
CA LEU E 254 5.30 -19.46 -13.29
C LEU E 254 5.62 -20.52 -12.25
N LYS E 255 6.89 -20.85 -12.12
CA LYS E 255 7.36 -21.76 -11.08
C LYS E 255 8.20 -20.96 -10.10
N ARG E 256 7.86 -21.06 -8.81
CA ARG E 256 8.53 -20.28 -7.79
C ARG E 256 9.89 -20.88 -7.46
N ASN E 257 10.85 -20.01 -7.16
CA ASN E 257 12.18 -20.44 -6.78
C ASN E 257 12.16 -20.94 -5.34
N ILE E 258 12.54 -22.20 -5.14
CA ILE E 258 12.42 -22.83 -3.84
C ILE E 258 13.72 -22.76 -3.02
N GLY E 259 14.86 -22.55 -3.68
CA GLY E 259 16.13 -22.59 -2.96
C GLY E 259 16.18 -21.60 -1.81
N TYR E 260 15.67 -20.39 -2.04
CA TYR E 260 15.75 -19.37 -1.00
C TYR E 260 14.98 -19.78 0.25
N PHE E 261 13.78 -20.35 0.08
CA PHE E 261 12.96 -20.68 1.23
C PHE E 261 13.58 -21.79 2.05
N ILE E 262 14.39 -22.66 1.43
CA ILE E 262 15.02 -23.73 2.18
C ILE E 262 15.97 -23.16 3.23
N LEU E 263 16.80 -22.20 2.84
CA LEU E 263 17.73 -21.60 3.80
C LEU E 263 17.00 -20.70 4.78
N GLN E 264 15.99 -19.97 4.32
CA GLN E 264 15.38 -18.95 5.16
C GLN E 264 14.35 -19.54 6.11
N THR E 265 13.44 -20.37 5.59
CA THR E 265 12.28 -20.81 6.35
C THR E 265 12.42 -22.24 6.86
N TYR E 266 12.71 -23.20 5.97
CA TYR E 266 12.69 -24.59 6.38
C TYR E 266 13.90 -24.95 7.25
N MET E 267 15.10 -24.50 6.86
CA MET E 267 16.30 -24.91 7.58
C MET E 267 16.29 -24.48 9.04
N PRO E 268 16.02 -23.22 9.39
CA PRO E 268 16.00 -22.84 10.81
C PRO E 268 15.00 -23.64 11.62
N SER E 269 13.82 -23.91 11.07
CA SER E 269 12.84 -24.70 11.80
C SER E 269 13.35 -26.12 12.04
N ILE E 270 14.02 -26.70 11.06
CA ILE E 270 14.55 -28.06 11.21
C ILE E 270 15.58 -28.10 12.33
N LEU E 271 16.50 -27.12 12.34
CA LEU E 271 17.57 -27.14 13.34
C LEU E 271 17.02 -26.98 14.76
N ILE E 272 16.07 -26.05 14.94
CA ILE E 272 15.48 -25.87 16.26
C ILE E 272 14.79 -27.14 16.73
N THR E 273 14.15 -27.86 15.79
CA THR E 273 13.50 -29.10 16.16
C THR E 273 14.52 -30.13 16.64
N ILE E 274 15.66 -30.24 15.96
CA ILE E 274 16.70 -31.16 16.40
C ILE E 274 17.25 -30.72 17.74
N LEU E 275 17.34 -29.41 17.98
CA LEU E 275 17.83 -28.92 19.26
C LEU E 275 16.94 -29.39 20.41
N SER E 276 15.63 -29.38 20.21
CA SER E 276 14.71 -29.79 21.27
C SER E 276 14.95 -31.23 21.70
N TRP E 277 15.56 -32.06 20.87
CA TRP E 277 15.87 -33.43 21.25
C TRP E 277 17.12 -33.53 22.11
N VAL E 278 17.91 -32.46 22.21
CA VAL E 278 19.03 -32.46 23.14
C VAL E 278 18.56 -32.72 24.56
N SER E 279 17.29 -32.41 24.85
CA SER E 279 16.75 -32.65 26.18
C SER E 279 16.73 -34.14 26.51
N PHE E 280 16.54 -35.00 25.51
CA PHE E 280 16.47 -36.43 25.77
C PHE E 280 17.82 -37.00 26.18
N TRP E 281 18.90 -36.25 25.99
CA TRP E 281 20.24 -36.70 26.32
C TRP E 281 20.78 -36.04 27.58
N ILE E 282 19.93 -35.36 28.34
CA ILE E 282 20.31 -34.73 29.59
C ILE E 282 19.66 -35.53 30.71
N ASN E 283 20.33 -35.56 31.86
CA ASN E 283 19.83 -36.34 32.98
C ASN E 283 18.41 -35.92 33.34
N TYR E 284 17.60 -36.89 33.75
CA TYR E 284 16.23 -36.60 34.12
C TYR E 284 16.15 -35.60 35.26
N ASP E 285 17.19 -35.53 36.09
CA ASP E 285 17.18 -34.69 37.27
C ASP E 285 17.60 -33.25 36.99
N ALA E 286 18.10 -32.95 35.79
CA ALA E 286 18.49 -31.59 35.42
C ALA E 286 17.27 -30.80 34.97
N SER E 287 16.34 -30.63 35.90
CA SER E 287 15.05 -30.02 35.59
C SER E 287 15.23 -28.60 35.04
N ALA E 288 16.12 -27.81 35.65
CA ALA E 288 16.31 -26.44 35.18
C ALA E 288 16.85 -26.42 33.76
N ALA E 289 17.82 -27.27 33.46
CA ALA E 289 18.41 -27.28 32.12
C ALA E 289 17.41 -27.74 31.07
N ARG E 290 16.63 -28.80 31.38
CA ARG E 290 15.75 -29.37 30.39
C ARG E 290 14.50 -28.53 30.17
N VAL E 291 13.99 -27.89 31.22
CA VAL E 291 12.87 -26.98 31.04
C VAL E 291 13.29 -25.73 30.28
N ALA E 292 14.47 -25.19 30.61
CA ALA E 292 14.95 -24.00 29.93
C ALA E 292 15.16 -24.26 28.45
N LEU E 293 15.75 -25.40 28.11
CA LEU E 293 15.91 -25.78 26.71
C LEU E 293 14.56 -26.00 26.04
N GLY E 294 13.65 -26.68 26.72
CA GLY E 294 12.37 -26.99 26.12
C GLY E 294 11.52 -25.75 25.89
N ILE E 295 11.45 -24.85 26.88
CA ILE E 295 10.57 -23.70 26.72
C ILE E 295 11.22 -22.65 25.83
N THR E 296 12.55 -22.59 25.77
CA THR E 296 13.21 -21.60 24.94
C THR E 296 13.19 -21.99 23.47
N THR E 297 13.19 -23.29 23.16
CA THR E 297 12.99 -23.72 21.78
C THR E 297 11.55 -23.49 21.34
N VAL E 298 10.59 -23.63 22.25
CA VAL E 298 9.20 -23.27 21.95
C VAL E 298 9.10 -21.78 21.66
N LEU E 299 9.77 -20.96 22.47
CA LEU E 299 9.80 -19.52 22.19
C LEU E 299 10.45 -19.24 20.85
N THR E 300 11.53 -19.95 20.52
CA THR E 300 12.21 -19.73 19.26
C THR E 300 11.32 -20.07 18.09
N MET E 301 10.57 -21.17 18.19
CA MET E 301 9.66 -21.55 17.12
C MET E 301 8.57 -20.50 16.92
N THR E 302 8.03 -19.97 18.01
CA THR E 302 7.05 -18.89 17.88
C THR E 302 7.68 -17.67 17.23
N THR E 303 8.91 -17.33 17.62
CA THR E 303 9.61 -16.21 17.02
C THR E 303 9.70 -16.39 15.51
N ILE E 304 10.10 -17.58 15.06
CA ILE E 304 10.19 -17.84 13.62
C ILE E 304 8.83 -17.66 12.98
N ASN E 305 7.79 -18.20 13.60
CA ASN E 305 6.47 -18.21 12.96
C ASN E 305 5.87 -16.81 12.91
N THR E 306 6.08 -16.01 13.96
CA THR E 306 5.36 -14.74 14.07
C THR E 306 5.79 -13.76 12.98
N HIS E 307 7.08 -13.42 12.93
CA HIS E 307 7.54 -12.39 11.99
C HIS E 307 8.49 -12.96 10.96
N LEU E 308 8.11 -14.08 10.35
CA LEU E 308 8.76 -14.56 9.13
C LEU E 308 7.94 -14.01 7.95
N ARG E 309 8.40 -12.89 7.40
CA ARG E 309 7.62 -12.19 6.38
C ARG E 309 7.44 -13.00 5.11
N GLU E 310 8.26 -14.04 4.90
CA GLU E 310 8.08 -14.94 3.78
C GLU E 310 6.91 -15.90 3.98
N THR E 311 6.26 -15.85 5.14
CA THR E 311 5.06 -16.65 5.39
C THR E 311 3.81 -16.01 4.80
N LEU E 312 3.90 -14.78 4.29
CA LEU E 312 2.76 -14.07 3.72
C LEU E 312 1.64 -13.96 4.75
N PRO E 313 1.87 -13.26 5.87
CA PRO E 313 0.79 -13.09 6.86
C PRO E 313 -0.39 -12.28 6.34
N LYS E 314 -0.22 -11.50 5.29
CA LYS E 314 -1.31 -10.68 4.77
C LYS E 314 -2.30 -11.47 3.93
N ILE E 315 -2.00 -12.73 3.60
CA ILE E 315 -2.92 -13.58 2.86
C ILE E 315 -3.45 -14.65 3.81
N PRO E 316 -4.66 -14.50 4.34
CA PRO E 316 -5.13 -15.47 5.35
C PRO E 316 -5.85 -16.70 4.83
N TYR E 317 -5.07 -17.67 4.36
CA TYR E 317 -5.56 -19.05 4.26
C TYR E 317 -4.36 -19.98 4.25
N VAL E 318 -4.64 -21.25 4.59
CA VAL E 318 -3.58 -22.19 4.92
C VAL E 318 -2.74 -22.53 3.69
N LYS E 319 -1.42 -22.53 3.87
CA LYS E 319 -0.46 -22.85 2.82
C LYS E 319 0.44 -23.98 3.28
N ALA E 320 1.27 -24.48 2.37
CA ALA E 320 2.16 -25.59 2.69
C ALA E 320 3.18 -25.19 3.75
N ILE E 321 3.69 -23.96 3.69
CA ILE E 321 4.65 -23.51 4.68
C ILE E 321 4.02 -23.46 6.06
N ASP E 322 2.74 -23.07 6.14
CA ASP E 322 2.05 -23.03 7.42
C ASP E 322 1.99 -24.40 8.06
N MET E 323 1.69 -25.43 7.26
CA MET E 323 1.60 -26.79 7.79
C MET E 323 2.94 -27.24 8.35
N TYR E 324 4.04 -26.92 7.65
CA TYR E 324 5.35 -27.37 8.11
C TYR E 324 5.76 -26.67 9.40
N LEU E 325 5.58 -25.36 9.47
CA LEU E 325 5.95 -24.63 10.67
C LEU E 325 5.16 -25.12 11.87
N MET E 326 3.87 -25.42 11.68
CA MET E 326 3.08 -25.94 12.78
C MET E 326 3.42 -27.40 13.06
N GLY E 327 3.85 -28.15 12.06
CA GLY E 327 4.35 -29.49 12.32
C GLY E 327 5.57 -29.46 13.23
N CYS E 328 6.49 -28.54 12.97
CA CYS E 328 7.68 -28.41 13.83
C CYS E 328 7.31 -27.85 15.19
N PHE E 329 6.32 -26.96 15.25
CA PHE E 329 5.88 -26.41 16.52
C PHE E 329 5.29 -27.50 17.41
N VAL E 330 4.54 -28.43 16.81
CA VAL E 330 3.98 -29.52 17.58
C VAL E 330 5.07 -30.41 18.14
N PHE E 331 6.14 -30.62 17.37
CA PHE E 331 7.23 -31.49 17.83
C PHE E 331 7.95 -30.90 19.04
N VAL E 332 8.31 -29.61 18.97
CA VAL E 332 8.97 -29.00 20.11
C VAL E 332 8.02 -28.93 21.30
N PHE E 333 6.73 -28.72 21.03
CA PHE E 333 5.74 -28.78 22.10
C PHE E 333 5.74 -30.13 22.78
N LEU E 334 5.86 -31.21 22.01
CA LEU E 334 5.82 -32.55 22.59
C LEU E 334 7.13 -32.88 23.31
N ALA E 335 8.26 -32.37 22.83
CA ALA E 335 9.53 -32.65 23.49
C ALA E 335 9.55 -32.09 24.90
N LEU E 336 8.98 -30.91 25.09
CA LEU E 336 8.88 -30.36 26.44
C LEU E 336 7.78 -31.06 27.24
N LEU E 337 6.70 -31.45 26.57
CA LEU E 337 5.65 -32.19 27.24
C LEU E 337 6.12 -33.57 27.67
N GLU E 338 7.09 -34.14 26.94
CA GLU E 338 7.64 -35.43 27.33
C GLU E 338 8.35 -35.36 28.68
N TYR E 339 8.92 -34.20 29.03
CA TYR E 339 9.65 -34.11 30.29
C TYR E 339 8.70 -34.06 31.48
N ALA E 340 7.48 -33.53 31.28
CA ALA E 340 6.50 -33.58 32.35
C ALA E 340 6.27 -35.01 32.82
N PHE E 341 6.17 -35.95 31.89
CA PHE E 341 6.04 -37.36 32.25
C PHE E 341 7.31 -37.87 32.91
N VAL E 342 8.47 -37.57 32.31
CA VAL E 342 9.74 -38.07 32.86
C VAL E 342 9.93 -37.56 34.27
N ASN E 343 9.78 -36.25 34.49
CA ASN E 343 9.99 -35.70 35.82
C ASN E 343 8.95 -36.24 36.81
N TYR E 344 7.68 -36.25 36.40
CA TYR E 344 6.64 -36.72 37.31
C TYR E 344 6.80 -38.19 37.65
N ILE E 345 7.06 -39.02 36.64
CA ILE E 345 7.09 -40.46 36.86
C ILE E 345 8.28 -40.90 37.71
N PHE E 346 9.24 -40.01 37.95
CA PHE E 346 10.28 -40.28 38.95
C PHE E 346 9.90 -39.67 40.30
N PHE E 347 9.76 -38.35 40.35
CA PHE E 347 9.53 -37.68 41.63
C PHE E 347 8.10 -37.86 42.10
N GLY E 348 7.14 -37.85 41.18
CA GLY E 348 5.75 -38.06 41.54
C GLY E 348 5.37 -39.49 41.82
N ARG E 349 6.24 -40.44 41.50
CA ARG E 349 5.98 -41.85 41.74
C ARG E 349 7.27 -42.61 42.04
N ASP E 461 12.04 -47.05 33.80
CA ASP E 461 10.77 -46.36 33.60
C ASP E 461 11.01 -44.87 33.37
N VAL E 462 11.74 -44.24 34.29
CA VAL E 462 12.11 -42.85 34.10
C VAL E 462 13.15 -42.72 32.98
N ASN E 463 14.11 -43.64 32.94
CA ASN E 463 15.05 -43.70 31.83
C ASN E 463 14.42 -44.32 30.59
N ALA E 464 13.35 -45.10 30.76
CA ALA E 464 12.71 -45.74 29.61
C ALA E 464 12.09 -44.70 28.69
N ILE E 465 11.42 -43.70 29.24
CA ILE E 465 10.76 -42.68 28.41
C ILE E 465 11.81 -41.89 27.63
N ASP E 466 12.89 -41.48 28.29
CA ASP E 466 13.97 -40.80 27.58
C ASP E 466 14.64 -41.71 26.58
N ARG E 467 14.82 -42.99 26.94
CA ARG E 467 15.49 -43.92 26.04
C ARG E 467 14.73 -44.06 24.73
N TRP E 468 13.41 -44.16 24.80
CA TRP E 468 12.61 -44.29 23.58
C TRP E 468 12.53 -42.98 22.82
N SER E 469 12.38 -41.86 23.53
CA SER E 469 12.27 -40.59 22.84
C SER E 469 13.48 -40.29 21.99
N ARG E 470 14.65 -40.81 22.37
CA ARG E 470 15.85 -40.62 21.56
C ARG E 470 15.73 -41.27 20.19
N ILE E 471 14.78 -42.18 20.01
CA ILE E 471 14.54 -42.85 18.74
C ILE E 471 13.24 -42.37 18.11
N VAL E 472 12.17 -42.31 18.89
CA VAL E 472 10.86 -42.00 18.34
C VAL E 472 10.85 -40.59 17.75
N PHE E 473 11.40 -39.62 18.47
CA PHE E 473 11.36 -38.25 17.98
C PHE E 473 12.17 -38.06 16.72
N PRO E 474 13.44 -38.48 16.64
CA PRO E 474 14.13 -38.41 15.34
C PRO E 474 13.45 -39.22 14.25
N PHE E 475 12.90 -40.39 14.58
CA PHE E 475 12.26 -41.23 13.58
C PHE E 475 10.95 -40.62 13.11
N THR E 476 10.12 -40.17 14.05
CA THR E 476 8.83 -39.61 13.70
C THR E 476 8.97 -38.33 12.89
N PHE E 477 10.00 -37.53 13.20
CA PHE E 477 10.20 -36.28 12.46
C PHE E 477 10.62 -36.55 11.03
N SER E 478 11.45 -37.57 10.81
CA SER E 478 11.80 -37.95 9.45
C SER E 478 10.58 -38.50 8.71
N LEU E 479 9.75 -39.28 9.39
CA LEU E 479 8.52 -39.76 8.78
C LEU E 479 7.61 -38.59 8.41
N PHE E 480 7.54 -37.58 9.27
CA PHE E 480 6.77 -36.38 8.94
C PHE E 480 7.36 -35.67 7.73
N ASN E 481 8.68 -35.58 7.66
CA ASN E 481 9.31 -34.92 6.53
C ASN E 481 9.09 -35.70 5.24
N LEU E 482 9.25 -37.02 5.28
CA LEU E 482 9.00 -37.83 4.10
C LEU E 482 7.59 -37.62 3.58
N VAL E 483 6.60 -37.78 4.45
CA VAL E 483 5.21 -37.62 4.04
C VAL E 483 4.97 -36.21 3.51
N TYR E 484 5.55 -35.21 4.17
CA TYR E 484 5.32 -33.83 3.75
C TYR E 484 5.87 -33.57 2.36
N TRP E 485 7.14 -33.90 2.13
CA TRP E 485 7.76 -33.56 0.86
C TRP E 485 7.14 -34.34 -0.29
N LEU E 486 6.83 -35.62 -0.09
CA LEU E 486 6.15 -36.38 -1.12
C LEU E 486 4.80 -35.77 -1.45
N TYR E 487 4.04 -35.39 -0.42
CA TYR E 487 2.71 -34.83 -0.65
C TYR E 487 2.78 -33.51 -1.39
N TYR E 488 3.74 -32.65 -1.05
CA TYR E 488 3.87 -31.34 -1.66
C TYR E 488 4.88 -31.30 -2.81
N VAL E 489 5.47 -32.44 -3.17
CA VAL E 489 6.38 -32.48 -4.31
C VAL E 489 6.13 -33.74 -5.12
N GLN F 1 -4.67 -29.67 -18.00
CA GLN F 1 -5.99 -30.25 -18.43
C GLN F 1 -6.77 -30.74 -17.22
N VAL F 2 -8.05 -31.08 -17.46
CA VAL F 2 -8.94 -31.57 -16.42
C VAL F 2 -9.68 -32.78 -16.96
N GLN F 3 -9.88 -33.78 -16.12
CA GLN F 3 -10.60 -35.00 -16.47
C GLN F 3 -11.80 -35.15 -15.54
N LEU F 4 -12.98 -35.35 -16.12
CA LEU F 4 -14.22 -35.41 -15.38
C LEU F 4 -14.92 -36.73 -15.65
N GLN F 5 -15.46 -37.34 -14.61
CA GLN F 5 -16.25 -38.57 -14.74
C GLN F 5 -17.42 -38.52 -13.78
N GLU F 6 -18.63 -38.63 -14.31
CA GLU F 6 -19.84 -38.58 -13.51
C GLU F 6 -20.20 -39.97 -13.00
N SER F 7 -20.93 -40.01 -11.89
CA SER F 7 -21.38 -41.27 -11.32
C SER F 7 -22.62 -41.02 -10.49
N GLY F 8 -23.32 -42.10 -10.16
CA GLY F 8 -24.53 -42.04 -9.37
C GLY F 8 -25.81 -42.13 -10.16
N GLY F 9 -25.74 -42.23 -11.48
CA GLY F 9 -26.94 -42.32 -12.28
C GLY F 9 -27.59 -43.69 -12.20
N GLY F 10 -28.87 -43.74 -12.54
CA GLY F 10 -29.60 -44.98 -12.50
C GLY F 10 -31.08 -44.75 -12.71
N LEU F 11 -31.88 -45.71 -12.23
CA LEU F 11 -33.33 -45.66 -12.34
C LEU F 11 -33.92 -45.31 -10.98
N VAL F 12 -34.79 -44.29 -10.96
CA VAL F 12 -35.46 -43.86 -9.75
C VAL F 12 -36.92 -43.59 -10.07
N GLN F 13 -37.81 -43.96 -9.17
CA GLN F 13 -39.23 -43.72 -9.36
C GLN F 13 -39.55 -42.24 -9.23
N ALA F 14 -40.52 -41.79 -10.01
CA ALA F 14 -40.90 -40.39 -9.99
C ALA F 14 -41.31 -39.97 -8.59
N GLY F 15 -40.88 -38.77 -8.19
CA GLY F 15 -41.11 -38.27 -6.86
C GLY F 15 -40.03 -38.62 -5.87
N GLY F 16 -39.04 -39.41 -6.26
CA GLY F 16 -37.94 -39.77 -5.39
C GLY F 16 -36.79 -38.78 -5.48
N SER F 17 -35.62 -39.24 -5.05
CA SER F 17 -34.43 -38.41 -5.03
C SER F 17 -33.24 -39.21 -5.55
N LEU F 18 -32.24 -38.50 -6.04
CA LEU F 18 -31.03 -39.12 -6.55
C LEU F 18 -29.86 -38.16 -6.35
N ARG F 19 -28.66 -38.71 -6.31
CA ARG F 19 -27.44 -37.93 -6.12
C ARG F 19 -26.42 -38.35 -7.17
N LEU F 20 -25.88 -37.36 -7.88
CA LEU F 20 -24.85 -37.58 -8.87
C LEU F 20 -23.55 -36.94 -8.39
N SER F 21 -22.44 -37.66 -8.56
CA SER F 21 -21.12 -37.17 -8.19
C SER F 21 -20.26 -37.04 -9.44
N CYS F 22 -19.46 -35.97 -9.49
CA CYS F 22 -18.54 -35.72 -10.58
C CYS F 22 -17.15 -35.56 -10.00
N ALA F 23 -16.23 -36.44 -10.41
CA ALA F 23 -14.87 -36.45 -9.88
C ALA F 23 -13.93 -35.78 -10.87
N ALA F 24 -13.20 -34.78 -10.40
CA ALA F 24 -12.32 -33.99 -11.24
C ALA F 24 -10.87 -34.17 -10.80
N SER F 25 -9.98 -34.34 -11.77
CA SER F 25 -8.56 -34.39 -11.53
C SER F 25 -7.85 -33.55 -12.58
N GLY F 26 -6.67 -33.06 -12.23
CA GLY F 26 -5.88 -32.25 -13.13
C GLY F 26 -5.75 -30.81 -12.66
N HIS F 27 -5.75 -29.87 -13.60
CA HIS F 27 -5.65 -28.45 -13.27
C HIS F 27 -7.03 -27.90 -12.90
N THR F 28 -7.60 -28.47 -11.83
CA THR F 28 -8.94 -28.08 -11.42
C THR F 28 -9.00 -26.63 -10.96
N PHE F 29 -7.87 -26.04 -10.55
CA PHE F 29 -7.87 -24.64 -10.14
C PHE F 29 -7.94 -23.71 -11.33
N ASN F 30 -7.46 -24.14 -12.50
CA ASN F 30 -7.56 -23.31 -13.70
C ASN F 30 -8.99 -23.25 -14.23
N TYR F 31 -9.85 -24.19 -13.83
CA TYR F 31 -11.23 -24.25 -14.30
C TYR F 31 -12.13 -24.32 -13.06
N PRO F 32 -12.28 -23.20 -12.36
CA PRO F 32 -12.92 -23.24 -11.03
C PRO F 32 -14.42 -23.47 -11.05
N ILE F 33 -15.10 -23.19 -12.16
CA ILE F 33 -16.56 -23.24 -12.21
C ILE F 33 -16.98 -24.57 -12.81
N MET F 34 -17.76 -25.34 -12.06
CA MET F 34 -18.31 -26.61 -12.53
C MET F 34 -19.80 -26.43 -12.80
N GLY F 35 -20.21 -26.81 -14.00
CA GLY F 35 -21.61 -26.68 -14.40
C GLY F 35 -22.20 -28.04 -14.73
N TRP F 36 -23.49 -28.20 -14.46
CA TRP F 36 -24.21 -29.42 -14.77
C TRP F 36 -25.14 -29.16 -15.94
N PHE F 37 -25.11 -30.05 -16.93
CA PHE F 37 -25.99 -30.00 -18.07
C PHE F 37 -26.77 -31.31 -18.16
N ARG F 38 -27.76 -31.35 -19.03
CA ARG F 38 -28.50 -32.58 -19.30
C ARG F 38 -28.89 -32.62 -20.76
N GLN F 39 -28.72 -33.78 -21.38
CA GLN F 39 -28.99 -33.98 -22.79
C GLN F 39 -30.23 -34.86 -22.92
N ALA F 40 -31.34 -34.25 -23.33
CA ALA F 40 -32.55 -35.01 -23.60
C ALA F 40 -32.35 -35.85 -24.85
N PRO F 41 -33.16 -36.91 -25.02
CA PRO F 41 -32.94 -37.79 -26.18
C PRO F 41 -32.96 -37.05 -27.51
N GLY F 42 -33.80 -36.03 -27.66
CA GLY F 42 -33.93 -35.33 -28.92
C GLY F 42 -33.38 -33.92 -28.92
N LYS F 43 -33.49 -33.22 -27.79
CA LYS F 43 -33.13 -31.82 -27.72
C LYS F 43 -31.62 -31.67 -27.56
N GLU F 44 -31.17 -30.43 -27.36
CA GLU F 44 -29.75 -30.14 -27.18
C GLU F 44 -29.42 -30.11 -25.68
N ARG F 45 -28.14 -29.92 -25.37
CA ARG F 45 -27.72 -29.82 -23.98
C ARG F 45 -28.39 -28.62 -23.32
N GLU F 46 -28.93 -28.84 -22.13
CA GLU F 46 -29.66 -27.82 -21.39
C GLU F 46 -28.95 -27.56 -20.07
N PHE F 47 -28.71 -26.28 -19.77
CA PHE F 47 -28.07 -25.92 -18.52
C PHE F 47 -28.94 -26.32 -17.34
N VAL F 48 -28.30 -26.88 -16.32
CA VAL F 48 -28.99 -27.32 -15.10
C VAL F 48 -28.57 -26.49 -13.90
N GLY F 49 -27.27 -26.46 -13.61
CA GLY F 49 -26.78 -25.67 -12.49
C GLY F 49 -25.29 -25.50 -12.58
N ALA F 50 -24.76 -24.70 -11.66
CA ALA F 50 -23.33 -24.42 -11.60
C ALA F 50 -22.97 -24.04 -10.18
N ILE F 51 -21.66 -24.08 -9.88
CA ILE F 51 -21.16 -23.77 -8.56
C ILE F 51 -19.76 -23.21 -8.69
N SER F 52 -19.43 -22.28 -7.80
CA SER F 52 -18.14 -21.57 -7.85
C SER F 52 -17.04 -22.43 -7.23
N TRP F 53 -15.85 -21.85 -7.12
CA TRP F 53 -14.73 -22.57 -6.50
C TRP F 53 -14.93 -22.73 -5.00
N SER F 54 -15.31 -21.65 -4.32
CA SER F 54 -15.54 -21.72 -2.89
C SER F 54 -16.79 -22.52 -2.56
N GLY F 55 -17.76 -22.55 -3.46
CA GLY F 55 -18.98 -23.28 -3.25
C GLY F 55 -20.09 -22.50 -2.57
N GLY F 56 -19.79 -21.30 -2.08
CA GLY F 56 -20.83 -20.49 -1.46
C GLY F 56 -21.83 -19.92 -2.44
N SER F 57 -21.47 -19.85 -3.72
CA SER F 57 -22.32 -19.32 -4.77
C SER F 57 -22.75 -20.43 -5.71
N THR F 58 -24.01 -20.39 -6.15
CA THR F 58 -24.54 -21.39 -7.06
C THR F 58 -25.64 -20.75 -7.91
N SER F 59 -25.94 -21.40 -9.02
CA SER F 59 -26.97 -20.95 -9.94
C SER F 59 -27.65 -22.16 -10.53
N TYR F 60 -28.96 -22.07 -10.73
CA TYR F 60 -29.76 -23.17 -11.27
C TYR F 60 -30.68 -22.65 -12.37
N ALA F 61 -31.08 -23.56 -13.25
CA ALA F 61 -32.07 -23.25 -14.26
C ALA F 61 -33.43 -23.05 -13.60
N ASP F 62 -34.28 -22.25 -14.25
CA ASP F 62 -35.55 -21.87 -13.64
C ASP F 62 -36.40 -23.10 -13.34
N SER F 63 -36.57 -23.98 -14.32
CA SER F 63 -37.39 -25.17 -14.11
C SER F 63 -36.81 -26.06 -13.03
N VAL F 64 -35.50 -26.23 -13.01
CA VAL F 64 -34.86 -27.12 -12.06
C VAL F 64 -34.74 -26.52 -10.66
N LYS F 65 -34.97 -25.22 -10.52
CA LYS F 65 -34.76 -24.57 -9.23
C LYS F 65 -35.72 -25.13 -8.18
N ASP F 66 -35.28 -25.11 -6.93
CA ASP F 66 -36.03 -25.56 -5.76
C ASP F 66 -36.25 -27.06 -5.72
N ARG F 67 -35.59 -27.82 -6.59
CA ARG F 67 -35.65 -29.27 -6.54
C ARG F 67 -34.25 -29.86 -6.49
N PHE F 68 -33.31 -29.22 -7.18
CA PHE F 68 -31.93 -29.68 -7.25
C PHE F 68 -31.05 -28.79 -6.38
N THR F 69 -29.95 -29.35 -5.91
CA THR F 69 -28.94 -28.59 -5.19
C THR F 69 -27.56 -29.06 -5.63
N ILE F 70 -26.57 -28.18 -5.49
CA ILE F 70 -25.21 -28.45 -5.90
C ILE F 70 -24.29 -28.12 -4.73
N SER F 71 -23.39 -29.05 -4.40
CA SER F 71 -22.43 -28.87 -3.34
C SER F 71 -21.05 -29.25 -3.85
N ARG F 72 -20.03 -28.69 -3.21
CA ARG F 72 -18.65 -28.83 -3.67
C ARG F 72 -17.76 -29.26 -2.50
N ASP F 73 -16.70 -29.98 -2.85
CA ASP F 73 -15.69 -30.43 -1.86
C ASP F 73 -14.33 -30.37 -2.56
N ASN F 74 -13.63 -29.24 -2.39
CA ASN F 74 -12.33 -29.09 -3.02
C ASN F 74 -11.30 -30.07 -2.46
N ALA F 75 -11.49 -30.51 -1.22
CA ALA F 75 -10.57 -31.49 -0.66
C ALA F 75 -10.58 -32.79 -1.46
N LYS F 76 -11.76 -33.26 -1.84
CA LYS F 76 -11.90 -34.47 -2.64
C LYS F 76 -12.12 -34.17 -4.12
N ASN F 77 -12.14 -32.90 -4.51
CA ASN F 77 -12.35 -32.51 -5.91
C ASN F 77 -13.57 -33.21 -6.49
N THR F 78 -14.71 -33.05 -5.82
CA THR F 78 -15.95 -33.65 -6.26
C THR F 78 -17.08 -32.65 -6.11
N VAL F 79 -17.98 -32.62 -7.08
CA VAL F 79 -19.20 -31.82 -7.02
C VAL F 79 -20.39 -32.77 -7.11
N TYR F 80 -21.37 -32.53 -6.25
CA TYR F 80 -22.54 -33.40 -6.16
C TYR F 80 -23.78 -32.65 -6.63
N LEU F 81 -24.69 -33.39 -7.24
CA LEU F 81 -25.97 -32.86 -7.72
C LEU F 81 -27.08 -33.67 -7.05
N GLU F 82 -27.56 -33.17 -5.92
CA GLU F 82 -28.65 -33.82 -5.21
C GLU F 82 -29.96 -33.44 -5.90
N MET F 83 -30.59 -34.41 -6.53
CA MET F 83 -31.84 -34.20 -7.25
C MET F 83 -32.99 -34.77 -6.43
N ASN F 84 -33.99 -33.94 -6.16
CA ASN F 84 -35.13 -34.31 -5.32
C ASN F 84 -36.42 -34.13 -6.11
N ASN F 85 -37.44 -34.90 -5.72
CA ASN F 85 -38.75 -34.83 -6.33
C ASN F 85 -38.64 -34.97 -7.85
N LEU F 86 -38.04 -36.09 -8.27
CA LEU F 86 -37.78 -36.31 -9.67
C LEU F 86 -39.09 -36.39 -10.46
N LYS F 87 -39.03 -35.96 -11.71
CA LYS F 87 -40.14 -35.94 -12.64
C LYS F 87 -39.79 -36.71 -13.89
N PRO F 88 -40.78 -37.19 -14.65
CA PRO F 88 -40.45 -37.91 -15.89
C PRO F 88 -39.65 -37.07 -16.87
N GLU F 89 -39.88 -35.76 -16.91
CA GLU F 89 -39.14 -34.90 -17.82
C GLU F 89 -37.65 -34.86 -17.49
N ASP F 90 -37.29 -35.14 -16.25
CA ASP F 90 -35.88 -35.10 -15.84
C ASP F 90 -35.04 -36.17 -16.49
N THR F 91 -35.65 -37.16 -17.15
CA THR F 91 -34.87 -38.22 -17.77
C THR F 91 -34.00 -37.64 -18.88
N ALA F 92 -32.69 -37.77 -18.71
CA ALA F 92 -31.71 -37.25 -19.67
C ALA F 92 -30.32 -37.65 -19.19
N VAL F 93 -29.35 -37.47 -20.07
CA VAL F 93 -27.95 -37.76 -19.77
C VAL F 93 -27.35 -36.52 -19.12
N TYR F 94 -26.97 -36.62 -17.86
CA TYR F 94 -26.45 -35.49 -17.10
C TYR F 94 -24.95 -35.42 -17.25
N TYR F 95 -24.47 -34.33 -17.85
CA TYR F 95 -23.05 -34.11 -18.08
C TYR F 95 -22.47 -33.17 -17.03
N CYS F 96 -21.21 -33.40 -16.69
CA CYS F 96 -20.44 -32.53 -15.82
C CYS F 96 -19.41 -31.80 -16.68
N ALA F 97 -19.32 -30.48 -16.52
CA ALA F 97 -18.41 -29.67 -17.32
C ALA F 97 -17.67 -28.69 -16.43
N ALA F 98 -16.46 -28.32 -16.86
CA ALA F 98 -15.60 -27.39 -16.16
C ALA F 98 -15.33 -26.17 -17.04
N LYS F 99 -15.44 -24.98 -16.45
CA LYS F 99 -15.29 -23.73 -17.17
C LYS F 99 -14.11 -22.96 -16.63
N GLY F 100 -13.41 -22.27 -17.52
CA GLY F 100 -12.30 -21.42 -17.12
C GLY F 100 -12.77 -20.17 -16.42
N ARG F 101 -11.81 -19.45 -15.86
CA ARG F 101 -12.13 -18.30 -15.03
C ARG F 101 -12.68 -17.13 -15.85
N TYR F 102 -12.34 -17.03 -17.13
CA TYR F 102 -12.81 -15.95 -18.00
C TYR F 102 -13.39 -16.58 -19.26
N SER F 103 -14.63 -17.07 -19.17
CA SER F 103 -15.25 -17.75 -20.30
C SER F 103 -16.70 -17.32 -20.51
N GLY F 104 -17.12 -16.19 -19.94
CA GLY F 104 -18.46 -15.71 -20.19
C GLY F 104 -19.52 -16.35 -19.32
N GLY F 105 -20.74 -16.44 -19.84
CA GLY F 105 -21.87 -16.89 -19.05
C GLY F 105 -21.86 -18.38 -18.78
N LEU F 106 -22.75 -18.78 -17.89
CA LEU F 106 -22.84 -20.17 -17.43
C LEU F 106 -23.71 -21.05 -18.30
N TYR F 107 -24.65 -20.48 -19.04
CA TYR F 107 -25.70 -21.25 -19.70
C TYR F 107 -25.32 -21.73 -21.09
N TYR F 108 -24.12 -21.44 -21.56
CA TYR F 108 -23.73 -21.75 -22.93
C TYR F 108 -22.71 -22.87 -22.94
N PRO F 109 -23.02 -24.04 -23.50
CA PRO F 109 -22.06 -25.15 -23.46
C PRO F 109 -20.74 -24.83 -24.13
N THR F 110 -20.73 -23.99 -25.15
CA THR F 110 -19.51 -23.71 -25.89
C THR F 110 -18.42 -23.11 -25.01
N ASN F 111 -18.78 -22.52 -23.88
CA ASN F 111 -17.81 -21.86 -23.01
C ASN F 111 -17.12 -22.81 -22.04
N TYR F 112 -17.51 -24.08 -22.00
CA TYR F 112 -16.89 -25.06 -21.11
C TYR F 112 -15.85 -25.85 -21.87
N ASP F 113 -14.65 -25.95 -21.29
CA ASP F 113 -13.54 -26.59 -21.98
C ASP F 113 -13.60 -28.11 -21.90
N TYR F 114 -13.90 -28.64 -20.71
CA TYR F 114 -13.80 -30.07 -20.45
C TYR F 114 -15.15 -30.62 -20.04
N TRP F 115 -15.49 -31.78 -20.59
CA TRP F 115 -16.75 -32.45 -20.33
C TRP F 115 -16.49 -33.87 -19.89
N GLY F 116 -17.44 -34.42 -19.11
CA GLY F 116 -17.44 -35.82 -18.79
C GLY F 116 -18.37 -36.59 -19.70
N GLN F 117 -18.31 -37.91 -19.60
CA GLN F 117 -19.25 -38.79 -20.30
C GLN F 117 -20.47 -38.95 -19.40
N GLY F 118 -21.51 -38.17 -19.67
CA GLY F 118 -22.62 -38.03 -18.75
C GLY F 118 -23.31 -39.33 -18.38
N THR F 119 -23.53 -39.52 -17.08
CA THR F 119 -24.30 -40.66 -16.61
C THR F 119 -25.77 -40.50 -16.97
N GLN F 120 -26.47 -41.61 -17.07
CA GLN F 120 -27.87 -41.63 -17.49
C GLN F 120 -28.77 -41.72 -16.27
N VAL F 121 -29.80 -40.88 -16.25
CA VAL F 121 -30.83 -40.89 -15.21
C VAL F 121 -32.17 -40.93 -15.90
N THR F 122 -32.97 -41.95 -15.61
CA THR F 122 -34.31 -42.10 -16.16
C THR F 122 -35.31 -42.20 -15.01
N VAL F 123 -36.42 -41.47 -15.12
CA VAL F 123 -37.45 -41.43 -14.11
C VAL F 123 -38.68 -42.17 -14.64
N SER F 124 -39.14 -43.15 -13.88
CA SER F 124 -40.31 -43.93 -14.28
C SER F 124 -41.60 -43.22 -13.88
#